data_6LTZ
# 
_entry.id   6LTZ 
# 
_audit_conform.dict_name       mmcif_pdbx.dic 
_audit_conform.dict_version    5.387 
_audit_conform.dict_location   http://mmcif.pdb.org/dictionaries/ascii/mmcif_pdbx.dic 
# 
loop_
_database_2.database_id 
_database_2.database_code 
_database_2.pdbx_database_accession 
_database_2.pdbx_DOI 
PDB   6LTZ         pdb_00006ltz 10.2210/pdb6ltz/pdb 
WWPDB D_1300015166 ?            ?                   
# 
loop_
_pdbx_audit_revision_history.ordinal 
_pdbx_audit_revision_history.data_content_type 
_pdbx_audit_revision_history.major_revision 
_pdbx_audit_revision_history.minor_revision 
_pdbx_audit_revision_history.revision_date 
1 'Structure model' 1 0 2020-07-15 
2 'Structure model' 1 1 2020-08-05 
3 'Structure model' 1 2 2024-03-27 
# 
_pdbx_audit_revision_details.ordinal             1 
_pdbx_audit_revision_details.revision_ordinal    1 
_pdbx_audit_revision_details.data_content_type   'Structure model' 
_pdbx_audit_revision_details.provider            repository 
_pdbx_audit_revision_details.type                'Initial release' 
_pdbx_audit_revision_details.description         ? 
_pdbx_audit_revision_details.details             ? 
# 
loop_
_pdbx_audit_revision_group.ordinal 
_pdbx_audit_revision_group.revision_ordinal 
_pdbx_audit_revision_group.data_content_type 
_pdbx_audit_revision_group.group 
1 2 'Structure model' 'Database references' 
2 3 'Structure model' 'Data collection'     
3 3 'Structure model' 'Database references' 
# 
loop_
_pdbx_audit_revision_category.ordinal 
_pdbx_audit_revision_category.revision_ordinal 
_pdbx_audit_revision_category.data_content_type 
_pdbx_audit_revision_category.category 
1 2 'Structure model' citation       
2 3 'Structure model' chem_comp_atom 
3 3 'Structure model' chem_comp_bond 
4 3 'Structure model' database_2     
# 
loop_
_pdbx_audit_revision_item.ordinal 
_pdbx_audit_revision_item.revision_ordinal 
_pdbx_audit_revision_item.data_content_type 
_pdbx_audit_revision_item.item 
1 2 'Structure model' '_citation.journal_volume'            
2 2 'Structure model' '_citation.page_first'                
3 2 'Structure model' '_citation.page_last'                 
4 2 'Structure model' '_citation.pdbx_database_id_PubMed'   
5 2 'Structure model' '_citation.title'                     
6 3 'Structure model' '_database_2.pdbx_DOI'                
7 3 'Structure model' '_database_2.pdbx_database_accession' 
# 
_pdbx_database_status.status_code                     REL 
_pdbx_database_status.status_code_sf                  REL 
_pdbx_database_status.status_code_mr                  ? 
_pdbx_database_status.entry_id                        6LTZ 
_pdbx_database_status.recvd_initial_deposition_date   2020-01-23 
_pdbx_database_status.SG_entry                        N 
_pdbx_database_status.deposit_site                    PDBJ 
_pdbx_database_status.process_site                    PDBJ 
_pdbx_database_status.status_code_cs                  ? 
_pdbx_database_status.status_code_nmr_data            ? 
_pdbx_database_status.methods_development_category    ? 
_pdbx_database_status.pdb_format_compatible           Y 
# 
loop_
_audit_author.name 
_audit_author.pdbx_ordinal 
_audit_author.identifier_ORCID 
'Park, J.Y.' 1 ? 
'Lee, B.J.'  2 ? 
# 
_citation.abstract                  ? 
_citation.abstract_id_CAS           ? 
_citation.book_id_ISBN              ? 
_citation.book_publisher            ? 
_citation.book_publisher_city       ? 
_citation.book_title                ? 
_citation.coordinate_linkage        ? 
_citation.country                   UK 
_citation.database_id_Medline       ? 
_citation.details                   ? 
_citation.id                        primary 
_citation.journal_abbrev            Iucrj 
_citation.journal_id_ASTM           ? 
_citation.journal_id_CSD            ? 
_citation.journal_id_ISSN           2052-2525 
_citation.journal_full              ? 
_citation.journal_issue             ? 
_citation.journal_volume            7 
_citation.language                  ? 
_citation.page_first                748 
_citation.page_last                 760 
_citation.title                     'Induced DNA bending by unique dimerization of HigA antitoxin.' 
_citation.year                      2020 
_citation.database_id_CSD           ? 
_citation.pdbx_database_id_DOI      10.1107/S2052252520006466 
_citation.pdbx_database_id_PubMed   32695421 
_citation.unpublished_flag          ? 
# 
loop_
_citation_author.citation_id 
_citation_author.name 
_citation_author.ordinal 
_citation_author.identifier_ORCID 
primary 'Park, J.Y.' 1 ? 
primary 'Kim, H.J.'  2 ? 
primary 'Pathak, C.' 3 ? 
primary 'Yoon, H.J.' 4 ? 
primary 'Kim, D.H.'  5 ? 
primary 'Park, S.J.' 6 ? 
primary 'Lee, B.J.'  7 ? 
# 
loop_
_entity.id 
_entity.type 
_entity.src_method 
_entity.pdbx_description 
_entity.formula_weight 
_entity.pdbx_number_of_molecules 
_entity.pdbx_ec 
_entity.pdbx_mutation 
_entity.pdbx_fragment 
_entity.details 
1 polymer     man 'Putative antitoxin HigA3'                            12891.620 2  ? ? ? ? 
2 non-polymer syn GLYCEROL                                              92.094    2  ? ? ? ? 
3 non-polymer syn '4-(2-HYDROXYETHYL)-1-PIPERAZINE ETHANESULFONIC ACID' 238.305   1  ? ? ? ? 
4 non-polymer syn 'DI(HYDROXYETHYL)ETHER'                               106.120   2  ? ? ? ? 
5 water       nat water                                                 18.015    81 ? ? ? ? 
# 
_entity_poly.entity_id                      1 
_entity_poly.type                           'polypeptide(L)' 
_entity_poly.nstd_linkage                   no 
_entity_poly.nstd_monomer                   no 
_entity_poly.pdbx_seq_one_letter_code       
;MTMARNWRDIRADAVAQGRVDLQRAAVAREEMRDAVLAHRLAEIRKALGHARQADVAALMGVSQARVSKLESGDLSHTEL
GTLQAYVAALGGHLRIVAEFGENTVELTALEHHHHHH
;
_entity_poly.pdbx_seq_one_letter_code_can   
;MTMARNWRDIRADAVAQGRVDLQRAAVAREEMRDAVLAHRLAEIRKALGHARQADVAALMGVSQARVSKLESGDLSHTEL
GTLQAYVAALGGHLRIVAEFGENTVELTALEHHHHHH
;
_entity_poly.pdbx_strand_id                 A,B 
_entity_poly.pdbx_target_identifier         ? 
# 
loop_
_pdbx_entity_nonpoly.entity_id 
_pdbx_entity_nonpoly.name 
_pdbx_entity_nonpoly.comp_id 
2 GLYCEROL                                              GOL 
3 '4-(2-HYDROXYETHYL)-1-PIPERAZINE ETHANESULFONIC ACID' EPE 
4 'DI(HYDROXYETHYL)ETHER'                               PEG 
5 water                                                 HOH 
# 
loop_
_entity_poly_seq.entity_id 
_entity_poly_seq.num 
_entity_poly_seq.mon_id 
_entity_poly_seq.hetero 
1 1   MET n 
1 2   THR n 
1 3   MET n 
1 4   ALA n 
1 5   ARG n 
1 6   ASN n 
1 7   TRP n 
1 8   ARG n 
1 9   ASP n 
1 10  ILE n 
1 11  ARG n 
1 12  ALA n 
1 13  ASP n 
1 14  ALA n 
1 15  VAL n 
1 16  ALA n 
1 17  GLN n 
1 18  GLY n 
1 19  ARG n 
1 20  VAL n 
1 21  ASP n 
1 22  LEU n 
1 23  GLN n 
1 24  ARG n 
1 25  ALA n 
1 26  ALA n 
1 27  VAL n 
1 28  ALA n 
1 29  ARG n 
1 30  GLU n 
1 31  GLU n 
1 32  MET n 
1 33  ARG n 
1 34  ASP n 
1 35  ALA n 
1 36  VAL n 
1 37  LEU n 
1 38  ALA n 
1 39  HIS n 
1 40  ARG n 
1 41  LEU n 
1 42  ALA n 
1 43  GLU n 
1 44  ILE n 
1 45  ARG n 
1 46  LYS n 
1 47  ALA n 
1 48  LEU n 
1 49  GLY n 
1 50  HIS n 
1 51  ALA n 
1 52  ARG n 
1 53  GLN n 
1 54  ALA n 
1 55  ASP n 
1 56  VAL n 
1 57  ALA n 
1 58  ALA n 
1 59  LEU n 
1 60  MET n 
1 61  GLY n 
1 62  VAL n 
1 63  SER n 
1 64  GLN n 
1 65  ALA n 
1 66  ARG n 
1 67  VAL n 
1 68  SER n 
1 69  LYS n 
1 70  LEU n 
1 71  GLU n 
1 72  SER n 
1 73  GLY n 
1 74  ASP n 
1 75  LEU n 
1 76  SER n 
1 77  HIS n 
1 78  THR n 
1 79  GLU n 
1 80  LEU n 
1 81  GLY n 
1 82  THR n 
1 83  LEU n 
1 84  GLN n 
1 85  ALA n 
1 86  TYR n 
1 87  VAL n 
1 88  ALA n 
1 89  ALA n 
1 90  LEU n 
1 91  GLY n 
1 92  GLY n 
1 93  HIS n 
1 94  LEU n 
1 95  ARG n 
1 96  ILE n 
1 97  VAL n 
1 98  ALA n 
1 99  GLU n 
1 100 PHE n 
1 101 GLY n 
1 102 GLU n 
1 103 ASN n 
1 104 THR n 
1 105 VAL n 
1 106 GLU n 
1 107 LEU n 
1 108 THR n 
1 109 ALA n 
1 110 LEU n 
1 111 GLU n 
1 112 HIS n 
1 113 HIS n 
1 114 HIS n 
1 115 HIS n 
1 116 HIS n 
1 117 HIS n 
# 
_entity_src_gen.entity_id                          1 
_entity_src_gen.pdbx_src_id                        1 
_entity_src_gen.pdbx_alt_source_flag               sample 
_entity_src_gen.pdbx_seq_type                      'Biological sequence' 
_entity_src_gen.pdbx_beg_seq_num                   1 
_entity_src_gen.pdbx_end_seq_num                   117 
_entity_src_gen.gene_src_common_name               ? 
_entity_src_gen.gene_src_genus                     ? 
_entity_src_gen.pdbx_gene_src_gene                 'higA3, Rv3183' 
_entity_src_gen.gene_src_species                   ? 
_entity_src_gen.gene_src_strain                    H37Rv 
_entity_src_gen.gene_src_tissue                    ? 
_entity_src_gen.gene_src_tissue_fraction           ? 
_entity_src_gen.gene_src_details                   ? 
_entity_src_gen.pdbx_gene_src_fragment             ? 
_entity_src_gen.pdbx_gene_src_scientific_name      'Mycobacterium tuberculosis H37Rv' 
_entity_src_gen.pdbx_gene_src_ncbi_taxonomy_id     83332 
_entity_src_gen.pdbx_gene_src_variant              ? 
_entity_src_gen.pdbx_gene_src_cell_line            ? 
_entity_src_gen.pdbx_gene_src_atcc                 ? 
_entity_src_gen.pdbx_gene_src_organ                ? 
_entity_src_gen.pdbx_gene_src_organelle            ? 
_entity_src_gen.pdbx_gene_src_cell                 ? 
_entity_src_gen.pdbx_gene_src_cellular_location    ? 
_entity_src_gen.host_org_common_name               ? 
_entity_src_gen.pdbx_host_org_scientific_name      'Escherichia coli' 
_entity_src_gen.pdbx_host_org_ncbi_taxonomy_id     562 
_entity_src_gen.host_org_genus                     ? 
_entity_src_gen.pdbx_host_org_gene                 ? 
_entity_src_gen.pdbx_host_org_organ                ? 
_entity_src_gen.host_org_species                   ? 
_entity_src_gen.pdbx_host_org_tissue               ? 
_entity_src_gen.pdbx_host_org_tissue_fraction      ? 
_entity_src_gen.pdbx_host_org_strain               ? 
_entity_src_gen.pdbx_host_org_variant              ? 
_entity_src_gen.pdbx_host_org_cell_line            ? 
_entity_src_gen.pdbx_host_org_atcc                 ? 
_entity_src_gen.pdbx_host_org_culture_collection   ? 
_entity_src_gen.pdbx_host_org_cell                 ? 
_entity_src_gen.pdbx_host_org_organelle            ? 
_entity_src_gen.pdbx_host_org_cellular_location    ? 
_entity_src_gen.pdbx_host_org_vector_type          ? 
_entity_src_gen.pdbx_host_org_vector               ? 
_entity_src_gen.host_org_details                   ? 
_entity_src_gen.expression_system_id               ? 
_entity_src_gen.plasmid_name                       ? 
_entity_src_gen.plasmid_details                    ? 
_entity_src_gen.pdbx_description                   ? 
# 
loop_
_chem_comp.id 
_chem_comp.type 
_chem_comp.mon_nstd_flag 
_chem_comp.name 
_chem_comp.pdbx_synonyms 
_chem_comp.formula 
_chem_comp.formula_weight 
ALA 'L-peptide linking' y ALANINE                                               ?                               'C3 H7 N O2'     
89.093  
ARG 'L-peptide linking' y ARGININE                                              ?                               'C6 H15 N4 O2 1' 
175.209 
ASN 'L-peptide linking' y ASPARAGINE                                            ?                               'C4 H8 N2 O3'    
132.118 
ASP 'L-peptide linking' y 'ASPARTIC ACID'                                       ?                               'C4 H7 N O4'     
133.103 
EPE non-polymer         . '4-(2-HYDROXYETHYL)-1-PIPERAZINE ETHANESULFONIC ACID' HEPES                           'C8 H18 N2 O4 S' 
238.305 
GLN 'L-peptide linking' y GLUTAMINE                                             ?                               'C5 H10 N2 O3'   
146.144 
GLU 'L-peptide linking' y 'GLUTAMIC ACID'                                       ?                               'C5 H9 N O4'     
147.129 
GLY 'peptide linking'   y GLYCINE                                               ?                               'C2 H5 N O2'     
75.067  
GOL non-polymer         . GLYCEROL                                              'GLYCERIN; PROPANE-1,2,3-TRIOL' 'C3 H8 O3'       
92.094  
HIS 'L-peptide linking' y HISTIDINE                                             ?                               'C6 H10 N3 O2 1' 
156.162 
HOH non-polymer         . WATER                                                 ?                               'H2 O'           
18.015  
ILE 'L-peptide linking' y ISOLEUCINE                                            ?                               'C6 H13 N O2'    
131.173 
LEU 'L-peptide linking' y LEUCINE                                               ?                               'C6 H13 N O2'    
131.173 
LYS 'L-peptide linking' y LYSINE                                                ?                               'C6 H15 N2 O2 1' 
147.195 
MET 'L-peptide linking' y METHIONINE                                            ?                               'C5 H11 N O2 S'  
149.211 
PEG non-polymer         . 'DI(HYDROXYETHYL)ETHER'                               ?                               'C4 H10 O3'      
106.120 
PHE 'L-peptide linking' y PHENYLALANINE                                         ?                               'C9 H11 N O2'    
165.189 
SER 'L-peptide linking' y SERINE                                                ?                               'C3 H7 N O3'     
105.093 
THR 'L-peptide linking' y THREONINE                                             ?                               'C4 H9 N O3'     
119.119 
TRP 'L-peptide linking' y TRYPTOPHAN                                            ?                               'C11 H12 N2 O2'  
204.225 
TYR 'L-peptide linking' y TYROSINE                                              ?                               'C9 H11 N O3'    
181.189 
VAL 'L-peptide linking' y VALINE                                                ?                               'C5 H11 N O2'    
117.146 
# 
loop_
_pdbx_poly_seq_scheme.asym_id 
_pdbx_poly_seq_scheme.entity_id 
_pdbx_poly_seq_scheme.seq_id 
_pdbx_poly_seq_scheme.mon_id 
_pdbx_poly_seq_scheme.ndb_seq_num 
_pdbx_poly_seq_scheme.pdb_seq_num 
_pdbx_poly_seq_scheme.auth_seq_num 
_pdbx_poly_seq_scheme.pdb_mon_id 
_pdbx_poly_seq_scheme.auth_mon_id 
_pdbx_poly_seq_scheme.pdb_strand_id 
_pdbx_poly_seq_scheme.pdb_ins_code 
_pdbx_poly_seq_scheme.hetero 
A 1 1   MET 1   1   ?   ?   ?   A . n 
A 1 2   THR 2   2   ?   ?   ?   A . n 
A 1 3   MET 3   3   ?   ?   ?   A . n 
A 1 4   ALA 4   4   ?   ?   ?   A . n 
A 1 5   ARG 5   5   ?   ?   ?   A . n 
A 1 6   ASN 6   6   ?   ?   ?   A . n 
A 1 7   TRP 7   7   ?   ?   ?   A . n 
A 1 8   ARG 8   8   ?   ?   ?   A . n 
A 1 9   ASP 9   9   ?   ?   ?   A . n 
A 1 10  ILE 10  10  ?   ?   ?   A . n 
A 1 11  ARG 11  11  ?   ?   ?   A . n 
A 1 12  ALA 12  12  ?   ?   ?   A . n 
A 1 13  ASP 13  13  ?   ?   ?   A . n 
A 1 14  ALA 14  14  ?   ?   ?   A . n 
A 1 15  VAL 15  15  ?   ?   ?   A . n 
A 1 16  ALA 16  16  ?   ?   ?   A . n 
A 1 17  GLN 17  17  ?   ?   ?   A . n 
A 1 18  GLY 18  18  ?   ?   ?   A . n 
A 1 19  ARG 19  19  ?   ?   ?   A . n 
A 1 20  VAL 20  20  ?   ?   ?   A . n 
A 1 21  ASP 21  21  ?   ?   ?   A . n 
A 1 22  LEU 22  22  ?   ?   ?   A . n 
A 1 23  GLN 23  23  ?   ?   ?   A . n 
A 1 24  ARG 24  24  ?   ?   ?   A . n 
A 1 25  ALA 25  25  ?   ?   ?   A . n 
A 1 26  ALA 26  26  ?   ?   ?   A . n 
A 1 27  VAL 27  27  ?   ?   ?   A . n 
A 1 28  ALA 28  28  ?   ?   ?   A . n 
A 1 29  ARG 29  29  ?   ?   ?   A . n 
A 1 30  GLU 30  30  ?   ?   ?   A . n 
A 1 31  GLU 31  31  ?   ?   ?   A . n 
A 1 32  MET 32  32  ?   ?   ?   A . n 
A 1 33  ARG 33  33  ?   ?   ?   A . n 
A 1 34  ASP 34  34  ?   ?   ?   A . n 
A 1 35  ALA 35  35  ?   ?   ?   A . n 
A 1 36  VAL 36  36  36  VAL VAL A . n 
A 1 37  LEU 37  37  37  LEU LEU A . n 
A 1 38  ALA 38  38  38  ALA ALA A . n 
A 1 39  HIS 39  39  39  HIS HIS A . n 
A 1 40  ARG 40  40  40  ARG ARG A . n 
A 1 41  LEU 41  41  41  LEU LEU A . n 
A 1 42  ALA 42  42  42  ALA ALA A . n 
A 1 43  GLU 43  43  43  GLU GLU A . n 
A 1 44  ILE 44  44  44  ILE ILE A . n 
A 1 45  ARG 45  45  45  ARG ARG A . n 
A 1 46  LYS 46  46  46  LYS LYS A . n 
A 1 47  ALA 47  47  47  ALA ALA A . n 
A 1 48  LEU 48  48  48  LEU LEU A . n 
A 1 49  GLY 49  49  49  GLY GLY A . n 
A 1 50  HIS 50  50  50  HIS HIS A . n 
A 1 51  ALA 51  51  51  ALA ALA A . n 
A 1 52  ARG 52  52  52  ARG ARG A . n 
A 1 53  GLN 53  53  53  GLN GLN A . n 
A 1 54  ALA 54  54  54  ALA ALA A . n 
A 1 55  ASP 55  55  55  ASP ASP A . n 
A 1 56  VAL 56  56  56  VAL VAL A . n 
A 1 57  ALA 57  57  57  ALA ALA A . n 
A 1 58  ALA 58  58  58  ALA ALA A . n 
A 1 59  LEU 59  59  59  LEU LEU A . n 
A 1 60  MET 60  60  60  MET MET A . n 
A 1 61  GLY 61  61  61  GLY GLY A . n 
A 1 62  VAL 62  62  62  VAL VAL A . n 
A 1 63  SER 63  63  63  SER SER A . n 
A 1 64  GLN 64  64  64  GLN GLN A . n 
A 1 65  ALA 65  65  65  ALA ALA A . n 
A 1 66  ARG 66  66  66  ARG ARG A . n 
A 1 67  VAL 67  67  67  VAL VAL A . n 
A 1 68  SER 68  68  68  SER SER A . n 
A 1 69  LYS 69  69  69  LYS LYS A . n 
A 1 70  LEU 70  70  70  LEU LEU A . n 
A 1 71  GLU 71  71  71  GLU GLU A . n 
A 1 72  SER 72  72  72  SER SER A . n 
A 1 73  GLY 73  73  73  GLY GLY A . n 
A 1 74  ASP 74  74  74  ASP ASP A . n 
A 1 75  LEU 75  75  75  LEU LEU A . n 
A 1 76  SER 76  76  76  SER SER A . n 
A 1 77  HIS 77  77  77  HIS HIS A . n 
A 1 78  THR 78  78  78  THR THR A . n 
A 1 79  GLU 79  79  79  GLU GLU A . n 
A 1 80  LEU 80  80  80  LEU LEU A . n 
A 1 81  GLY 81  81  81  GLY GLY A . n 
A 1 82  THR 82  82  82  THR THR A . n 
A 1 83  LEU 83  83  83  LEU LEU A . n 
A 1 84  GLN 84  84  84  GLN GLN A . n 
A 1 85  ALA 85  85  85  ALA ALA A . n 
A 1 86  TYR 86  86  86  TYR TYR A . n 
A 1 87  VAL 87  87  87  VAL VAL A . n 
A 1 88  ALA 88  88  88  ALA ALA A . n 
A 1 89  ALA 89  89  89  ALA ALA A . n 
A 1 90  LEU 90  90  90  LEU LEU A . n 
A 1 91  GLY 91  91  91  GLY GLY A . n 
A 1 92  GLY 92  92  92  GLY GLY A . n 
A 1 93  HIS 93  93  93  HIS HIS A . n 
A 1 94  LEU 94  94  94  LEU LEU A . n 
A 1 95  ARG 95  95  95  ARG ARG A . n 
A 1 96  ILE 96  96  96  ILE ILE A . n 
A 1 97  VAL 97  97  97  VAL VAL A . n 
A 1 98  ALA 98  98  98  ALA ALA A . n 
A 1 99  GLU 99  99  99  GLU GLU A . n 
A 1 100 PHE 100 100 100 PHE PHE A . n 
A 1 101 GLY 101 101 101 GLY GLY A . n 
A 1 102 GLU 102 102 102 GLU GLU A . n 
A 1 103 ASN 103 103 103 ASN ASN A . n 
A 1 104 THR 104 104 104 THR THR A . n 
A 1 105 VAL 105 105 105 VAL VAL A . n 
A 1 106 GLU 106 106 106 GLU GLU A . n 
A 1 107 LEU 107 107 107 LEU LEU A . n 
A 1 108 THR 108 108 108 THR THR A . n 
A 1 109 ALA 109 109 109 ALA ALA A . n 
A 1 110 LEU 110 110 110 LEU LEU A . n 
A 1 111 GLU 111 111 111 GLU GLU A . n 
A 1 112 HIS 112 112 112 HIS HIS A . n 
A 1 113 HIS 113 113 113 HIS HIS A . n 
A 1 114 HIS 114 114 ?   ?   ?   A . n 
A 1 115 HIS 115 115 ?   ?   ?   A . n 
A 1 116 HIS 116 116 ?   ?   ?   A . n 
A 1 117 HIS 117 117 ?   ?   ?   A . n 
B 1 1   MET 1   1   ?   ?   ?   B . n 
B 1 2   THR 2   2   ?   ?   ?   B . n 
B 1 3   MET 3   3   ?   ?   ?   B . n 
B 1 4   ALA 4   4   ?   ?   ?   B . n 
B 1 5   ARG 5   5   ?   ?   ?   B . n 
B 1 6   ASN 6   6   ?   ?   ?   B . n 
B 1 7   TRP 7   7   ?   ?   ?   B . n 
B 1 8   ARG 8   8   ?   ?   ?   B . n 
B 1 9   ASP 9   9   ?   ?   ?   B . n 
B 1 10  ILE 10  10  ?   ?   ?   B . n 
B 1 11  ARG 11  11  ?   ?   ?   B . n 
B 1 12  ALA 12  12  ?   ?   ?   B . n 
B 1 13  ASP 13  13  ?   ?   ?   B . n 
B 1 14  ALA 14  14  ?   ?   ?   B . n 
B 1 15  VAL 15  15  ?   ?   ?   B . n 
B 1 16  ALA 16  16  ?   ?   ?   B . n 
B 1 17  GLN 17  17  ?   ?   ?   B . n 
B 1 18  GLY 18  18  ?   ?   ?   B . n 
B 1 19  ARG 19  19  ?   ?   ?   B . n 
B 1 20  VAL 20  20  ?   ?   ?   B . n 
B 1 21  ASP 21  21  ?   ?   ?   B . n 
B 1 22  LEU 22  22  ?   ?   ?   B . n 
B 1 23  GLN 23  23  ?   ?   ?   B . n 
B 1 24  ARG 24  24  ?   ?   ?   B . n 
B 1 25  ALA 25  25  ?   ?   ?   B . n 
B 1 26  ALA 26  26  ?   ?   ?   B . n 
B 1 27  VAL 27  27  ?   ?   ?   B . n 
B 1 28  ALA 28  28  ?   ?   ?   B . n 
B 1 29  ARG 29  29  ?   ?   ?   B . n 
B 1 30  GLU 30  30  ?   ?   ?   B . n 
B 1 31  GLU 31  31  ?   ?   ?   B . n 
B 1 32  MET 32  32  ?   ?   ?   B . n 
B 1 33  ARG 33  33  ?   ?   ?   B . n 
B 1 34  ASP 34  34  34  ASP ASP B . n 
B 1 35  ALA 35  35  35  ALA ALA B . n 
B 1 36  VAL 36  36  36  VAL VAL B . n 
B 1 37  LEU 37  37  37  LEU LEU B . n 
B 1 38  ALA 38  38  38  ALA ALA B . n 
B 1 39  HIS 39  39  39  HIS HIS B . n 
B 1 40  ARG 40  40  40  ARG ARG B . n 
B 1 41  LEU 41  41  41  LEU LEU B . n 
B 1 42  ALA 42  42  42  ALA ALA B . n 
B 1 43  GLU 43  43  43  GLU GLU B . n 
B 1 44  ILE 44  44  44  ILE ILE B . n 
B 1 45  ARG 45  45  45  ARG ARG B . n 
B 1 46  LYS 46  46  46  LYS LYS B . n 
B 1 47  ALA 47  47  47  ALA ALA B . n 
B 1 48  LEU 48  48  48  LEU LEU B . n 
B 1 49  GLY 49  49  49  GLY GLY B . n 
B 1 50  HIS 50  50  50  HIS HIS B . n 
B 1 51  ALA 51  51  51  ALA ALA B . n 
B 1 52  ARG 52  52  52  ARG ARG B . n 
B 1 53  GLN 53  53  53  GLN GLN B . n 
B 1 54  ALA 54  54  54  ALA ALA B . n 
B 1 55  ASP 55  55  55  ASP ASP B . n 
B 1 56  VAL 56  56  56  VAL VAL B . n 
B 1 57  ALA 57  57  57  ALA ALA B . n 
B 1 58  ALA 58  58  58  ALA ALA B . n 
B 1 59  LEU 59  59  59  LEU LEU B . n 
B 1 60  MET 60  60  60  MET MET B . n 
B 1 61  GLY 61  61  61  GLY GLY B . n 
B 1 62  VAL 62  62  62  VAL VAL B . n 
B 1 63  SER 63  63  63  SER SER B . n 
B 1 64  GLN 64  64  64  GLN GLN B . n 
B 1 65  ALA 65  65  65  ALA ALA B . n 
B 1 66  ARG 66  66  66  ARG ARG B . n 
B 1 67  VAL 67  67  67  VAL VAL B . n 
B 1 68  SER 68  68  68  SER SER B . n 
B 1 69  LYS 69  69  69  LYS LYS B . n 
B 1 70  LEU 70  70  70  LEU LEU B . n 
B 1 71  GLU 71  71  71  GLU GLU B . n 
B 1 72  SER 72  72  72  SER SER B . n 
B 1 73  GLY 73  73  73  GLY GLY B . n 
B 1 74  ASP 74  74  74  ASP ASP B . n 
B 1 75  LEU 75  75  75  LEU LEU B . n 
B 1 76  SER 76  76  76  SER SER B . n 
B 1 77  HIS 77  77  77  HIS HIS B . n 
B 1 78  THR 78  78  78  THR THR B . n 
B 1 79  GLU 79  79  79  GLU GLU B . n 
B 1 80  LEU 80  80  80  LEU LEU B . n 
B 1 81  GLY 81  81  81  GLY GLY B . n 
B 1 82  THR 82  82  82  THR THR B . n 
B 1 83  LEU 83  83  83  LEU LEU B . n 
B 1 84  GLN 84  84  84  GLN GLN B . n 
B 1 85  ALA 85  85  85  ALA ALA B . n 
B 1 86  TYR 86  86  86  TYR TYR B . n 
B 1 87  VAL 87  87  87  VAL VAL B . n 
B 1 88  ALA 88  88  88  ALA ALA B . n 
B 1 89  ALA 89  89  89  ALA ALA B . n 
B 1 90  LEU 90  90  90  LEU LEU B . n 
B 1 91  GLY 91  91  91  GLY GLY B . n 
B 1 92  GLY 92  92  92  GLY GLY B . n 
B 1 93  HIS 93  93  93  HIS HIS B . n 
B 1 94  LEU 94  94  94  LEU LEU B . n 
B 1 95  ARG 95  95  95  ARG ARG B . n 
B 1 96  ILE 96  96  96  ILE ILE B . n 
B 1 97  VAL 97  97  97  VAL VAL B . n 
B 1 98  ALA 98  98  98  ALA ALA B . n 
B 1 99  GLU 99  99  99  GLU GLU B . n 
B 1 100 PHE 100 100 100 PHE PHE B . n 
B 1 101 GLY 101 101 101 GLY GLY B . n 
B 1 102 GLU 102 102 102 GLU GLU B . n 
B 1 103 ASN 103 103 103 ASN ASN B . n 
B 1 104 THR 104 104 104 THR THR B . n 
B 1 105 VAL 105 105 105 VAL VAL B . n 
B 1 106 GLU 106 106 106 GLU GLU B . n 
B 1 107 LEU 107 107 107 LEU LEU B . n 
B 1 108 THR 108 108 108 THR THR B . n 
B 1 109 ALA 109 109 109 ALA ALA B . n 
B 1 110 LEU 110 110 ?   ?   ?   B . n 
B 1 111 GLU 111 111 ?   ?   ?   B . n 
B 1 112 HIS 112 112 ?   ?   ?   B . n 
B 1 113 HIS 113 113 ?   ?   ?   B . n 
B 1 114 HIS 114 114 ?   ?   ?   B . n 
B 1 115 HIS 115 115 ?   ?   ?   B . n 
B 1 116 HIS 116 116 ?   ?   ?   B . n 
B 1 117 HIS 117 117 ?   ?   ?   B . n 
# 
loop_
_pdbx_nonpoly_scheme.asym_id 
_pdbx_nonpoly_scheme.entity_id 
_pdbx_nonpoly_scheme.mon_id 
_pdbx_nonpoly_scheme.ndb_seq_num 
_pdbx_nonpoly_scheme.pdb_seq_num 
_pdbx_nonpoly_scheme.auth_seq_num 
_pdbx_nonpoly_scheme.pdb_mon_id 
_pdbx_nonpoly_scheme.auth_mon_id 
_pdbx_nonpoly_scheme.pdb_strand_id 
_pdbx_nonpoly_scheme.pdb_ins_code 
C 2 GOL 1  201 4  GOL GOL A . 
D 2 GOL 1  202 5  GOL GOL A . 
E 3 EPE 1  201 1  EPE EPE B . 
F 4 PEG 1  202 2  PEG PEG B . 
G 4 PEG 1  203 3  PEG PEG B . 
H 5 HOH 1  301 42 HOH HOH A . 
H 5 HOH 2  302 59 HOH HOH A . 
H 5 HOH 3  303 9  HOH HOH A . 
H 5 HOH 4  304 81 HOH HOH A . 
H 5 HOH 5  305 16 HOH HOH A . 
H 5 HOH 6  306 21 HOH HOH A . 
H 5 HOH 7  307 41 HOH HOH A . 
H 5 HOH 8  308 18 HOH HOH A . 
H 5 HOH 9  309 25 HOH HOH A . 
H 5 HOH 10 310 49 HOH HOH A . 
H 5 HOH 11 311 11 HOH HOH A . 
H 5 HOH 12 312 20 HOH HOH A . 
H 5 HOH 13 313 12 HOH HOH A . 
H 5 HOH 14 314 8  HOH HOH A . 
H 5 HOH 15 315 52 HOH HOH A . 
H 5 HOH 16 316 2  HOH HOH A . 
H 5 HOH 17 317 60 HOH HOH A . 
H 5 HOH 18 318 39 HOH HOH A . 
H 5 HOH 19 319 38 HOH HOH A . 
H 5 HOH 20 320 34 HOH HOH A . 
H 5 HOH 21 321 7  HOH HOH A . 
H 5 HOH 22 322 50 HOH HOH A . 
H 5 HOH 23 323 17 HOH HOH A . 
H 5 HOH 24 324 46 HOH HOH A . 
H 5 HOH 25 325 1  HOH HOH A . 
H 5 HOH 26 326 78 HOH HOH A . 
H 5 HOH 27 327 57 HOH HOH A . 
H 5 HOH 28 328 29 HOH HOH A . 
H 5 HOH 29 329 79 HOH HOH A . 
H 5 HOH 30 330 14 HOH HOH A . 
H 5 HOH 31 331 71 HOH HOH A . 
H 5 HOH 32 332 40 HOH HOH A . 
H 5 HOH 33 333 56 HOH HOH A . 
H 5 HOH 34 334 77 HOH HOH A . 
H 5 HOH 35 335 72 HOH HOH A . 
H 5 HOH 36 336 26 HOH HOH A . 
H 5 HOH 37 337 63 HOH HOH A . 
H 5 HOH 38 338 65 HOH HOH A . 
I 5 HOH 1  301 54 HOH HOH B . 
I 5 HOH 2  302 28 HOH HOH B . 
I 5 HOH 3  303 47 HOH HOH B . 
I 5 HOH 4  304 6  HOH HOH B . 
I 5 HOH 5  305 30 HOH HOH B . 
I 5 HOH 6  306 62 HOH HOH B . 
I 5 HOH 7  307 69 HOH HOH B . 
I 5 HOH 8  308 23 HOH HOH B . 
I 5 HOH 9  309 80 HOH HOH B . 
I 5 HOH 10 310 48 HOH HOH B . 
I 5 HOH 11 311 13 HOH HOH B . 
I 5 HOH 12 312 10 HOH HOH B . 
I 5 HOH 13 313 27 HOH HOH B . 
I 5 HOH 14 314 19 HOH HOH B . 
I 5 HOH 15 315 22 HOH HOH B . 
I 5 HOH 16 316 33 HOH HOH B . 
I 5 HOH 17 317 68 HOH HOH B . 
I 5 HOH 18 318 35 HOH HOH B . 
I 5 HOH 19 319 15 HOH HOH B . 
I 5 HOH 20 320 64 HOH HOH B . 
I 5 HOH 21 321 37 HOH HOH B . 
I 5 HOH 22 322 3  HOH HOH B . 
I 5 HOH 23 323 70 HOH HOH B . 
I 5 HOH 24 324 43 HOH HOH B . 
I 5 HOH 25 325 36 HOH HOH B . 
I 5 HOH 26 326 76 HOH HOH B . 
I 5 HOH 27 327 4  HOH HOH B . 
I 5 HOH 28 328 51 HOH HOH B . 
I 5 HOH 29 329 5  HOH HOH B . 
I 5 HOH 30 330 32 HOH HOH B . 
I 5 HOH 31 331 31 HOH HOH B . 
I 5 HOH 32 332 53 HOH HOH B . 
I 5 HOH 33 333 45 HOH HOH B . 
I 5 HOH 34 334 66 HOH HOH B . 
I 5 HOH 35 335 44 HOH HOH B . 
I 5 HOH 36 336 24 HOH HOH B . 
I 5 HOH 37 337 55 HOH HOH B . 
I 5 HOH 38 338 61 HOH HOH B . 
I 5 HOH 39 339 74 HOH HOH B . 
I 5 HOH 40 340 75 HOH HOH B . 
I 5 HOH 41 341 67 HOH HOH B . 
I 5 HOH 42 342 58 HOH HOH B . 
I 5 HOH 43 343 73 HOH HOH B . 
# 
loop_
_software.citation_id 
_software.classification 
_software.compiler_name 
_software.compiler_version 
_software.contact_author 
_software.contact_author_email 
_software.date 
_software.description 
_software.dependencies 
_software.hardware 
_software.language 
_software.location 
_software.mods 
_software.name 
_software.os 
_software.os_version 
_software.type 
_software.version 
_software.pdbx_ordinal 
? refinement        ? ? ? ? ? ? ? ? ? ? ? PHENIX      ? ? ? 1.9  1 
? 'data extraction' ? ? ? ? ? ? ? ? ? ? ? PDB_EXTRACT ? ? ? 3.25 2 
? 'data reduction'  ? ? ? ? ? ? ? ? ? ? ? DIFDAT      ? ? ? .    3 
? 'data scaling'    ? ? ? ? ? ? ? ? ? ? ? HKL-2000    ? ? ? .    4 
? phasing           ? ? ? ? ? ? ? ? ? ? ? AutoSol     ? ? ? .    5 
# 
_cell.angle_alpha                  90.000 
_cell.angle_alpha_esd              ? 
_cell.angle_beta                   90.000 
_cell.angle_beta_esd               ? 
_cell.angle_gamma                  90.000 
_cell.angle_gamma_esd              ? 
_cell.entry_id                     6LTZ 
_cell.details                      ? 
_cell.formula_units_Z              ? 
_cell.length_a                     84.232 
_cell.length_a_esd                 ? 
_cell.length_b                     84.232 
_cell.length_b_esd                 ? 
_cell.length_c                     61.428 
_cell.length_c_esd                 ? 
_cell.volume                       ? 
_cell.volume_esd                   ? 
_cell.Z_PDB                        16 
_cell.reciprocal_angle_alpha       ? 
_cell.reciprocal_angle_beta        ? 
_cell.reciprocal_angle_gamma       ? 
_cell.reciprocal_angle_alpha_esd   ? 
_cell.reciprocal_angle_beta_esd    ? 
_cell.reciprocal_angle_gamma_esd   ? 
_cell.reciprocal_length_a          ? 
_cell.reciprocal_length_b          ? 
_cell.reciprocal_length_c          ? 
_cell.reciprocal_length_a_esd      ? 
_cell.reciprocal_length_b_esd      ? 
_cell.reciprocal_length_c_esd      ? 
_cell.pdbx_unique_axis             ? 
# 
_symmetry.entry_id                         6LTZ 
_symmetry.cell_setting                     ? 
_symmetry.Int_Tables_number                79 
_symmetry.space_group_name_Hall            ? 
_symmetry.space_group_name_H-M             'I 4' 
_symmetry.pdbx_full_space_group_name_H-M   ? 
# 
_exptl.absorpt_coefficient_mu     ? 
_exptl.absorpt_correction_T_max   ? 
_exptl.absorpt_correction_T_min   ? 
_exptl.absorpt_correction_type    ? 
_exptl.absorpt_process_details    ? 
_exptl.entry_id                   6LTZ 
_exptl.crystals_number            1 
_exptl.details                    ? 
_exptl.method                     'X-RAY DIFFRACTION' 
_exptl.method_details             ? 
# 
_exptl_crystal.colour                      ? 
_exptl_crystal.density_diffrn              ? 
_exptl_crystal.density_Matthews            2.20 
_exptl_crystal.density_method              ? 
_exptl_crystal.density_percent_sol         44.21 
_exptl_crystal.description                 ? 
_exptl_crystal.F_000                       ? 
_exptl_crystal.id                          1 
_exptl_crystal.preparation                 ? 
_exptl_crystal.size_max                    ? 
_exptl_crystal.size_mid                    ? 
_exptl_crystal.size_min                    ? 
_exptl_crystal.size_rad                    ? 
_exptl_crystal.colour_lustre               ? 
_exptl_crystal.colour_modifier             ? 
_exptl_crystal.colour_primary              ? 
_exptl_crystal.density_meas                ? 
_exptl_crystal.density_meas_esd            ? 
_exptl_crystal.density_meas_gt             ? 
_exptl_crystal.density_meas_lt             ? 
_exptl_crystal.density_meas_temp           ? 
_exptl_crystal.density_meas_temp_esd       ? 
_exptl_crystal.density_meas_temp_gt        ? 
_exptl_crystal.density_meas_temp_lt        ? 
_exptl_crystal.pdbx_crystal_image_url      ? 
_exptl_crystal.pdbx_crystal_image_format   ? 
_exptl_crystal.pdbx_mosaicity              ? 
_exptl_crystal.pdbx_mosaicity_esd          ? 
# 
_exptl_crystal_grow.apparatus       ? 
_exptl_crystal_grow.atmosphere      ? 
_exptl_crystal_grow.crystal_id      1 
_exptl_crystal_grow.details         ? 
_exptl_crystal_grow.method          'VAPOR DIFFUSION, SITTING DROP' 
_exptl_crystal_grow.method_ref      ? 
_exptl_crystal_grow.pH              ? 
_exptl_crystal_grow.pressure        ? 
_exptl_crystal_grow.pressure_esd    ? 
_exptl_crystal_grow.seeding         ? 
_exptl_crystal_grow.seeding_ref     ? 
_exptl_crystal_grow.temp            293 
_exptl_crystal_grow.temp_details    ? 
_exptl_crystal_grow.temp_esd        ? 
_exptl_crystal_grow.time            ? 
_exptl_crystal_grow.pdbx_details    '1 M ammonium sulfate, 0.1 M HEPES, 0.5% w/v PEG8000' 
_exptl_crystal_grow.pdbx_pH_range   ? 
# 
_diffrn.ambient_environment              ? 
_diffrn.ambient_temp                     100 
_diffrn.ambient_temp_details             ? 
_diffrn.ambient_temp_esd                 ? 
_diffrn.crystal_id                       1 
_diffrn.crystal_support                  ? 
_diffrn.crystal_treatment                ? 
_diffrn.details                          ? 
_diffrn.id                               1 
_diffrn.ambient_pressure                 ? 
_diffrn.ambient_pressure_esd             ? 
_diffrn.ambient_pressure_gt              ? 
_diffrn.ambient_pressure_lt              ? 
_diffrn.ambient_temp_gt                  ? 
_diffrn.ambient_temp_lt                  ? 
_diffrn.pdbx_serial_crystal_experiment   N 
# 
_diffrn_detector.details                      ? 
_diffrn_detector.detector                     CCD 
_diffrn_detector.diffrn_id                    1 
_diffrn_detector.type                         'ADSC QUANTUM 315r' 
_diffrn_detector.area_resol_mean              ? 
_diffrn_detector.dtime                        ? 
_diffrn_detector.pdbx_frames_total            ? 
_diffrn_detector.pdbx_collection_time_total   ? 
_diffrn_detector.pdbx_collection_date         2016-07-12 
_diffrn_detector.pdbx_frequency               ? 
# 
_diffrn_radiation.collimation                      ? 
_diffrn_radiation.diffrn_id                        1 
_diffrn_radiation.filter_edge                      ? 
_diffrn_radiation.inhomogeneity                    ? 
_diffrn_radiation.monochromator                    ? 
_diffrn_radiation.polarisn_norm                    ? 
_diffrn_radiation.polarisn_ratio                   ? 
_diffrn_radiation.probe                            ? 
_diffrn_radiation.type                             ? 
_diffrn_radiation.xray_symbol                      ? 
_diffrn_radiation.wavelength_id                    1 
_diffrn_radiation.pdbx_monochromatic_or_laue_m_l   M 
_diffrn_radiation.pdbx_wavelength_list             ? 
_diffrn_radiation.pdbx_wavelength                  ? 
_diffrn_radiation.pdbx_diffrn_protocol             'SINGLE WAVELENGTH' 
_diffrn_radiation.pdbx_analyzer                    ? 
_diffrn_radiation.pdbx_scattering_type             x-ray 
# 
_diffrn_radiation_wavelength.id           1 
_diffrn_radiation_wavelength.wavelength   0.9794 
_diffrn_radiation_wavelength.wt           1.0 
# 
_diffrn_source.current                     ? 
_diffrn_source.details                     ? 
_diffrn_source.diffrn_id                   1 
_diffrn_source.power                       ? 
_diffrn_source.size                        ? 
_diffrn_source.source                      SYNCHROTRON 
_diffrn_source.target                      ? 
_diffrn_source.type                        'PAL/PLS BEAMLINE 5C (4A)' 
_diffrn_source.voltage                     ? 
_diffrn_source.take-off_angle              ? 
_diffrn_source.pdbx_wavelength_list        0.9794 
_diffrn_source.pdbx_wavelength             ? 
_diffrn_source.pdbx_synchrotron_beamline   '5C (4A)' 
_diffrn_source.pdbx_synchrotron_site       PAL/PLS 
# 
_reflns.B_iso_Wilson_estimate            ? 
_reflns.entry_id                         6LTZ 
_reflns.data_reduction_details           ? 
_reflns.data_reduction_method            ? 
_reflns.d_resolution_high                1.97 
_reflns.d_resolution_low                 50 
_reflns.details                          ? 
_reflns.limit_h_max                      ? 
_reflns.limit_h_min                      ? 
_reflns.limit_k_max                      ? 
_reflns.limit_k_min                      ? 
_reflns.limit_l_max                      ? 
_reflns.limit_l_min                      ? 
_reflns.number_all                       ? 
_reflns.number_obs                       15201 
_reflns.observed_criterion               ? 
_reflns.observed_criterion_F_max         ? 
_reflns.observed_criterion_F_min         ? 
_reflns.observed_criterion_I_max         ? 
_reflns.observed_criterion_I_min         ? 
_reflns.observed_criterion_sigma_F       ? 
_reflns.observed_criterion_sigma_I       ? 
_reflns.percent_possible_obs             100 
_reflns.R_free_details                   ? 
_reflns.Rmerge_F_all                     ? 
_reflns.Rmerge_F_obs                     ? 
_reflns.Friedel_coverage                 ? 
_reflns.number_gt                        ? 
_reflns.threshold_expression             ? 
_reflns.pdbx_redundancy                  3.5 
_reflns.pdbx_Rmerge_I_obs                ? 
_reflns.pdbx_Rmerge_I_all                ? 
_reflns.pdbx_Rsym_value                  ? 
_reflns.pdbx_netI_over_av_sigmaI         ? 
_reflns.pdbx_netI_over_sigmaI            41.5 
_reflns.pdbx_res_netI_over_av_sigmaI_2   ? 
_reflns.pdbx_res_netI_over_sigmaI_2      ? 
_reflns.pdbx_chi_squared                 ? 
_reflns.pdbx_scaling_rejects             ? 
_reflns.pdbx_d_res_high_opt              ? 
_reflns.pdbx_d_res_low_opt               ? 
_reflns.pdbx_d_res_opt_method            ? 
_reflns.phase_calculation_details        ? 
_reflns.pdbx_Rrim_I_all                  0.06 
_reflns.pdbx_Rpim_I_all                  ? 
_reflns.pdbx_d_opt                       ? 
_reflns.pdbx_number_measured_all         ? 
_reflns.pdbx_diffrn_id                   1 
_reflns.pdbx_ordinal                     1 
_reflns.pdbx_CC_half                     ? 
_reflns.pdbx_CC_star                     ? 
_reflns.pdbx_R_split                     ? 
# 
_reflns_shell.d_res_high                  1.97 
_reflns_shell.d_res_low                   2.0 
_reflns_shell.meanI_over_sigI_all         ? 
_reflns_shell.meanI_over_sigI_obs         ? 
_reflns_shell.number_measured_all         ? 
_reflns_shell.number_measured_obs         ? 
_reflns_shell.number_possible             ? 
_reflns_shell.number_unique_all           ? 
_reflns_shell.number_unique_obs           762 
_reflns_shell.percent_possible_all        ? 
_reflns_shell.percent_possible_obs        ? 
_reflns_shell.Rmerge_F_all                ? 
_reflns_shell.Rmerge_F_obs                ? 
_reflns_shell.Rmerge_I_all                ? 
_reflns_shell.Rmerge_I_obs                ? 
_reflns_shell.meanI_over_sigI_gt          ? 
_reflns_shell.meanI_over_uI_all           ? 
_reflns_shell.meanI_over_uI_gt            ? 
_reflns_shell.number_measured_gt          ? 
_reflns_shell.number_unique_gt            ? 
_reflns_shell.percent_possible_gt         ? 
_reflns_shell.Rmerge_F_gt                 ? 
_reflns_shell.Rmerge_I_gt                 ? 
_reflns_shell.pdbx_redundancy             ? 
_reflns_shell.pdbx_Rsym_value             ? 
_reflns_shell.pdbx_chi_squared            ? 
_reflns_shell.pdbx_netI_over_sigmaI_all   ? 
_reflns_shell.pdbx_netI_over_sigmaI_obs   ? 
_reflns_shell.pdbx_Rrim_I_all             0.194 
_reflns_shell.pdbx_Rpim_I_all             ? 
_reflns_shell.pdbx_rejects                ? 
_reflns_shell.pdbx_ordinal                1 
_reflns_shell.pdbx_diffrn_id              1 
_reflns_shell.pdbx_CC_half                0.978 
_reflns_shell.pdbx_CC_star                ? 
_reflns_shell.pdbx_R_split                ? 
# 
_refine.aniso_B[1][1]                            ? 
_refine.aniso_B[1][2]                            ? 
_refine.aniso_B[1][3]                            ? 
_refine.aniso_B[2][2]                            ? 
_refine.aniso_B[2][3]                            ? 
_refine.aniso_B[3][3]                            ? 
_refine.B_iso_max                                110.710 
_refine.B_iso_mean                               39.4561 
_refine.B_iso_min                                16.360 
_refine.correlation_coeff_Fo_to_Fc               ? 
_refine.correlation_coeff_Fo_to_Fc_free          ? 
_refine.details                                  ? 
_refine.diff_density_max                         ? 
_refine.diff_density_max_esd                     ? 
_refine.diff_density_min                         ? 
_refine.diff_density_min_esd                     ? 
_refine.diff_density_rms                         ? 
_refine.diff_density_rms_esd                     ? 
_refine.entry_id                                 6LTZ 
_refine.pdbx_refine_id                           'X-RAY DIFFRACTION' 
_refine.ls_abs_structure_details                 ? 
_refine.ls_abs_structure_Flack                   ? 
_refine.ls_abs_structure_Flack_esd               ? 
_refine.ls_abs_structure_Rogers                  ? 
_refine.ls_abs_structure_Rogers_esd              ? 
_refine.ls_d_res_high                            1.9730 
_refine.ls_d_res_low                             32.1130 
_refine.ls_extinction_coef                       ? 
_refine.ls_extinction_coef_esd                   ? 
_refine.ls_extinction_expression                 ? 
_refine.ls_extinction_method                     ? 
_refine.ls_goodness_of_fit_all                   ? 
_refine.ls_goodness_of_fit_all_esd               ? 
_refine.ls_goodness_of_fit_obs                   ? 
_refine.ls_goodness_of_fit_obs_esd               ? 
_refine.ls_hydrogen_treatment                    ? 
_refine.ls_matrix_type                           ? 
_refine.ls_number_constraints                    ? 
_refine.ls_number_parameters                     ? 
_refine.ls_number_reflns_all                     ? 
_refine.ls_number_reflns_obs                     15192 
_refine.ls_number_reflns_R_free                  727 
_refine.ls_number_reflns_R_work                  ? 
_refine.ls_number_restraints                     ? 
_refine.ls_percent_reflns_obs                    99.8800 
_refine.ls_percent_reflns_R_free                 4.7900 
_refine.ls_R_factor_all                          ? 
_refine.ls_R_factor_obs                          0.1906 
_refine.ls_R_factor_R_free                       0.2337 
_refine.ls_R_factor_R_free_error                 ? 
_refine.ls_R_factor_R_free_error_details         ? 
_refine.ls_R_factor_R_work                       0.1886 
_refine.ls_R_Fsqd_factor_obs                     ? 
_refine.ls_R_I_factor_obs                        ? 
_refine.ls_redundancy_reflns_all                 ? 
_refine.ls_redundancy_reflns_obs                 ? 
_refine.ls_restrained_S_all                      ? 
_refine.ls_restrained_S_obs                      ? 
_refine.ls_shift_over_esd_max                    ? 
_refine.ls_shift_over_esd_mean                   ? 
_refine.ls_structure_factor_coef                 ? 
_refine.ls_weighting_details                     ? 
_refine.ls_weighting_scheme                      ? 
_refine.ls_wR_factor_all                         ? 
_refine.ls_wR_factor_obs                         ? 
_refine.ls_wR_factor_R_free                      ? 
_refine.ls_wR_factor_R_work                      ? 
_refine.occupancy_max                            ? 
_refine.occupancy_min                            ? 
_refine.solvent_model_details                    'FLAT BULK SOLVENT MODEL' 
_refine.solvent_model_param_bsol                 ? 
_refine.solvent_model_param_ksol                 ? 
_refine.pdbx_R_complete                          ? 
_refine.ls_R_factor_gt                           ? 
_refine.ls_goodness_of_fit_gt                    ? 
_refine.ls_goodness_of_fit_ref                   ? 
_refine.ls_shift_over_su_max                     ? 
_refine.ls_shift_over_su_max_lt                  ? 
_refine.ls_shift_over_su_mean                    ? 
_refine.ls_shift_over_su_mean_lt                 ? 
_refine.pdbx_ls_sigma_I                          ? 
_refine.pdbx_ls_sigma_F                          1.430 
_refine.pdbx_ls_sigma_Fsqd                       ? 
_refine.pdbx_data_cutoff_high_absF               ? 
_refine.pdbx_data_cutoff_high_rms_absF           ? 
_refine.pdbx_data_cutoff_low_absF                ? 
_refine.pdbx_isotropic_thermal_model             ? 
_refine.pdbx_ls_cross_valid_method               THROUGHOUT 
_refine.pdbx_method_to_determine_struct          SAD 
_refine.pdbx_starting_model                      ? 
_refine.pdbx_stereochemistry_target_values       ? 
_refine.pdbx_R_Free_selection_details            ? 
_refine.pdbx_stereochem_target_val_spec_case     ? 
_refine.pdbx_overall_ESU_R                       ? 
_refine.pdbx_overall_ESU_R_Free                  ? 
_refine.pdbx_solvent_vdw_probe_radii             1.1100 
_refine.pdbx_solvent_ion_probe_radii             ? 
_refine.pdbx_solvent_shrinkage_radii             0.9000 
_refine.pdbx_real_space_R                        ? 
_refine.pdbx_density_correlation                 ? 
_refine.pdbx_pd_number_of_powder_patterns        ? 
_refine.pdbx_pd_number_of_points                 ? 
_refine.pdbx_pd_meas_number_of_points            ? 
_refine.pdbx_pd_proc_ls_prof_R_factor            ? 
_refine.pdbx_pd_proc_ls_prof_wR_factor           ? 
_refine.pdbx_pd_Marquardt_correlation_coeff      ? 
_refine.pdbx_pd_Fsqrd_R_factor                   ? 
_refine.pdbx_pd_ls_matrix_band_width             ? 
_refine.pdbx_overall_phase_error                 23.0600 
_refine.pdbx_overall_SU_R_free_Cruickshank_DPI   ? 
_refine.pdbx_overall_SU_R_free_Blow_DPI          ? 
_refine.pdbx_overall_SU_R_Blow_DPI               ? 
_refine.pdbx_TLS_residual_ADP_flag               ? 
_refine.pdbx_diffrn_id                           1 
_refine.overall_SU_B                             ? 
_refine.overall_SU_ML                            0.2500 
_refine.overall_SU_R_Cruickshank_DPI             ? 
_refine.overall_SU_R_free                        ? 
_refine.overall_FOM_free_R_set                   ? 
_refine.overall_FOM_work_R_set                   ? 
_refine.pdbx_average_fsc_overall                 ? 
_refine.pdbx_average_fsc_work                    ? 
_refine.pdbx_average_fsc_free                    ? 
# 
_refine_hist.pdbx_refine_id                   'X-RAY DIFFRACTION' 
_refine_hist.cycle_id                         final 
_refine_hist.details                          ? 
_refine_hist.d_res_high                       1.9730 
_refine_hist.d_res_low                        32.1130 
_refine_hist.number_atoms_solvent             81 
_refine_hist.number_atoms_total               1266 
_refine_hist.number_reflns_all                ? 
_refine_hist.number_reflns_obs                ? 
_refine_hist.number_reflns_R_free             ? 
_refine_hist.number_reflns_R_work             ? 
_refine_hist.R_factor_all                     ? 
_refine_hist.R_factor_obs                     ? 
_refine_hist.R_factor_R_free                  ? 
_refine_hist.R_factor_R_work                  ? 
_refine_hist.pdbx_number_residues_total       154 
_refine_hist.pdbx_B_iso_mean_ligand           51.90 
_refine_hist.pdbx_B_iso_mean_solvent          43.53 
_refine_hist.pdbx_number_atoms_protein        1144 
_refine_hist.pdbx_number_atoms_nucleic_acid   0 
_refine_hist.pdbx_number_atoms_ligand         41 
_refine_hist.pdbx_number_atoms_lipid          ? 
_refine_hist.pdbx_number_atoms_carb           ? 
_refine_hist.pdbx_pseudo_atom_details         ? 
# 
loop_
_refine_ls_shell.pdbx_refine_id 
_refine_ls_shell.pdbx_total_number_of_bins_used 
_refine_ls_shell.d_res_high 
_refine_ls_shell.d_res_low 
_refine_ls_shell.number_reflns_R_work 
_refine_ls_shell.R_factor_R_work 
_refine_ls_shell.percent_reflns_obs 
_refine_ls_shell.R_factor_R_free 
_refine_ls_shell.R_factor_R_free_error 
_refine_ls_shell.percent_reflns_R_free 
_refine_ls_shell.number_reflns_R_free 
_refine_ls_shell.number_reflns_all 
_refine_ls_shell.R_factor_all 
_refine_ls_shell.R_factor_obs 
_refine_ls_shell.number_reflns_obs 
'X-RAY DIFFRACTION' . 1.9732 2.1255  2879 0.2026 100.00 0.2524 . . 127 . . . . 
'X-RAY DIFFRACTION' . 2.1255 2.3393  2886 0.2003 100.00 0.2663 . . 142 . . . . 
'X-RAY DIFFRACTION' . 2.3393 2.6777  2872 0.2048 100.00 0.2370 . . 169 . . . . 
'X-RAY DIFFRACTION' . 2.6777 3.3730  2881 0.1999 100.00 0.2370 . . 157 . . . . 
'X-RAY DIFFRACTION' . 3.3730 32.1167 2947 0.1734 100.00 0.2187 . . 132 . . . . 
# 
_struct.entry_id                     6LTZ 
_struct.title                        'Induced DNA bending by unique dimerization of HigA antitoxin' 
_struct.pdbx_model_details           ? 
_struct.pdbx_formula_weight          ? 
_struct.pdbx_formula_weight_method   ? 
_struct.pdbx_model_type_details      ? 
_struct.pdbx_CASP_flag               N 
# 
_struct_keywords.entry_id        6LTZ 
_struct_keywords.text            ANTITOXIN 
_struct_keywords.pdbx_keywords   ANTITOXIN 
# 
loop_
_struct_asym.id 
_struct_asym.pdbx_blank_PDB_chainid_flag 
_struct_asym.pdbx_modified 
_struct_asym.entity_id 
_struct_asym.details 
A N N 1 ? 
B N N 1 ? 
C N N 2 ? 
D N N 2 ? 
E N N 3 ? 
F N N 4 ? 
G N N 4 ? 
H N N 5 ? 
I N N 5 ? 
# 
_struct_ref.id                         1 
_struct_ref.db_name                    UNP 
_struct_ref.db_code                    HIGA3_MYCTU 
_struct_ref.pdbx_db_accession          O53333 
_struct_ref.pdbx_db_isoform            ? 
_struct_ref.entity_id                  1 
_struct_ref.pdbx_seq_one_letter_code   
;MTMARNWRDIRADAVAQGRVDLQRAAVAREEMRDAVLAHRLAEIRKALGHARQADVAALMGVSQARVSKLESGDLSHTEL
GTLQAYVAALGGHLRIVAEFGENTVELTA
;
_struct_ref.pdbx_align_begin           1 
# 
loop_
_struct_ref_seq.align_id 
_struct_ref_seq.ref_id 
_struct_ref_seq.pdbx_PDB_id_code 
_struct_ref_seq.pdbx_strand_id 
_struct_ref_seq.seq_align_beg 
_struct_ref_seq.pdbx_seq_align_beg_ins_code 
_struct_ref_seq.seq_align_end 
_struct_ref_seq.pdbx_seq_align_end_ins_code 
_struct_ref_seq.pdbx_db_accession 
_struct_ref_seq.db_align_beg 
_struct_ref_seq.pdbx_db_align_beg_ins_code 
_struct_ref_seq.db_align_end 
_struct_ref_seq.pdbx_db_align_end_ins_code 
_struct_ref_seq.pdbx_auth_seq_align_beg 
_struct_ref_seq.pdbx_auth_seq_align_end 
1 1 6LTZ A 1 ? 109 ? O53333 1 ? 109 ? 1 109 
2 1 6LTZ B 1 ? 109 ? O53333 1 ? 109 ? 1 109 
# 
loop_
_struct_ref_seq_dif.align_id 
_struct_ref_seq_dif.pdbx_pdb_id_code 
_struct_ref_seq_dif.mon_id 
_struct_ref_seq_dif.pdbx_pdb_strand_id 
_struct_ref_seq_dif.seq_num 
_struct_ref_seq_dif.pdbx_pdb_ins_code 
_struct_ref_seq_dif.pdbx_seq_db_name 
_struct_ref_seq_dif.pdbx_seq_db_accession_code 
_struct_ref_seq_dif.db_mon_id 
_struct_ref_seq_dif.pdbx_seq_db_seq_num 
_struct_ref_seq_dif.details 
_struct_ref_seq_dif.pdbx_auth_seq_num 
_struct_ref_seq_dif.pdbx_ordinal 
1 6LTZ LEU A 110 ? UNP O53333 ? ? 'expression tag' 110 1  
1 6LTZ GLU A 111 ? UNP O53333 ? ? 'expression tag' 111 2  
1 6LTZ HIS A 112 ? UNP O53333 ? ? 'expression tag' 112 3  
1 6LTZ HIS A 113 ? UNP O53333 ? ? 'expression tag' 113 4  
1 6LTZ HIS A 114 ? UNP O53333 ? ? 'expression tag' 114 5  
1 6LTZ HIS A 115 ? UNP O53333 ? ? 'expression tag' 115 6  
1 6LTZ HIS A 116 ? UNP O53333 ? ? 'expression tag' 116 7  
1 6LTZ HIS A 117 ? UNP O53333 ? ? 'expression tag' 117 8  
2 6LTZ LEU B 110 ? UNP O53333 ? ? 'expression tag' 110 9  
2 6LTZ GLU B 111 ? UNP O53333 ? ? 'expression tag' 111 10 
2 6LTZ HIS B 112 ? UNP O53333 ? ? 'expression tag' 112 11 
2 6LTZ HIS B 113 ? UNP O53333 ? ? 'expression tag' 113 12 
2 6LTZ HIS B 114 ? UNP O53333 ? ? 'expression tag' 114 13 
2 6LTZ HIS B 115 ? UNP O53333 ? ? 'expression tag' 115 14 
2 6LTZ HIS B 116 ? UNP O53333 ? ? 'expression tag' 116 15 
2 6LTZ HIS B 117 ? UNP O53333 ? ? 'expression tag' 117 16 
# 
_pdbx_struct_assembly.id                   1 
_pdbx_struct_assembly.details              author_and_software_defined_assembly 
_pdbx_struct_assembly.method_details       PISA 
_pdbx_struct_assembly.oligomeric_details   dimeric 
_pdbx_struct_assembly.oligomeric_count     2 
# 
loop_
_pdbx_struct_assembly_prop.biol_id 
_pdbx_struct_assembly_prop.type 
_pdbx_struct_assembly_prop.value 
_pdbx_struct_assembly_prop.details 
1 'ABSA (A^2)' 4100 ? 
1 MORE         -19  ? 
1 'SSA (A^2)'  8740 ? 
# 
_pdbx_struct_assembly_gen.assembly_id       1 
_pdbx_struct_assembly_gen.oper_expression   1 
_pdbx_struct_assembly_gen.asym_id_list      A,B,C,D,E,F,G,H,I 
# 
_pdbx_struct_assembly_auth_evidence.id                     1 
_pdbx_struct_assembly_auth_evidence.assembly_id            1 
_pdbx_struct_assembly_auth_evidence.experimental_support   'gel filtration' 
_pdbx_struct_assembly_auth_evidence.details                ? 
# 
_pdbx_struct_oper_list.id                   1 
_pdbx_struct_oper_list.type                 'identity operation' 
_pdbx_struct_oper_list.name                 1_555 
_pdbx_struct_oper_list.symmetry_operation   x,y,z 
_pdbx_struct_oper_list.matrix[1][1]         1.0000000000 
_pdbx_struct_oper_list.matrix[1][2]         0.0000000000 
_pdbx_struct_oper_list.matrix[1][3]         0.0000000000 
_pdbx_struct_oper_list.vector[1]            0.0000000000 
_pdbx_struct_oper_list.matrix[2][1]         0.0000000000 
_pdbx_struct_oper_list.matrix[2][2]         1.0000000000 
_pdbx_struct_oper_list.matrix[2][3]         0.0000000000 
_pdbx_struct_oper_list.vector[2]            0.0000000000 
_pdbx_struct_oper_list.matrix[3][1]         0.0000000000 
_pdbx_struct_oper_list.matrix[3][2]         0.0000000000 
_pdbx_struct_oper_list.matrix[3][3]         1.0000000000 
_pdbx_struct_oper_list.vector[3]            0.0000000000 
# 
loop_
_struct_conf.conf_type_id 
_struct_conf.id 
_struct_conf.pdbx_PDB_helix_id 
_struct_conf.beg_label_comp_id 
_struct_conf.beg_label_asym_id 
_struct_conf.beg_label_seq_id 
_struct_conf.pdbx_beg_PDB_ins_code 
_struct_conf.end_label_comp_id 
_struct_conf.end_label_asym_id 
_struct_conf.end_label_seq_id 
_struct_conf.pdbx_end_PDB_ins_code 
_struct_conf.beg_auth_comp_id 
_struct_conf.beg_auth_asym_id 
_struct_conf.beg_auth_seq_id 
_struct_conf.end_auth_comp_id 
_struct_conf.end_auth_asym_id 
_struct_conf.end_auth_seq_id 
_struct_conf.pdbx_PDB_helix_class 
_struct_conf.details 
_struct_conf.pdbx_PDB_helix_length 
HELX_P HELX_P1  AA1 ARG A 40 ? LEU A 48 ? ARG A 40 LEU A 48 1 ? 9  
HELX_P HELX_P2  AA2 ARG A 52 ? GLY A 61 ? ARG A 52 GLY A 61 1 ? 10 
HELX_P HELX_P3  AA3 SER A 63 ? GLY A 73 ? SER A 63 GLY A 73 1 ? 11 
HELX_P HELX_P4  AA4 ASP A 74 ? THR A 78 ? ASP A 74 THR A 78 5 ? 5  
HELX_P HELX_P5  AA5 GLU A 79 ? LEU A 90 ? GLU A 79 LEU A 90 1 ? 12 
HELX_P HELX_P6  AA6 ARG B 40 ? GLY B 49 ? ARG B 40 GLY B 49 1 ? 10 
HELX_P HELX_P7  AA7 ARG B 52 ? GLY B 61 ? ARG B 52 GLY B 61 1 ? 10 
HELX_P HELX_P8  AA8 SER B 63 ? SER B 72 ? SER B 63 SER B 72 1 ? 10 
HELX_P HELX_P9  AA9 GLY B 73 ? THR B 78 ? GLY B 73 THR B 78 5 ? 6  
HELX_P HELX_P10 AB1 GLU B 79 ? LEU B 90 ? GLU B 79 LEU B 90 1 ? 12 
# 
_struct_conf_type.id          HELX_P 
_struct_conf_type.criteria    ? 
_struct_conf_type.reference   ? 
# 
_struct_sheet.id               AA1 
_struct_sheet.type             ? 
_struct_sheet.number_strands   6 
_struct_sheet.details          ? 
# 
loop_
_struct_sheet_order.sheet_id 
_struct_sheet_order.range_id_1 
_struct_sheet_order.range_id_2 
_struct_sheet_order.offset 
_struct_sheet_order.sense 
AA1 1 2 ? parallel      
AA1 2 3 ? anti-parallel 
AA1 3 4 ? anti-parallel 
AA1 4 5 ? anti-parallel 
AA1 5 6 ? parallel      
# 
loop_
_struct_sheet_range.sheet_id 
_struct_sheet_range.id 
_struct_sheet_range.beg_label_comp_id 
_struct_sheet_range.beg_label_asym_id 
_struct_sheet_range.beg_label_seq_id 
_struct_sheet_range.pdbx_beg_PDB_ins_code 
_struct_sheet_range.end_label_comp_id 
_struct_sheet_range.end_label_asym_id 
_struct_sheet_range.end_label_seq_id 
_struct_sheet_range.pdbx_end_PDB_ins_code 
_struct_sheet_range.beg_auth_comp_id 
_struct_sheet_range.beg_auth_asym_id 
_struct_sheet_range.beg_auth_seq_id 
_struct_sheet_range.end_auth_comp_id 
_struct_sheet_range.end_auth_asym_id 
_struct_sheet_range.end_auth_seq_id 
AA1 1 LEU A 37  ? ALA A 38  ? LEU A 37  ALA A 38  
AA1 2 ASN B 103 ? LEU B 107 ? ASN B 103 LEU B 107 
AA1 3 HIS B 93  ? PHE B 100 ? HIS B 93  PHE B 100 
AA1 4 HIS A 93  ? PHE A 100 ? HIS A 93  PHE A 100 
AA1 5 ASN A 103 ? LEU A 107 ? ASN A 103 LEU A 107 
AA1 6 VAL B 36  ? ALA B 38  ? VAL B 36  ALA B 38  
# 
loop_
_pdbx_struct_sheet_hbond.sheet_id 
_pdbx_struct_sheet_hbond.range_id_1 
_pdbx_struct_sheet_hbond.range_id_2 
_pdbx_struct_sheet_hbond.range_1_label_atom_id 
_pdbx_struct_sheet_hbond.range_1_label_comp_id 
_pdbx_struct_sheet_hbond.range_1_label_asym_id 
_pdbx_struct_sheet_hbond.range_1_label_seq_id 
_pdbx_struct_sheet_hbond.range_1_PDB_ins_code 
_pdbx_struct_sheet_hbond.range_1_auth_atom_id 
_pdbx_struct_sheet_hbond.range_1_auth_comp_id 
_pdbx_struct_sheet_hbond.range_1_auth_asym_id 
_pdbx_struct_sheet_hbond.range_1_auth_seq_id 
_pdbx_struct_sheet_hbond.range_2_label_atom_id 
_pdbx_struct_sheet_hbond.range_2_label_comp_id 
_pdbx_struct_sheet_hbond.range_2_label_asym_id 
_pdbx_struct_sheet_hbond.range_2_label_seq_id 
_pdbx_struct_sheet_hbond.range_2_PDB_ins_code 
_pdbx_struct_sheet_hbond.range_2_auth_atom_id 
_pdbx_struct_sheet_hbond.range_2_auth_comp_id 
_pdbx_struct_sheet_hbond.range_2_auth_asym_id 
_pdbx_struct_sheet_hbond.range_2_auth_seq_id 
AA1 1 2 N ALA A 38  ? N ALA A 38  O GLU B 106 ? O GLU B 106 
AA1 2 3 O VAL B 105 ? O VAL B 105 N ALA B 98  ? N ALA B 98  
AA1 3 4 O VAL B 97  ? O VAL B 97  N ARG A 95  ? N ARG A 95  
AA1 4 5 N ALA A 98  ? N ALA A 98  O VAL A 105 ? O VAL A 105 
AA1 5 6 N GLU A 106 ? N GLU A 106 O ALA B 38  ? O ALA B 38  
# 
loop_
_struct_site.id 
_struct_site.pdbx_evidence_code 
_struct_site.pdbx_auth_asym_id 
_struct_site.pdbx_auth_comp_id 
_struct_site.pdbx_auth_seq_id 
_struct_site.pdbx_auth_ins_code 
_struct_site.pdbx_num_residues 
_struct_site.details 
AC1 Software A GOL 201 ? 4 'binding site for residue GOL A 201' 
AC2 Software A GOL 202 ? 5 'binding site for residue GOL A 202' 
AC3 Software B EPE 201 ? 7 'binding site for residue EPE B 201' 
AC4 Software B PEG 202 ? 9 'binding site for residue PEG B 202' 
AC5 Software B PEG 203 ? 4 'binding site for residue PEG B 203' 
# 
loop_
_struct_site_gen.id 
_struct_site_gen.site_id 
_struct_site_gen.pdbx_num_res 
_struct_site_gen.label_comp_id 
_struct_site_gen.label_asym_id 
_struct_site_gen.label_seq_id 
_struct_site_gen.pdbx_auth_ins_code 
_struct_site_gen.auth_comp_id 
_struct_site_gen.auth_asym_id 
_struct_site_gen.auth_seq_id 
_struct_site_gen.label_atom_id 
_struct_site_gen.label_alt_id 
_struct_site_gen.symmetry 
_struct_site_gen.details 
1  AC1 4 ARG A 66  ? ARG A 66  . ? 1_555 ? 
2  AC1 4 THR A 78  ? THR A 78  . ? 1_555 ? 
3  AC1 4 GLU A 79  ? GLU A 79  . ? 1_555 ? 
4  AC1 4 THR A 82  ? THR A 82  . ? 1_555 ? 
5  AC2 5 ARG A 45  ? ARG A 45  . ? 1_555 ? 
6  AC2 5 LYS A 46  ? LYS A 46  . ? 1_555 ? 
7  AC2 5 ARG A 52  ? ARG A 52  . ? 1_555 ? 
8  AC2 5 GLN A 53  ? GLN A 53  . ? 1_555 ? 
9  AC2 5 HOH H .   ? HOH A 301 . ? 1_555 ? 
10 AC3 7 ARG B 45  ? ARG B 45  . ? 1_555 ? 
11 AC3 7 LYS B 46  ? LYS B 46  . ? 1_555 ? 
12 AC3 7 GLY B 49  ? GLY B 49  . ? 4_555 ? 
13 AC3 7 ARG B 52  ? ARG B 52  . ? 1_555 ? 
14 AC3 7 GLN B 53  ? GLN B 53  . ? 1_555 ? 
15 AC3 7 ALA B 54  ? ALA B 54  . ? 1_555 ? 
16 AC3 7 GLN B 64  ? GLN B 64  . ? 1_555 ? 
17 AC4 9 ALA A 54  ? ALA A 54  . ? 7_454 ? 
18 AC4 9 ALA A 57  ? ALA A 57  . ? 7_454 ? 
19 AC4 9 ALA A 58  ? ALA A 58  . ? 7_454 ? 
20 AC4 9 GLN A 64  ? GLN A 64  . ? 7_454 ? 
21 AC4 9 GLU A 102 ? GLU A 102 . ? 4_555 ? 
22 AC4 9 ASN A 103 ? ASN A 103 . ? 4_555 ? 
23 AC4 9 HOH H .   ? HOH A 317 . ? 7_454 ? 
24 AC4 9 VAL B 62  ? VAL B 62  . ? 1_555 ? 
25 AC4 9 SER B 63  ? SER B 63  . ? 1_555 ? 
26 AC5 4 MET B 60  ? MET B 60  . ? 1_555 ? 
27 AC5 4 ARG B 66  ? ARG B 66  . ? 1_555 ? 
28 AC5 4 THR B 82  ? THR B 82  . ? 1_555 ? 
29 AC5 4 ALA B 85  ? ALA B 85  . ? 1_555 ? 
# 
_pdbx_entry_details.entry_id                 6LTZ 
_pdbx_entry_details.has_ligand_of_interest   N 
_pdbx_entry_details.compound_details         ? 
_pdbx_entry_details.source_details           ? 
_pdbx_entry_details.nonpolymer_details       ? 
_pdbx_entry_details.sequence_details         ? 
# 
loop_
_pdbx_unobs_or_zero_occ_residues.id 
_pdbx_unobs_or_zero_occ_residues.PDB_model_num 
_pdbx_unobs_or_zero_occ_residues.polymer_flag 
_pdbx_unobs_or_zero_occ_residues.occupancy_flag 
_pdbx_unobs_or_zero_occ_residues.auth_asym_id 
_pdbx_unobs_or_zero_occ_residues.auth_comp_id 
_pdbx_unobs_or_zero_occ_residues.auth_seq_id 
_pdbx_unobs_or_zero_occ_residues.PDB_ins_code 
_pdbx_unobs_or_zero_occ_residues.label_asym_id 
_pdbx_unobs_or_zero_occ_residues.label_comp_id 
_pdbx_unobs_or_zero_occ_residues.label_seq_id 
1  1 Y 1 A MET 1   ? A MET 1   
2  1 Y 1 A THR 2   ? A THR 2   
3  1 Y 1 A MET 3   ? A MET 3   
4  1 Y 1 A ALA 4   ? A ALA 4   
5  1 Y 1 A ARG 5   ? A ARG 5   
6  1 Y 1 A ASN 6   ? A ASN 6   
7  1 Y 1 A TRP 7   ? A TRP 7   
8  1 Y 1 A ARG 8   ? A ARG 8   
9  1 Y 1 A ASP 9   ? A ASP 9   
10 1 Y 1 A ILE 10  ? A ILE 10  
11 1 Y 1 A ARG 11  ? A ARG 11  
12 1 Y 1 A ALA 12  ? A ALA 12  
13 1 Y 1 A ASP 13  ? A ASP 13  
14 1 Y 1 A ALA 14  ? A ALA 14  
15 1 Y 1 A VAL 15  ? A VAL 15  
16 1 Y 1 A ALA 16  ? A ALA 16  
17 1 Y 1 A GLN 17  ? A GLN 17  
18 1 Y 1 A GLY 18  ? A GLY 18  
19 1 Y 1 A ARG 19  ? A ARG 19  
20 1 Y 1 A VAL 20  ? A VAL 20  
21 1 Y 1 A ASP 21  ? A ASP 21  
22 1 Y 1 A LEU 22  ? A LEU 22  
23 1 Y 1 A GLN 23  ? A GLN 23  
24 1 Y 1 A ARG 24  ? A ARG 24  
25 1 Y 1 A ALA 25  ? A ALA 25  
26 1 Y 1 A ALA 26  ? A ALA 26  
27 1 Y 1 A VAL 27  ? A VAL 27  
28 1 Y 1 A ALA 28  ? A ALA 28  
29 1 Y 1 A ARG 29  ? A ARG 29  
30 1 Y 1 A GLU 30  ? A GLU 30  
31 1 Y 1 A GLU 31  ? A GLU 31  
32 1 Y 1 A MET 32  ? A MET 32  
33 1 Y 1 A ARG 33  ? A ARG 33  
34 1 Y 1 A ASP 34  ? A ASP 34  
35 1 Y 1 A ALA 35  ? A ALA 35  
36 1 Y 1 A HIS 114 ? A HIS 114 
37 1 Y 1 A HIS 115 ? A HIS 115 
38 1 Y 1 A HIS 116 ? A HIS 116 
39 1 Y 1 A HIS 117 ? A HIS 117 
40 1 Y 1 B MET 1   ? B MET 1   
41 1 Y 1 B THR 2   ? B THR 2   
42 1 Y 1 B MET 3   ? B MET 3   
43 1 Y 1 B ALA 4   ? B ALA 4   
44 1 Y 1 B ARG 5   ? B ARG 5   
45 1 Y 1 B ASN 6   ? B ASN 6   
46 1 Y 1 B TRP 7   ? B TRP 7   
47 1 Y 1 B ARG 8   ? B ARG 8   
48 1 Y 1 B ASP 9   ? B ASP 9   
49 1 Y 1 B ILE 10  ? B ILE 10  
50 1 Y 1 B ARG 11  ? B ARG 11  
51 1 Y 1 B ALA 12  ? B ALA 12  
52 1 Y 1 B ASP 13  ? B ASP 13  
53 1 Y 1 B ALA 14  ? B ALA 14  
54 1 Y 1 B VAL 15  ? B VAL 15  
55 1 Y 1 B ALA 16  ? B ALA 16  
56 1 Y 1 B GLN 17  ? B GLN 17  
57 1 Y 1 B GLY 18  ? B GLY 18  
58 1 Y 1 B ARG 19  ? B ARG 19  
59 1 Y 1 B VAL 20  ? B VAL 20  
60 1 Y 1 B ASP 21  ? B ASP 21  
61 1 Y 1 B LEU 22  ? B LEU 22  
62 1 Y 1 B GLN 23  ? B GLN 23  
63 1 Y 1 B ARG 24  ? B ARG 24  
64 1 Y 1 B ALA 25  ? B ALA 25  
65 1 Y 1 B ALA 26  ? B ALA 26  
66 1 Y 1 B VAL 27  ? B VAL 27  
67 1 Y 1 B ALA 28  ? B ALA 28  
68 1 Y 1 B ARG 29  ? B ARG 29  
69 1 Y 1 B GLU 30  ? B GLU 30  
70 1 Y 1 B GLU 31  ? B GLU 31  
71 1 Y 1 B MET 32  ? B MET 32  
72 1 Y 1 B ARG 33  ? B ARG 33  
73 1 Y 1 B LEU 110 ? B LEU 110 
74 1 Y 1 B GLU 111 ? B GLU 111 
75 1 Y 1 B HIS 112 ? B HIS 112 
76 1 Y 1 B HIS 113 ? B HIS 113 
77 1 Y 1 B HIS 114 ? B HIS 114 
78 1 Y 1 B HIS 115 ? B HIS 115 
79 1 Y 1 B HIS 116 ? B HIS 116 
80 1 Y 1 B HIS 117 ? B HIS 117 
# 
loop_
_chem_comp_atom.comp_id 
_chem_comp_atom.atom_id 
_chem_comp_atom.type_symbol 
_chem_comp_atom.pdbx_aromatic_flag 
_chem_comp_atom.pdbx_stereo_config 
_chem_comp_atom.pdbx_ordinal 
ALA N    N N N 1   
ALA CA   C N S 2   
ALA C    C N N 3   
ALA O    O N N 4   
ALA CB   C N N 5   
ALA OXT  O N N 6   
ALA H    H N N 7   
ALA H2   H N N 8   
ALA HA   H N N 9   
ALA HB1  H N N 10  
ALA HB2  H N N 11  
ALA HB3  H N N 12  
ALA HXT  H N N 13  
ARG N    N N N 14  
ARG CA   C N S 15  
ARG C    C N N 16  
ARG O    O N N 17  
ARG CB   C N N 18  
ARG CG   C N N 19  
ARG CD   C N N 20  
ARG NE   N N N 21  
ARG CZ   C N N 22  
ARG NH1  N N N 23  
ARG NH2  N N N 24  
ARG OXT  O N N 25  
ARG H    H N N 26  
ARG H2   H N N 27  
ARG HA   H N N 28  
ARG HB2  H N N 29  
ARG HB3  H N N 30  
ARG HG2  H N N 31  
ARG HG3  H N N 32  
ARG HD2  H N N 33  
ARG HD3  H N N 34  
ARG HE   H N N 35  
ARG HH11 H N N 36  
ARG HH12 H N N 37  
ARG HH21 H N N 38  
ARG HH22 H N N 39  
ARG HXT  H N N 40  
ASN N    N N N 41  
ASN CA   C N S 42  
ASN C    C N N 43  
ASN O    O N N 44  
ASN CB   C N N 45  
ASN CG   C N N 46  
ASN OD1  O N N 47  
ASN ND2  N N N 48  
ASN OXT  O N N 49  
ASN H    H N N 50  
ASN H2   H N N 51  
ASN HA   H N N 52  
ASN HB2  H N N 53  
ASN HB3  H N N 54  
ASN HD21 H N N 55  
ASN HD22 H N N 56  
ASN HXT  H N N 57  
ASP N    N N N 58  
ASP CA   C N S 59  
ASP C    C N N 60  
ASP O    O N N 61  
ASP CB   C N N 62  
ASP CG   C N N 63  
ASP OD1  O N N 64  
ASP OD2  O N N 65  
ASP OXT  O N N 66  
ASP H    H N N 67  
ASP H2   H N N 68  
ASP HA   H N N 69  
ASP HB2  H N N 70  
ASP HB3  H N N 71  
ASP HD2  H N N 72  
ASP HXT  H N N 73  
EPE N1   N N N 74  
EPE C2   C N N 75  
EPE C3   C N N 76  
EPE N4   N N N 77  
EPE C5   C N N 78  
EPE C6   C N N 79  
EPE C7   C N N 80  
EPE C8   C N N 81  
EPE O8   O N N 82  
EPE C9   C N N 83  
EPE C10  C N N 84  
EPE S    S N N 85  
EPE O1S  O N N 86  
EPE O2S  O N N 87  
EPE O3S  O N N 88  
EPE H21  H N N 89  
EPE H22  H N N 90  
EPE H31  H N N 91  
EPE H32  H N N 92  
EPE H51  H N N 93  
EPE H52  H N N 94  
EPE H61  H N N 95  
EPE H62  H N N 96  
EPE H71  H N N 97  
EPE H72  H N N 98  
EPE H81  H N N 99  
EPE H82  H N N 100 
EPE HO8  H N N 101 
EPE H91  H N N 102 
EPE H92  H N N 103 
EPE H101 H N N 104 
EPE H102 H N N 105 
EPE HOS3 H N N 106 
GLN N    N N N 107 
GLN CA   C N S 108 
GLN C    C N N 109 
GLN O    O N N 110 
GLN CB   C N N 111 
GLN CG   C N N 112 
GLN CD   C N N 113 
GLN OE1  O N N 114 
GLN NE2  N N N 115 
GLN OXT  O N N 116 
GLN H    H N N 117 
GLN H2   H N N 118 
GLN HA   H N N 119 
GLN HB2  H N N 120 
GLN HB3  H N N 121 
GLN HG2  H N N 122 
GLN HG3  H N N 123 
GLN HE21 H N N 124 
GLN HE22 H N N 125 
GLN HXT  H N N 126 
GLU N    N N N 127 
GLU CA   C N S 128 
GLU C    C N N 129 
GLU O    O N N 130 
GLU CB   C N N 131 
GLU CG   C N N 132 
GLU CD   C N N 133 
GLU OE1  O N N 134 
GLU OE2  O N N 135 
GLU OXT  O N N 136 
GLU H    H N N 137 
GLU H2   H N N 138 
GLU HA   H N N 139 
GLU HB2  H N N 140 
GLU HB3  H N N 141 
GLU HG2  H N N 142 
GLU HG3  H N N 143 
GLU HE2  H N N 144 
GLU HXT  H N N 145 
GLY N    N N N 146 
GLY CA   C N N 147 
GLY C    C N N 148 
GLY O    O N N 149 
GLY OXT  O N N 150 
GLY H    H N N 151 
GLY H2   H N N 152 
GLY HA2  H N N 153 
GLY HA3  H N N 154 
GLY HXT  H N N 155 
GOL C1   C N N 156 
GOL O1   O N N 157 
GOL C2   C N N 158 
GOL O2   O N N 159 
GOL C3   C N N 160 
GOL O3   O N N 161 
GOL H11  H N N 162 
GOL H12  H N N 163 
GOL HO1  H N N 164 
GOL H2   H N N 165 
GOL HO2  H N N 166 
GOL H31  H N N 167 
GOL H32  H N N 168 
GOL HO3  H N N 169 
HIS N    N N N 170 
HIS CA   C N S 171 
HIS C    C N N 172 
HIS O    O N N 173 
HIS CB   C N N 174 
HIS CG   C Y N 175 
HIS ND1  N Y N 176 
HIS CD2  C Y N 177 
HIS CE1  C Y N 178 
HIS NE2  N Y N 179 
HIS OXT  O N N 180 
HIS H    H N N 181 
HIS H2   H N N 182 
HIS HA   H N N 183 
HIS HB2  H N N 184 
HIS HB3  H N N 185 
HIS HD1  H N N 186 
HIS HD2  H N N 187 
HIS HE1  H N N 188 
HIS HE2  H N N 189 
HIS HXT  H N N 190 
HOH O    O N N 191 
HOH H1   H N N 192 
HOH H2   H N N 193 
ILE N    N N N 194 
ILE CA   C N S 195 
ILE C    C N N 196 
ILE O    O N N 197 
ILE CB   C N S 198 
ILE CG1  C N N 199 
ILE CG2  C N N 200 
ILE CD1  C N N 201 
ILE OXT  O N N 202 
ILE H    H N N 203 
ILE H2   H N N 204 
ILE HA   H N N 205 
ILE HB   H N N 206 
ILE HG12 H N N 207 
ILE HG13 H N N 208 
ILE HG21 H N N 209 
ILE HG22 H N N 210 
ILE HG23 H N N 211 
ILE HD11 H N N 212 
ILE HD12 H N N 213 
ILE HD13 H N N 214 
ILE HXT  H N N 215 
LEU N    N N N 216 
LEU CA   C N S 217 
LEU C    C N N 218 
LEU O    O N N 219 
LEU CB   C N N 220 
LEU CG   C N N 221 
LEU CD1  C N N 222 
LEU CD2  C N N 223 
LEU OXT  O N N 224 
LEU H    H N N 225 
LEU H2   H N N 226 
LEU HA   H N N 227 
LEU HB2  H N N 228 
LEU HB3  H N N 229 
LEU HG   H N N 230 
LEU HD11 H N N 231 
LEU HD12 H N N 232 
LEU HD13 H N N 233 
LEU HD21 H N N 234 
LEU HD22 H N N 235 
LEU HD23 H N N 236 
LEU HXT  H N N 237 
LYS N    N N N 238 
LYS CA   C N S 239 
LYS C    C N N 240 
LYS O    O N N 241 
LYS CB   C N N 242 
LYS CG   C N N 243 
LYS CD   C N N 244 
LYS CE   C N N 245 
LYS NZ   N N N 246 
LYS OXT  O N N 247 
LYS H    H N N 248 
LYS H2   H N N 249 
LYS HA   H N N 250 
LYS HB2  H N N 251 
LYS HB3  H N N 252 
LYS HG2  H N N 253 
LYS HG3  H N N 254 
LYS HD2  H N N 255 
LYS HD3  H N N 256 
LYS HE2  H N N 257 
LYS HE3  H N N 258 
LYS HZ1  H N N 259 
LYS HZ2  H N N 260 
LYS HZ3  H N N 261 
LYS HXT  H N N 262 
MET N    N N N 263 
MET CA   C N S 264 
MET C    C N N 265 
MET O    O N N 266 
MET CB   C N N 267 
MET CG   C N N 268 
MET SD   S N N 269 
MET CE   C N N 270 
MET OXT  O N N 271 
MET H    H N N 272 
MET H2   H N N 273 
MET HA   H N N 274 
MET HB2  H N N 275 
MET HB3  H N N 276 
MET HG2  H N N 277 
MET HG3  H N N 278 
MET HE1  H N N 279 
MET HE2  H N N 280 
MET HE3  H N N 281 
MET HXT  H N N 282 
PEG C1   C N N 283 
PEG O1   O N N 284 
PEG C2   C N N 285 
PEG O2   O N N 286 
PEG C3   C N N 287 
PEG C4   C N N 288 
PEG O4   O N N 289 
PEG H11  H N N 290 
PEG H12  H N N 291 
PEG HO1  H N N 292 
PEG H21  H N N 293 
PEG H22  H N N 294 
PEG H31  H N N 295 
PEG H32  H N N 296 
PEG H41  H N N 297 
PEG H42  H N N 298 
PEG HO4  H N N 299 
PHE N    N N N 300 
PHE CA   C N S 301 
PHE C    C N N 302 
PHE O    O N N 303 
PHE CB   C N N 304 
PHE CG   C Y N 305 
PHE CD1  C Y N 306 
PHE CD2  C Y N 307 
PHE CE1  C Y N 308 
PHE CE2  C Y N 309 
PHE CZ   C Y N 310 
PHE OXT  O N N 311 
PHE H    H N N 312 
PHE H2   H N N 313 
PHE HA   H N N 314 
PHE HB2  H N N 315 
PHE HB3  H N N 316 
PHE HD1  H N N 317 
PHE HD2  H N N 318 
PHE HE1  H N N 319 
PHE HE2  H N N 320 
PHE HZ   H N N 321 
PHE HXT  H N N 322 
SER N    N N N 323 
SER CA   C N S 324 
SER C    C N N 325 
SER O    O N N 326 
SER CB   C N N 327 
SER OG   O N N 328 
SER OXT  O N N 329 
SER H    H N N 330 
SER H2   H N N 331 
SER HA   H N N 332 
SER HB2  H N N 333 
SER HB3  H N N 334 
SER HG   H N N 335 
SER HXT  H N N 336 
THR N    N N N 337 
THR CA   C N S 338 
THR C    C N N 339 
THR O    O N N 340 
THR CB   C N R 341 
THR OG1  O N N 342 
THR CG2  C N N 343 
THR OXT  O N N 344 
THR H    H N N 345 
THR H2   H N N 346 
THR HA   H N N 347 
THR HB   H N N 348 
THR HG1  H N N 349 
THR HG21 H N N 350 
THR HG22 H N N 351 
THR HG23 H N N 352 
THR HXT  H N N 353 
TRP N    N N N 354 
TRP CA   C N S 355 
TRP C    C N N 356 
TRP O    O N N 357 
TRP CB   C N N 358 
TRP CG   C Y N 359 
TRP CD1  C Y N 360 
TRP CD2  C Y N 361 
TRP NE1  N Y N 362 
TRP CE2  C Y N 363 
TRP CE3  C Y N 364 
TRP CZ2  C Y N 365 
TRP CZ3  C Y N 366 
TRP CH2  C Y N 367 
TRP OXT  O N N 368 
TRP H    H N N 369 
TRP H2   H N N 370 
TRP HA   H N N 371 
TRP HB2  H N N 372 
TRP HB3  H N N 373 
TRP HD1  H N N 374 
TRP HE1  H N N 375 
TRP HE3  H N N 376 
TRP HZ2  H N N 377 
TRP HZ3  H N N 378 
TRP HH2  H N N 379 
TRP HXT  H N N 380 
TYR N    N N N 381 
TYR CA   C N S 382 
TYR C    C N N 383 
TYR O    O N N 384 
TYR CB   C N N 385 
TYR CG   C Y N 386 
TYR CD1  C Y N 387 
TYR CD2  C Y N 388 
TYR CE1  C Y N 389 
TYR CE2  C Y N 390 
TYR CZ   C Y N 391 
TYR OH   O N N 392 
TYR OXT  O N N 393 
TYR H    H N N 394 
TYR H2   H N N 395 
TYR HA   H N N 396 
TYR HB2  H N N 397 
TYR HB3  H N N 398 
TYR HD1  H N N 399 
TYR HD2  H N N 400 
TYR HE1  H N N 401 
TYR HE2  H N N 402 
TYR HH   H N N 403 
TYR HXT  H N N 404 
VAL N    N N N 405 
VAL CA   C N S 406 
VAL C    C N N 407 
VAL O    O N N 408 
VAL CB   C N N 409 
VAL CG1  C N N 410 
VAL CG2  C N N 411 
VAL OXT  O N N 412 
VAL H    H N N 413 
VAL H2   H N N 414 
VAL HA   H N N 415 
VAL HB   H N N 416 
VAL HG11 H N N 417 
VAL HG12 H N N 418 
VAL HG13 H N N 419 
VAL HG21 H N N 420 
VAL HG22 H N N 421 
VAL HG23 H N N 422 
VAL HXT  H N N 423 
# 
loop_
_chem_comp_bond.comp_id 
_chem_comp_bond.atom_id_1 
_chem_comp_bond.atom_id_2 
_chem_comp_bond.value_order 
_chem_comp_bond.pdbx_aromatic_flag 
_chem_comp_bond.pdbx_stereo_config 
_chem_comp_bond.pdbx_ordinal 
ALA N   CA   sing N N 1   
ALA N   H    sing N N 2   
ALA N   H2   sing N N 3   
ALA CA  C    sing N N 4   
ALA CA  CB   sing N N 5   
ALA CA  HA   sing N N 6   
ALA C   O    doub N N 7   
ALA C   OXT  sing N N 8   
ALA CB  HB1  sing N N 9   
ALA CB  HB2  sing N N 10  
ALA CB  HB3  sing N N 11  
ALA OXT HXT  sing N N 12  
ARG N   CA   sing N N 13  
ARG N   H    sing N N 14  
ARG N   H2   sing N N 15  
ARG CA  C    sing N N 16  
ARG CA  CB   sing N N 17  
ARG CA  HA   sing N N 18  
ARG C   O    doub N N 19  
ARG C   OXT  sing N N 20  
ARG CB  CG   sing N N 21  
ARG CB  HB2  sing N N 22  
ARG CB  HB3  sing N N 23  
ARG CG  CD   sing N N 24  
ARG CG  HG2  sing N N 25  
ARG CG  HG3  sing N N 26  
ARG CD  NE   sing N N 27  
ARG CD  HD2  sing N N 28  
ARG CD  HD3  sing N N 29  
ARG NE  CZ   sing N N 30  
ARG NE  HE   sing N N 31  
ARG CZ  NH1  sing N N 32  
ARG CZ  NH2  doub N N 33  
ARG NH1 HH11 sing N N 34  
ARG NH1 HH12 sing N N 35  
ARG NH2 HH21 sing N N 36  
ARG NH2 HH22 sing N N 37  
ARG OXT HXT  sing N N 38  
ASN N   CA   sing N N 39  
ASN N   H    sing N N 40  
ASN N   H2   sing N N 41  
ASN CA  C    sing N N 42  
ASN CA  CB   sing N N 43  
ASN CA  HA   sing N N 44  
ASN C   O    doub N N 45  
ASN C   OXT  sing N N 46  
ASN CB  CG   sing N N 47  
ASN CB  HB2  sing N N 48  
ASN CB  HB3  sing N N 49  
ASN CG  OD1  doub N N 50  
ASN CG  ND2  sing N N 51  
ASN ND2 HD21 sing N N 52  
ASN ND2 HD22 sing N N 53  
ASN OXT HXT  sing N N 54  
ASP N   CA   sing N N 55  
ASP N   H    sing N N 56  
ASP N   H2   sing N N 57  
ASP CA  C    sing N N 58  
ASP CA  CB   sing N N 59  
ASP CA  HA   sing N N 60  
ASP C   O    doub N N 61  
ASP C   OXT  sing N N 62  
ASP CB  CG   sing N N 63  
ASP CB  HB2  sing N N 64  
ASP CB  HB3  sing N N 65  
ASP CG  OD1  doub N N 66  
ASP CG  OD2  sing N N 67  
ASP OD2 HD2  sing N N 68  
ASP OXT HXT  sing N N 69  
EPE N1  C2   sing N N 70  
EPE N1  C6   sing N N 71  
EPE N1  C9   sing N N 72  
EPE C2  C3   sing N N 73  
EPE C2  H21  sing N N 74  
EPE C2  H22  sing N N 75  
EPE C3  N4   sing N N 76  
EPE C3  H31  sing N N 77  
EPE C3  H32  sing N N 78  
EPE N4  C5   sing N N 79  
EPE N4  C7   sing N N 80  
EPE C5  C6   sing N N 81  
EPE C5  H51  sing N N 82  
EPE C5  H52  sing N N 83  
EPE C6  H61  sing N N 84  
EPE C6  H62  sing N N 85  
EPE C7  C8   sing N N 86  
EPE C7  H71  sing N N 87  
EPE C7  H72  sing N N 88  
EPE C8  O8   sing N N 89  
EPE C8  H81  sing N N 90  
EPE C8  H82  sing N N 91  
EPE O8  HO8  sing N N 92  
EPE C9  C10  sing N N 93  
EPE C9  H91  sing N N 94  
EPE C9  H92  sing N N 95  
EPE C10 S    sing N N 96  
EPE C10 H101 sing N N 97  
EPE C10 H102 sing N N 98  
EPE S   O1S  doub N N 99  
EPE S   O2S  doub N N 100 
EPE S   O3S  sing N N 101 
EPE O3S HOS3 sing N N 102 
GLN N   CA   sing N N 103 
GLN N   H    sing N N 104 
GLN N   H2   sing N N 105 
GLN CA  C    sing N N 106 
GLN CA  CB   sing N N 107 
GLN CA  HA   sing N N 108 
GLN C   O    doub N N 109 
GLN C   OXT  sing N N 110 
GLN CB  CG   sing N N 111 
GLN CB  HB2  sing N N 112 
GLN CB  HB3  sing N N 113 
GLN CG  CD   sing N N 114 
GLN CG  HG2  sing N N 115 
GLN CG  HG3  sing N N 116 
GLN CD  OE1  doub N N 117 
GLN CD  NE2  sing N N 118 
GLN NE2 HE21 sing N N 119 
GLN NE2 HE22 sing N N 120 
GLN OXT HXT  sing N N 121 
GLU N   CA   sing N N 122 
GLU N   H    sing N N 123 
GLU N   H2   sing N N 124 
GLU CA  C    sing N N 125 
GLU CA  CB   sing N N 126 
GLU CA  HA   sing N N 127 
GLU C   O    doub N N 128 
GLU C   OXT  sing N N 129 
GLU CB  CG   sing N N 130 
GLU CB  HB2  sing N N 131 
GLU CB  HB3  sing N N 132 
GLU CG  CD   sing N N 133 
GLU CG  HG2  sing N N 134 
GLU CG  HG3  sing N N 135 
GLU CD  OE1  doub N N 136 
GLU CD  OE2  sing N N 137 
GLU OE2 HE2  sing N N 138 
GLU OXT HXT  sing N N 139 
GLY N   CA   sing N N 140 
GLY N   H    sing N N 141 
GLY N   H2   sing N N 142 
GLY CA  C    sing N N 143 
GLY CA  HA2  sing N N 144 
GLY CA  HA3  sing N N 145 
GLY C   O    doub N N 146 
GLY C   OXT  sing N N 147 
GLY OXT HXT  sing N N 148 
GOL C1  O1   sing N N 149 
GOL C1  C2   sing N N 150 
GOL C1  H11  sing N N 151 
GOL C1  H12  sing N N 152 
GOL O1  HO1  sing N N 153 
GOL C2  O2   sing N N 154 
GOL C2  C3   sing N N 155 
GOL C2  H2   sing N N 156 
GOL O2  HO2  sing N N 157 
GOL C3  O3   sing N N 158 
GOL C3  H31  sing N N 159 
GOL C3  H32  sing N N 160 
GOL O3  HO3  sing N N 161 
HIS N   CA   sing N N 162 
HIS N   H    sing N N 163 
HIS N   H2   sing N N 164 
HIS CA  C    sing N N 165 
HIS CA  CB   sing N N 166 
HIS CA  HA   sing N N 167 
HIS C   O    doub N N 168 
HIS C   OXT  sing N N 169 
HIS CB  CG   sing N N 170 
HIS CB  HB2  sing N N 171 
HIS CB  HB3  sing N N 172 
HIS CG  ND1  sing Y N 173 
HIS CG  CD2  doub Y N 174 
HIS ND1 CE1  doub Y N 175 
HIS ND1 HD1  sing N N 176 
HIS CD2 NE2  sing Y N 177 
HIS CD2 HD2  sing N N 178 
HIS CE1 NE2  sing Y N 179 
HIS CE1 HE1  sing N N 180 
HIS NE2 HE2  sing N N 181 
HIS OXT HXT  sing N N 182 
HOH O   H1   sing N N 183 
HOH O   H2   sing N N 184 
ILE N   CA   sing N N 185 
ILE N   H    sing N N 186 
ILE N   H2   sing N N 187 
ILE CA  C    sing N N 188 
ILE CA  CB   sing N N 189 
ILE CA  HA   sing N N 190 
ILE C   O    doub N N 191 
ILE C   OXT  sing N N 192 
ILE CB  CG1  sing N N 193 
ILE CB  CG2  sing N N 194 
ILE CB  HB   sing N N 195 
ILE CG1 CD1  sing N N 196 
ILE CG1 HG12 sing N N 197 
ILE CG1 HG13 sing N N 198 
ILE CG2 HG21 sing N N 199 
ILE CG2 HG22 sing N N 200 
ILE CG2 HG23 sing N N 201 
ILE CD1 HD11 sing N N 202 
ILE CD1 HD12 sing N N 203 
ILE CD1 HD13 sing N N 204 
ILE OXT HXT  sing N N 205 
LEU N   CA   sing N N 206 
LEU N   H    sing N N 207 
LEU N   H2   sing N N 208 
LEU CA  C    sing N N 209 
LEU CA  CB   sing N N 210 
LEU CA  HA   sing N N 211 
LEU C   O    doub N N 212 
LEU C   OXT  sing N N 213 
LEU CB  CG   sing N N 214 
LEU CB  HB2  sing N N 215 
LEU CB  HB3  sing N N 216 
LEU CG  CD1  sing N N 217 
LEU CG  CD2  sing N N 218 
LEU CG  HG   sing N N 219 
LEU CD1 HD11 sing N N 220 
LEU CD1 HD12 sing N N 221 
LEU CD1 HD13 sing N N 222 
LEU CD2 HD21 sing N N 223 
LEU CD2 HD22 sing N N 224 
LEU CD2 HD23 sing N N 225 
LEU OXT HXT  sing N N 226 
LYS N   CA   sing N N 227 
LYS N   H    sing N N 228 
LYS N   H2   sing N N 229 
LYS CA  C    sing N N 230 
LYS CA  CB   sing N N 231 
LYS CA  HA   sing N N 232 
LYS C   O    doub N N 233 
LYS C   OXT  sing N N 234 
LYS CB  CG   sing N N 235 
LYS CB  HB2  sing N N 236 
LYS CB  HB3  sing N N 237 
LYS CG  CD   sing N N 238 
LYS CG  HG2  sing N N 239 
LYS CG  HG3  sing N N 240 
LYS CD  CE   sing N N 241 
LYS CD  HD2  sing N N 242 
LYS CD  HD3  sing N N 243 
LYS CE  NZ   sing N N 244 
LYS CE  HE2  sing N N 245 
LYS CE  HE3  sing N N 246 
LYS NZ  HZ1  sing N N 247 
LYS NZ  HZ2  sing N N 248 
LYS NZ  HZ3  sing N N 249 
LYS OXT HXT  sing N N 250 
MET N   CA   sing N N 251 
MET N   H    sing N N 252 
MET N   H2   sing N N 253 
MET CA  C    sing N N 254 
MET CA  CB   sing N N 255 
MET CA  HA   sing N N 256 
MET C   O    doub N N 257 
MET C   OXT  sing N N 258 
MET CB  CG   sing N N 259 
MET CB  HB2  sing N N 260 
MET CB  HB3  sing N N 261 
MET CG  SD   sing N N 262 
MET CG  HG2  sing N N 263 
MET CG  HG3  sing N N 264 
MET SD  CE   sing N N 265 
MET CE  HE1  sing N N 266 
MET CE  HE2  sing N N 267 
MET CE  HE3  sing N N 268 
MET OXT HXT  sing N N 269 
PEG C1  O1   sing N N 270 
PEG C1  C2   sing N N 271 
PEG C1  H11  sing N N 272 
PEG C1  H12  sing N N 273 
PEG O1  HO1  sing N N 274 
PEG C2  O2   sing N N 275 
PEG C2  H21  sing N N 276 
PEG C2  H22  sing N N 277 
PEG O2  C3   sing N N 278 
PEG C3  C4   sing N N 279 
PEG C3  H31  sing N N 280 
PEG C3  H32  sing N N 281 
PEG C4  O4   sing N N 282 
PEG C4  H41  sing N N 283 
PEG C4  H42  sing N N 284 
PEG O4  HO4  sing N N 285 
PHE N   CA   sing N N 286 
PHE N   H    sing N N 287 
PHE N   H2   sing N N 288 
PHE CA  C    sing N N 289 
PHE CA  CB   sing N N 290 
PHE CA  HA   sing N N 291 
PHE C   O    doub N N 292 
PHE C   OXT  sing N N 293 
PHE CB  CG   sing N N 294 
PHE CB  HB2  sing N N 295 
PHE CB  HB3  sing N N 296 
PHE CG  CD1  doub Y N 297 
PHE CG  CD2  sing Y N 298 
PHE CD1 CE1  sing Y N 299 
PHE CD1 HD1  sing N N 300 
PHE CD2 CE2  doub Y N 301 
PHE CD2 HD2  sing N N 302 
PHE CE1 CZ   doub Y N 303 
PHE CE1 HE1  sing N N 304 
PHE CE2 CZ   sing Y N 305 
PHE CE2 HE2  sing N N 306 
PHE CZ  HZ   sing N N 307 
PHE OXT HXT  sing N N 308 
SER N   CA   sing N N 309 
SER N   H    sing N N 310 
SER N   H2   sing N N 311 
SER CA  C    sing N N 312 
SER CA  CB   sing N N 313 
SER CA  HA   sing N N 314 
SER C   O    doub N N 315 
SER C   OXT  sing N N 316 
SER CB  OG   sing N N 317 
SER CB  HB2  sing N N 318 
SER CB  HB3  sing N N 319 
SER OG  HG   sing N N 320 
SER OXT HXT  sing N N 321 
THR N   CA   sing N N 322 
THR N   H    sing N N 323 
THR N   H2   sing N N 324 
THR CA  C    sing N N 325 
THR CA  CB   sing N N 326 
THR CA  HA   sing N N 327 
THR C   O    doub N N 328 
THR C   OXT  sing N N 329 
THR CB  OG1  sing N N 330 
THR CB  CG2  sing N N 331 
THR CB  HB   sing N N 332 
THR OG1 HG1  sing N N 333 
THR CG2 HG21 sing N N 334 
THR CG2 HG22 sing N N 335 
THR CG2 HG23 sing N N 336 
THR OXT HXT  sing N N 337 
TRP N   CA   sing N N 338 
TRP N   H    sing N N 339 
TRP N   H2   sing N N 340 
TRP CA  C    sing N N 341 
TRP CA  CB   sing N N 342 
TRP CA  HA   sing N N 343 
TRP C   O    doub N N 344 
TRP C   OXT  sing N N 345 
TRP CB  CG   sing N N 346 
TRP CB  HB2  sing N N 347 
TRP CB  HB3  sing N N 348 
TRP CG  CD1  doub Y N 349 
TRP CG  CD2  sing Y N 350 
TRP CD1 NE1  sing Y N 351 
TRP CD1 HD1  sing N N 352 
TRP CD2 CE2  doub Y N 353 
TRP CD2 CE3  sing Y N 354 
TRP NE1 CE2  sing Y N 355 
TRP NE1 HE1  sing N N 356 
TRP CE2 CZ2  sing Y N 357 
TRP CE3 CZ3  doub Y N 358 
TRP CE3 HE3  sing N N 359 
TRP CZ2 CH2  doub Y N 360 
TRP CZ2 HZ2  sing N N 361 
TRP CZ3 CH2  sing Y N 362 
TRP CZ3 HZ3  sing N N 363 
TRP CH2 HH2  sing N N 364 
TRP OXT HXT  sing N N 365 
TYR N   CA   sing N N 366 
TYR N   H    sing N N 367 
TYR N   H2   sing N N 368 
TYR CA  C    sing N N 369 
TYR CA  CB   sing N N 370 
TYR CA  HA   sing N N 371 
TYR C   O    doub N N 372 
TYR C   OXT  sing N N 373 
TYR CB  CG   sing N N 374 
TYR CB  HB2  sing N N 375 
TYR CB  HB3  sing N N 376 
TYR CG  CD1  doub Y N 377 
TYR CG  CD2  sing Y N 378 
TYR CD1 CE1  sing Y N 379 
TYR CD1 HD1  sing N N 380 
TYR CD2 CE2  doub Y N 381 
TYR CD2 HD2  sing N N 382 
TYR CE1 CZ   doub Y N 383 
TYR CE1 HE1  sing N N 384 
TYR CE2 CZ   sing Y N 385 
TYR CE2 HE2  sing N N 386 
TYR CZ  OH   sing N N 387 
TYR OH  HH   sing N N 388 
TYR OXT HXT  sing N N 389 
VAL N   CA   sing N N 390 
VAL N   H    sing N N 391 
VAL N   H2   sing N N 392 
VAL CA  C    sing N N 393 
VAL CA  CB   sing N N 394 
VAL CA  HA   sing N N 395 
VAL C   O    doub N N 396 
VAL C   OXT  sing N N 397 
VAL CB  CG1  sing N N 398 
VAL CB  CG2  sing N N 399 
VAL CB  HB   sing N N 400 
VAL CG1 HG11 sing N N 401 
VAL CG1 HG12 sing N N 402 
VAL CG1 HG13 sing N N 403 
VAL CG2 HG21 sing N N 404 
VAL CG2 HG22 sing N N 405 
VAL CG2 HG23 sing N N 406 
VAL OXT HXT  sing N N 407 
# 
_pdbx_audit_support.funding_organization   'National Research Foundation (NRF, Korea)' 
_pdbx_audit_support.country                'Korea, Republic Of' 
_pdbx_audit_support.grant_number           ? 
_pdbx_audit_support.ordinal                1 
# 
_atom_sites.entry_id                    6LTZ 
_atom_sites.Cartn_transf_matrix[1][1]   ? 
_atom_sites.Cartn_transf_matrix[1][2]   ? 
_atom_sites.Cartn_transf_matrix[1][3]   ? 
_atom_sites.Cartn_transf_matrix[2][1]   ? 
_atom_sites.Cartn_transf_matrix[2][2]   ? 
_atom_sites.Cartn_transf_matrix[2][3]   ? 
_atom_sites.Cartn_transf_matrix[3][1]   ? 
_atom_sites.Cartn_transf_matrix[3][2]   ? 
_atom_sites.Cartn_transf_matrix[3][3]   ? 
_atom_sites.Cartn_transf_vector[1]      ? 
_atom_sites.Cartn_transf_vector[2]      ? 
_atom_sites.Cartn_transf_vector[3]      ? 
_atom_sites.fract_transf_matrix[1][1]   -0.00617658 
_atom_sites.fract_transf_matrix[1][2]   0.00974020 
_atom_sites.fract_transf_matrix[1][3]   0.00281474 
_atom_sites.fract_transf_matrix[2][1]   0.00986850 
_atom_sites.fract_transf_matrix[2][2]   0.00653152 
_atom_sites.fract_transf_matrix[2][3]   -0.00094674 
_atom_sites.fract_transf_matrix[3][1]   -0.00318847 
_atom_sites.fract_transf_matrix[3][2]   0.00253287 
_atom_sites.fract_transf_matrix[3][3]   -0.01576147 
_atom_sites.fract_transf_vector[1]      -0.269182 
_atom_sites.fract_transf_vector[2]      -0.210711 
_atom_sites.fract_transf_vector[3]      0.249621 
_atom_sites.solution_primary            ? 
_atom_sites.solution_secondary          ? 
_atom_sites.solution_hydrogens          ? 
_atom_sites.special_details             ? 
# 
loop_
_atom_type.symbol 
C 
N 
O 
S 
# 
loop_
_atom_site.group_PDB 
_atom_site.id 
_atom_site.type_symbol 
_atom_site.label_atom_id 
_atom_site.label_alt_id 
_atom_site.label_comp_id 
_atom_site.label_asym_id 
_atom_site.label_entity_id 
_atom_site.label_seq_id 
_atom_site.pdbx_PDB_ins_code 
_atom_site.Cartn_x 
_atom_site.Cartn_y 
_atom_site.Cartn_z 
_atom_site.occupancy 
_atom_site.B_iso_or_equiv 
_atom_site.pdbx_formal_charge 
_atom_site.auth_seq_id 
_atom_site.auth_comp_id 
_atom_site.auth_asym_id 
_atom_site.auth_atom_id 
_atom_site.pdbx_PDB_model_num 
ATOM   1    N N   . VAL A 1 36  ? -12.502 -13.277 1.232   1.00 77.59  ?  36  VAL A N   1 
ATOM   2    C CA  . VAL A 1 36  ? -12.477 -11.848 1.519   1.00 81.48  ?  36  VAL A CA  1 
ATOM   3    C C   . VAL A 1 36  ? -11.183 -11.463 2.245   1.00 84.56  ?  36  VAL A C   1 
ATOM   4    O O   . VAL A 1 36  ? -10.814 -10.287 2.293   1.00 81.91  ?  36  VAL A O   1 
ATOM   5    C CB  . VAL A 1 36  ? -13.714 -11.428 2.349   1.00 82.74  ?  36  VAL A CB  1 
ATOM   6    C CG1 . VAL A 1 36  ? -13.527 -11.765 3.822   1.00 82.71  ?  36  VAL A CG1 1 
ATOM   7    C CG2 . VAL A 1 36  ? -13.999 -9.948  2.167   1.00 79.62  ?  36  VAL A CG2 1 
ATOM   8    N N   . LEU A 1 37  ? -10.496 -12.463 2.797   1.00 88.83  ?  37  LEU A N   1 
ATOM   9    C CA  . LEU A 1 37  ? -9.180  -12.271 3.414   1.00 88.96  ?  37  LEU A CA  1 
ATOM   10   C C   . LEU A 1 37  ? -8.114  -13.105 2.711   1.00 87.67  ?  37  LEU A C   1 
ATOM   11   O O   . LEU A 1 37  ? -8.378  -14.241 2.318   1.00 89.27  ?  37  LEU A O   1 
ATOM   12   C CB  . LEU A 1 37  ? -9.218  -12.635 4.901   1.00 82.51  ?  37  LEU A CB  1 
ATOM   13   C CG  . LEU A 1 37  ? -9.366  -11.494 5.913   1.00 80.12  ?  37  LEU A CG  1 
ATOM   14   C CD1 . LEU A 1 37  ? -10.781 -10.949 5.923   1.00 82.57  ?  37  LEU A CD1 1 
ATOM   15   C CD2 . LEU A 1 37  ? -8.956  -11.953 7.307   1.00 82.27  ?  37  LEU A CD2 1 
ATOM   16   N N   . ALA A 1 38  ? -6.907  -12.563 2.562   1.00 80.39  ?  38  ALA A N   1 
ATOM   17   C CA  . ALA A 1 38  ? -5.851  -13.314 1.878   1.00 77.24  ?  38  ALA A CA  1 
ATOM   18   C C   . ALA A 1 38  ? -4.455  -12.983 2.393   1.00 85.84  ?  38  ALA A C   1 
ATOM   19   O O   . ALA A 1 38  ? -3.938  -11.887 2.189   1.00 88.03  ?  38  ALA A O   1 
ATOM   20   C CB  . ALA A 1 38  ? -5.917  -13.078 0.396   1.00 74.35  ?  38  ALA A CB  1 
ATOM   21   N N   . HIS A 1 39  ? -3.848  -13.964 3.039   1.00 85.07  ?  39  HIS A N   1 
ATOM   22   C CA  . HIS A 1 39  ? -2.491  -13.857 3.536   1.00 90.88  ?  39  HIS A CA  1 
ATOM   23   C C   . HIS A 1 39  ? -1.465  -13.698 2.410   1.00 87.58  ?  39  HIS A C   1 
ATOM   24   O O   . HIS A 1 39  ? -0.431  -13.056 2.594   1.00 84.59  ?  39  HIS A O   1 
ATOM   25   C CB  . HIS A 1 39  ? -2.182  -15.093 4.396   1.00 98.49  ?  39  HIS A CB  1 
ATOM   26   C CG  . HIS A 1 39  ? -0.855  -15.047 5.087   1.00 104.62 ?  39  HIS A CG  1 
ATOM   27   N ND1 . HIS A 1 39  ? -0.144  -13.881 5.278   1.00 103.53 ?  39  HIS A ND1 1 
ATOM   28   C CD2 . HIS A 1 39  ? -0.113  -16.033 5.648   1.00 103.13 ?  39  HIS A CD2 1 
ATOM   29   C CE1 . HIS A 1 39  ? 0.982   -14.152 5.918   1.00 98.32  ?  39  HIS A CE1 1 
ATOM   30   N NE2 . HIS A 1 39  ? 1.021   -15.451 6.154   1.00 105.55 ?  39  HIS A NE2 1 
ATOM   31   N N   . ARG A 1 40  ? -1.798  -14.233 1.237   1.00 80.94  ?  40  ARG A N   1 
ATOM   32   C CA  . ARG A 1 40  ? -0.884  -14.298 0.098   1.00 73.59  ?  40  ARG A CA  1 
ATOM   33   C C   . ARG A 1 40  ? -1.446  -13.632 -1.182  1.00 63.69  ?  40  ARG A C   1 
ATOM   34   O O   . ARG A 1 40  ? -2.649  -13.698 -1.437  1.00 57.37  ?  40  ARG A O   1 
ATOM   35   C CB  . ARG A 1 40  ? -0.562  -15.769 -0.186  1.00 71.20  ?  40  ARG A CB  1 
ATOM   36   C CG  . ARG A 1 40  ? 0.893   -16.151 -0.156  1.00 74.34  ?  40  ARG A CG  1 
ATOM   37   C CD  . ARG A 1 40  ? 1.253   -16.965 1.094   1.00 86.17  ?  40  ARG A CD  1 
ATOM   38   N NE  . ARG A 1 40  ? 0.387   -18.126 1.303   1.00 97.40  ?  40  ARG A NE  1 
ATOM   39   C CZ  . ARG A 1 40  ? 0.416   -18.888 2.394   1.00 98.73  ?  40  ARG A CZ  1 
ATOM   40   N NH1 . ARG A 1 40  ? 1.277   -18.618 3.364   1.00 92.53  ?  40  ARG A NH1 1 
ATOM   41   N NH2 . ARG A 1 40  ? -0.409  -19.922 2.516   1.00 98.46  ?  40  ARG A NH2 1 
ATOM   42   N N   . LEU A 1 41  ? -0.591  -13.013 -1.997  1.00 54.97  ?  41  LEU A N   1 
ATOM   43   C CA  . LEU A 1 41  ? -1.066  -12.466 -3.269  1.00 47.14  ?  41  LEU A CA  1 
ATOM   44   C C   . LEU A 1 41  ? -1.541  -13.593 -4.185  1.00 45.21  ?  41  LEU A C   1 
ATOM   45   O O   . LEU A 1 41  ? -2.527  -13.447 -4.904  1.00 43.89  ?  41  LEU A O   1 
ATOM   46   C CB  . LEU A 1 41  ? 0.026   -11.649 -3.954  1.00 47.19  ?  41  LEU A CB  1 
ATOM   47   C CG  . LEU A 1 41  ? 0.396   -10.325 -3.282  1.00 45.14  ?  41  LEU A CG  1 
ATOM   48   C CD1 . LEU A 1 41  ? 1.564   -9.665  -3.994  1.00 48.86  ?  41  LEU A CD1 1 
ATOM   49   C CD2 . LEU A 1 41  ? -0.795  -9.385  -3.233  1.00 46.87  ?  41  LEU A CD2 1 
ATOM   50   N N   . ALA A 1 42  ? -0.837  -14.721 -4.140  1.00 42.51  ?  42  ALA A N   1 
ATOM   51   C CA  . ALA A 1 42  ? -1.160  -15.877 -4.971  1.00 44.68  ?  42  ALA A CA  1 
ATOM   52   C C   . ALA A 1 42  ? -2.583  -16.391 -4.734  1.00 42.54  ?  42  ALA A C   1 
ATOM   53   O O   . ALA A 1 42  ? -3.275  -16.765 -5.682  1.00 43.54  ?  42  ALA A O   1 
ATOM   54   C CB  . ALA A 1 42  ? -0.156  -16.986 -4.728  1.00 47.08  ?  42  ALA A CB  1 
ATOM   55   N N   . GLU A 1 43  ? -3.003  -16.411 -3.470  1.00 48.54  ?  43  GLU A N   1 
ATOM   56   C CA  . GLU A 1 43  ? -4.360  -16.808 -3.083  1.00 44.42  ?  43  GLU A CA  1 
ATOM   57   C C   . GLU A 1 43  ? -5.401  -16.021 -3.860  1.00 51.30  ?  43  GLU A C   1 
ATOM   58   O O   . GLU A 1 43  ? -6.364  -16.574 -4.401  1.00 40.30  ?  43  GLU A O   1 
ATOM   59   C CB  . GLU A 1 43  ? -4.582  -16.580 -1.587  1.00 59.41  ?  43  GLU A CB  1 
ATOM   60   C CG  . GLU A 1 43  ? -4.498  -17.814 -0.713  1.00 76.16  ?  43  GLU A CG  1 
ATOM   61   C CD  . GLU A 1 43  ? -4.691  -17.483 0.757   1.00 82.69  ?  43  GLU A CD  1 
ATOM   62   O OE1 . GLU A 1 43  ? -3.882  -16.705 1.306   1.00 75.92  ?  43  GLU A OE1 1 
ATOM   63   O OE2 . GLU A 1 43  ? -5.667  -17.983 1.357   1.00 84.32  ?  43  GLU A OE2 1 
ATOM   64   N N   . ILE A 1 44  ? -5.185  -14.712 -3.875  1.00 40.41  ?  44  ILE A N   1 
ATOM   65   C CA  . ILE A 1 44  ? -6.022  -13.761 -4.581  1.00 52.34  ?  44  ILE A CA  1 
ATOM   66   C C   . ILE A 1 44  ? -6.083  -14.078 -6.074  1.00 49.09  ?  44  ILE A C   1 
ATOM   67   O O   . ILE A 1 44  ? -7.166  -14.194 -6.645  1.00 43.75  ?  44  ILE A O   1 
ATOM   68   C CB  . ILE A 1 44  ? -5.493  -12.328 -4.361  1.00 49.96  ?  44  ILE A CB  1 
ATOM   69   C CG1 . ILE A 1 44  ? -5.636  -11.940 -2.889  1.00 63.54  ?  44  ILE A CG1 1 
ATOM   70   C CG2 . ILE A 1 44  ? -6.208  -11.335 -5.236  1.00 53.89  ?  44  ILE A CG2 1 
ATOM   71   C CD1 . ILE A 1 44  ? -4.946  -10.650 -2.521  1.00 58.82  ?  44  ILE A CD1 1 
ATOM   72   N N   . ARG A 1 45  ? -4.917  -14.232 -6.692  1.00 35.01  ?  45  ARG A N   1 
ATOM   73   C CA  . ARG A 1 45  ? -4.832  -14.528 -8.120  1.00 30.66  ?  45  ARG A CA  1 
ATOM   74   C C   . ARG A 1 45  ? -5.620  -15.786 -8.474  1.00 33.13  ?  45  ARG A C   1 
ATOM   75   O O   . ARG A 1 45  ? -6.424  -15.782 -9.404  1.00 37.42  ?  45  ARG A O   1 
ATOM   76   C CB  . ARG A 1 45  ? -3.368  -14.678 -8.554  1.00 31.03  ?  45  ARG A CB  1 
ATOM   77   C CG  . ARG A 1 45  ? -3.195  -15.099 -10.012 1.00 25.71  ?  45  ARG A CG  1 
ATOM   78   C CD  . ARG A 1 45  ? -1.753  -14.956 -10.490 1.00 28.33  ?  45  ARG A CD  1 
ATOM   79   N NE  . ARG A 1 45  ? -0.809  -15.720 -9.678  1.00 28.29  ?  45  ARG A NE  1 
ATOM   80   C CZ  . ARG A 1 45  ? -0.665  -17.041 -9.738  1.00 43.38  ?  45  ARG A CZ  1 
ATOM   81   N NH1 . ARG A 1 45  ? -1.414  -17.756 -10.568 1.00 25.56  ?  45  ARG A NH1 1 
ATOM   82   N NH2 . ARG A 1 45  ? 0.223   -17.647 -8.959  1.00 38.69  ?  45  ARG A NH2 1 
ATOM   83   N N   . LYS A 1 46  ? -5.411  -16.849 -7.704  1.00 32.69  ?  46  LYS A N   1 
ATOM   84   C CA  . LYS A 1 46  ? -5.987  -18.155 -8.018  1.00 42.45  ?  46  LYS A CA  1 
ATOM   85   C C   . LYS A 1 46  ? -7.502  -18.238 -7.815  1.00 47.47  ?  46  LYS A C   1 
ATOM   86   O O   . LYS A 1 46  ? -8.163  -19.082 -8.417  1.00 50.28  ?  46  LYS A O   1 
ATOM   87   C CB  . LYS A 1 46  ? -5.298  -19.239 -7.186  1.00 41.47  ?  46  LYS A CB  1 
ATOM   88   C CG  . LYS A 1 46  ? -3.844  -19.485 -7.574  1.00 51.46  ?  46  LYS A CG  1 
ATOM   89   C CD  . LYS A 1 46  ? -3.132  -20.356 -6.548  1.00 53.58  ?  46  LYS A CD  1 
ATOM   90   C CE  . LYS A 1 46  ? -2.230  -21.384 -7.217  1.00 59.69  ?  46  LYS A CE  1 
ATOM   91   N NZ  . LYS A 1 46  ? -0.814  -20.930 -7.311  1.00 61.91  ?  46  LYS A NZ  1 
ATOM   92   N N   . ALA A 1 47  ? -8.051  -17.366 -6.977  1.00 47.83  ?  47  ALA A N   1 
ATOM   93   C CA  . ALA A 1 47  ? -9.479  -17.416 -6.670  1.00 51.95  ?  47  ALA A CA  1 
ATOM   94   C C   . ALA A 1 47  ? -10.294 -16.500 -7.576  1.00 51.91  ?  47  ALA A C   1 
ATOM   95   O O   . ALA A 1 47  ? -11.500 -16.690 -7.747  1.00 52.86  ?  47  ALA A O   1 
ATOM   96   C CB  . ALA A 1 47  ? -9.716  -17.052 -5.215  1.00 60.56  ?  47  ALA A CB  1 
ATOM   97   N N   . LEU A 1 48  ? -9.600  -15.509 -8.134  1.00 48.31  ?  48  LEU A N   1 
ATOM   98   C CA  . LEU A 1 48  ? -10.295 -14.454 -8.905  1.00 51.16  ?  48  LEU A CA  1 
ATOM   99   C C   . LEU A 1 48  ? -10.160 -14.585 -10.412 1.00 53.62  ?  48  LEU A C   1 
ATOM   100  O O   . LEU A 1 48  ? -10.388 -13.583 -11.120 1.00 42.45  ?  48  LEU A O   1 
ATOM   101  C CB  . LEU A 1 48  ? -9.722  -13.105 -8.523  1.00 45.63  ?  48  LEU A CB  1 
ATOM   102  C CG  . LEU A 1 48  ? -10.322 -12.467 -7.270  1.00 61.26  ?  48  LEU A CG  1 
ATOM   103  C CD1 . LEU A 1 48  ? -10.284 -13.435 -6.098  1.00 56.67  ?  48  LEU A CD1 1 
ATOM   104  C CD2 . LEU A 1 48  ? -9.597  -11.177 -6.919  1.00 63.24  ?  48  LEU A CD2 1 
ATOM   105  N N   . GLY A 1 49  ? -9.807  -15.765 -10.871 1.00 43.28  ?  49  GLY A N   1 
ATOM   106  C CA  . GLY A 1 49  ? -9.631  -15.980 -12.289 1.00 37.22  ?  49  GLY A CA  1 
ATOM   107  C C   . GLY A 1 49  ? -8.584  -17.041 -12.516 1.00 34.02  ?  49  GLY A C   1 
ATOM   108  O O   . GLY A 1 49  ? -8.241  -17.793 -11.603 1.00 31.35  ?  49  GLY A O   1 
ATOM   109  N N   . HIS A 1 50  ? -8.064  -17.088 -13.734 1.00 25.28  ?  50  HIS A N   1 
ATOM   110  C CA  . HIS A 1 50  ? -7.194  -18.181 -14.132 1.00 23.96  ?  50  HIS A CA  1 
ATOM   111  C C   . HIS A 1 50  ? -5.849  -17.689 -14.631 1.00 25.21  ?  50  HIS A C   1 
ATOM   112  O O   . HIS A 1 50  ? -5.143  -18.404 -15.336 1.00 26.67  ?  50  HIS A O   1 
ATOM   113  C CB  . HIS A 1 50  ? -7.889  -19.024 -15.200 1.00 27.00  ?  50  HIS A CB  1 
ATOM   114  C CG  . HIS A 1 50  ? -9.170  -19.637 -14.729 1.00 38.91  ?  50  HIS A CG  1 
ATOM   115  N ND1 . HIS A 1 50  ? -10.396 -19.035 -14.907 1.00 35.47  ?  50  HIS A ND1 1 
ATOM   116  C CD2 . HIS A 1 50  ? -9.412  -20.793 -14.067 1.00 40.41  ?  50  HIS A CD2 1 
ATOM   117  C CE1 . HIS A 1 50  ? -11.340 -19.798 -14.385 1.00 47.51  ?  50  HIS A CE1 1 
ATOM   118  N NE2 . HIS A 1 50  ? -10.769 -20.870 -13.868 1.00 38.97  ?  50  HIS A NE2 1 
ATOM   119  N N   . ALA A 1 51  ? -5.485  -16.468 -14.252 1.00 23.62  ?  51  ALA A N   1 
ATOM   120  C CA  . ALA A 1 51  ? -4.188  -15.929 -14.639 1.00 22.74  ?  51  ALA A CA  1 
ATOM   121  C C   . ALA A 1 51  ? -3.071  -16.683 -13.935 1.00 23.60  ?  51  ALA A C   1 
ATOM   122  O O   . ALA A 1 51  ? -3.136  -16.920 -12.727 1.00 26.43  ?  51  ALA A O   1 
ATOM   123  C CB  . ALA A 1 51  ? -4.106  -14.435 -14.326 1.00 20.43  ?  51  ALA A CB  1 
ATOM   124  N N   . ARG A 1 52  ? -2.055  -17.066 -14.703 1.00 22.62  ?  52  ARG A N   1 
ATOM   125  C CA  . ARG A 1 52  ? -0.856  -17.684 -14.155 1.00 19.99  ?  52  ARG A CA  1 
ATOM   126  C C   . ARG A 1 52  ? 0.205   -16.615 -13.969 1.00 23.88  ?  52  ARG A C   1 
ATOM   127  O O   . ARG A 1 52  ? 0.012   -15.475 -14.387 1.00 25.59  ?  52  ARG A O   1 
ATOM   128  C CB  . ARG A 1 52  ? -0.349  -18.791 -15.081 1.00 22.19  ?  52  ARG A CB  1 
ATOM   129  C CG  . ARG A 1 52  ? -1.436  -19.749 -15.531 1.00 23.70  ?  52  ARG A CG  1 
ATOM   130  C CD  . ARG A 1 52  ? -1.886  -20.643 -14.392 1.00 36.56  ?  52  ARG A CD  1 
ATOM   131  N NE  . ARG A 1 52  ? -0.820  -21.542 -13.962 1.00 48.23  ?  52  ARG A NE  1 
ATOM   132  C CZ  . ARG A 1 52  ? -0.576  -22.725 -14.516 1.00 44.21  ?  52  ARG A CZ  1 
ATOM   133  N NH1 . ARG A 1 52  ? -1.321  -23.152 -15.527 1.00 40.05  ?  52  ARG A NH1 1 
ATOM   134  N NH2 . ARG A 1 52  ? 0.416   -23.478 -14.062 1.00 41.83  ?  52  ARG A NH2 1 
ATOM   135  N N   . GLN A 1 53  ? 1.332   -16.982 -13.367 1.00 23.02  ?  53  GLN A N   1 
ATOM   136  C CA  . GLN A 1 53  ? 2.371   -16.010 -13.039 1.00 24.22  ?  53  GLN A CA  1 
ATOM   137  C C   . GLN A 1 53  ? 2.933   -15.308 -14.262 1.00 26.90  ?  53  GLN A C   1 
ATOM   138  O O   . GLN A 1 53  ? 3.177   -14.104 -14.227 1.00 25.50  ?  53  GLN A O   1 
ATOM   139  C CB  . GLN A 1 53  ? 3.510   -16.677 -12.269 1.00 38.93  ?  53  GLN A CB  1 
ATOM   140  C CG  . GLN A 1 53  ? 3.259   -16.788 -10.778 1.00 34.42  ?  53  GLN A CG  1 
ATOM   141  C CD  . GLN A 1 53  ? 4.516   -17.150 -10.011 1.00 44.28  ?  53  GLN A CD  1 
ATOM   142  O OE1 . GLN A 1 53  ? 5.555   -17.443 -10.605 1.00 42.51  ?  53  GLN A OE1 1 
ATOM   143  N NE2 . GLN A 1 53  ? 4.429   -17.127 -8.686  1.00 43.67  ?  53  GLN A NE2 1 
ATOM   144  N N   . ALA A 1 54  ? 3.140   -16.057 -15.341 1.00 24.11  ?  54  ALA A N   1 
ATOM   145  C CA  . ALA A 1 54  ? 3.643   -15.471 -16.577 1.00 29.03  ?  54  ALA A CA  1 
ATOM   146  C C   . ALA A 1 54  ? 2.607   -14.549 -17.223 1.00 23.10  ?  54  ALA A C   1 
ATOM   147  O O   . ALA A 1 54  ? 2.966   -13.592 -17.900 1.00 24.23  ?  54  ALA A O   1 
ATOM   148  C CB  . ALA A 1 54  ? 4.065   -16.562 -17.551 1.00 28.06  ?  54  ALA A CB  1 
ATOM   149  N N   . ASP A 1 55  ? 1.324   -14.844 -17.030 1.00 23.44  ?  55  ASP A N   1 
ATOM   150  C CA  . ASP A 1 55  ? 0.273   -13.963 -17.544 1.00 29.19  ?  55  ASP A CA  1 
ATOM   151  C C   . ASP A 1 55  ? 0.355   -12.600 -16.861 1.00 23.49  ?  55  ASP A C   1 
ATOM   152  O O   . ASP A 1 55  ? 0.350   -11.562 -17.526 1.00 24.09  ?  55  ASP A O   1 
ATOM   153  C CB  . ASP A 1 55  ? -1.112  -14.576 -17.332 1.00 20.65  ?  55  ASP A CB  1 
ATOM   154  C CG  . ASP A 1 55  ? -1.290  -15.887 -18.076 1.00 23.16  ?  55  ASP A CG  1 
ATOM   155  O OD1 . ASP A 1 55  ? -0.740  -16.026 -19.193 1.00 24.75  ?  55  ASP A OD1 1 
ATOM   156  O OD2 . ASP A 1 55  ? -1.975  -16.781 -17.536 1.00 22.22  ?  55  ASP A OD2 1 
ATOM   157  N N   . VAL A 1 56  ? 0.443   -12.619 -15.534 1.00 26.02  ?  56  VAL A N   1 
ATOM   158  C CA  . VAL A 1 56  ? 0.550   -11.392 -14.744 1.00 22.61  ?  56  VAL A CA  1 
ATOM   159  C C   . VAL A 1 56  ? 1.836   -10.629 -15.052 1.00 26.78  ?  56  VAL A C   1 
ATOM   160  O O   . VAL A 1 56  ? 1.819   -9.403  -15.182 1.00 27.67  ?  56  VAL A O   1 
ATOM   161  C CB  . VAL A 1 56  ? 0.485   -11.686 -13.233 1.00 29.32  ?  56  VAL A CB  1 
ATOM   162  C CG1 . VAL A 1 56  ? 0.669   -10.398 -12.426 1.00 29.98  ?  56  VAL A CG1 1 
ATOM   163  C CG2 . VAL A 1 56  ? -0.842  -12.339 -12.885 1.00 29.74  ?  56  VAL A CG2 1 
ATOM   164  N N   . ALA A 1 57  ? 2.947   -11.350 -15.179 1.00 25.39  ?  57  ALA A N   1 
ATOM   165  C CA  . ALA A 1 57  ? 4.223   -10.713 -15.495 1.00 30.78  ?  57  ALA A CA  1 
ATOM   166  C C   . ALA A 1 57  ? 4.144   -9.960  -16.820 1.00 27.09  ?  57  ALA A C   1 
ATOM   167  O O   . ALA A 1 57  ? 4.656   -8.846  -16.942 1.00 31.69  ?  57  ALA A O   1 
ATOM   168  C CB  . ALA A 1 57  ? 5.351   -11.749 -15.533 1.00 28.92  ?  57  ALA A CB  1 
ATOM   169  N N   . ALA A 1 58  ? 3.499   -10.572 -17.809 1.00 24.47  ?  58  ALA A N   1 
ATOM   170  C CA  . ALA A 1 58  ? 3.350   -9.943  -19.117 1.00 25.25  ?  58  ALA A CA  1 
ATOM   171  C C   . ALA A 1 58  ? 2.474   -8.697  -19.025 1.00 25.73  ?  58  ALA A C   1 
ATOM   172  O O   . ALA A 1 58  ? 2.766   -7.676  -19.642 1.00 27.10  ?  58  ALA A O   1 
ATOM   173  C CB  . ALA A 1 58  ? 2.768   -10.922 -20.119 1.00 22.43  ?  58  ALA A CB  1 
ATOM   174  N N   . LEU A 1 59  ? 1.402   -8.791  -18.248 1.00 25.30  ?  59  LEU A N   1 
ATOM   175  C CA  . LEU A 1 59  ? 0.482   -7.672  -18.086 1.00 25.03  ?  59  LEU A CA  1 
ATOM   176  C C   . LEU A 1 59  ? 1.151   -6.496  -17.387 1.00 27.59  ?  59  LEU A C   1 
ATOM   177  O O   . LEU A 1 59  ? 0.910   -5.342  -17.744 1.00 27.50  ?  59  LEU A O   1 
ATOM   178  C CB  . LEU A 1 59  ? -0.765  -8.125  -17.319 1.00 20.37  ?  59  LEU A CB  1 
ATOM   179  C CG  . LEU A 1 59  ? -1.701  -8.983  -18.171 1.00 20.74  ?  59  LEU A CG  1 
ATOM   180  C CD1 . LEU A 1 59  ? -2.674  -9.780  -17.314 1.00 19.51  ?  59  LEU A CD1 1 
ATOM   181  C CD2 . LEU A 1 59  ? -2.458  -8.094  -19.148 1.00 21.61  ?  59  LEU A CD2 1 
ATOM   182  N N   . MET A 1 60  ? 1.996   -6.794  -16.404 1.00 25.25  ?  60  MET A N   1 
ATOM   183  C CA  . MET A 1 60  ? 2.726   -5.775  -15.648 1.00 27.84  ?  60  MET A CA  1 
ATOM   184  C C   . MET A 1 60  ? 3.958   -5.261  -16.386 1.00 35.35  ?  60  MET A C   1 
ATOM   185  O O   . MET A 1 60  ? 4.515   -4.221  -16.033 1.00 35.72  ?  60  MET A O   1 
ATOM   186  C CB  . MET A 1 60  ? 3.168   -6.329  -14.294 1.00 29.19  ?  60  MET A CB  1 
ATOM   187  C CG  . MET A 1 60  ? 2.050   -6.673  -13.341 1.00 24.42  ?  60  MET A CG  1 
ATOM   188  S SD  . MET A 1 60  ? 2.694   -7.403  -11.822 1.00 27.85  ?  60  MET A SD  1 
ATOM   189  C CE  . MET A 1 60  ? 3.627   -6.026  -11.150 1.00 28.53  ?  60  MET A CE  1 
ATOM   190  N N   . GLY A 1 61  ? 4.397   -6.004  -17.392 1.00 30.74  ?  61  GLY A N   1 
ATOM   191  C CA  . GLY A 1 61  ? 5.638   -5.692  -18.076 1.00 35.43  ?  61  GLY A CA  1 
ATOM   192  C C   . GLY A 1 61  ? 6.849   -5.853  -17.172 1.00 47.34  ?  61  GLY A C   1 
ATOM   193  O O   . GLY A 1 61  ? 7.771   -5.040  -17.210 1.00 46.50  ?  61  GLY A O   1 
ATOM   194  N N   . VAL A 1 62  ? 6.840   -6.895  -16.343 1.00 40.42  ?  62  VAL A N   1 
ATOM   195  C CA  . VAL A 1 62  ? 7.969   -7.188  -15.464 1.00 39.77  ?  62  VAL A CA  1 
ATOM   196  C C   . VAL A 1 62  ? 8.396   -8.645  -15.590 1.00 49.91  ?  62  VAL A C   1 
ATOM   197  O O   . VAL A 1 62  ? 7.734   -9.446  -16.254 1.00 37.15  ?  62  VAL A O   1 
ATOM   198  C CB  . VAL A 1 62  ? 7.644   -6.903  -13.981 1.00 51.10  ?  62  VAL A CB  1 
ATOM   199  C CG1 . VAL A 1 62  ? 7.225   -5.452  -13.788 1.00 46.36  ?  62  VAL A CG1 1 
ATOM   200  C CG2 . VAL A 1 62  ? 6.567   -7.854  -13.476 1.00 39.11  ?  62  VAL A CG2 1 
ATOM   201  N N   . SER A 1 63  ? 9.508   -8.977  -14.942 1.00 49.85  ?  63  SER A N   1 
ATOM   202  C CA  . SER A 1 63  ? 10.017  -10.342 -14.916 1.00 51.75  ?  63  SER A CA  1 
ATOM   203  C C   . SER A 1 63  ? 9.061   -11.276 -14.188 1.00 38.47  ?  63  SER A C   1 
ATOM   204  O O   . SER A 1 63  ? 8.329   -10.854 -13.296 1.00 43.61  ?  63  SER A O   1 
ATOM   205  C CB  . SER A 1 63  ? 11.391  -10.383 -14.241 1.00 44.72  ?  63  SER A CB  1 
ATOM   206  O OG  . SER A 1 63  ? 11.266  -10.591 -12.843 1.00 45.44  ?  63  SER A OG  1 
ATOM   207  N N   . GLN A 1 64  ? 9.076   -12.551 -14.559 1.00 46.09  ?  64  GLN A N   1 
ATOM   208  C CA  . GLN A 1 64  ? 8.354   -13.555 -13.791 1.00 45.73  ?  64  GLN A CA  1 
ATOM   209  C C   . GLN A 1 64  ? 9.002   -13.730 -12.427 1.00 36.30  ?  64  GLN A C   1 
ATOM   210  O O   . GLN A 1 64  ? 8.338   -14.094 -11.455 1.00 40.82  ?  64  GLN A O   1 
ATOM   211  C CB  . GLN A 1 64  ? 8.318   -14.882 -14.533 1.00 44.42  ?  64  GLN A CB  1 
ATOM   212  C CG  . GLN A 1 64  ? 7.676   -14.785 -15.884 1.00 38.17  ?  64  GLN A CG  1 
ATOM   213  C CD  . GLN A 1 64  ? 7.447   -16.138 -16.500 1.00 54.39  ?  64  GLN A CD  1 
ATOM   214  O OE1 . GLN A 1 64  ? 7.090   -17.096 -15.809 1.00 48.70  ?  64  GLN A OE1 1 
ATOM   215  N NE2 . GLN A 1 64  ? 7.649   -16.231 -17.810 1.00 50.88  ?  64  GLN A NE2 1 
ATOM   216  N N   . ALA A 1 65  ? 10.303  -13.467 -12.363 1.00 45.07  ?  65  ALA A N   1 
ATOM   217  C CA  . ALA A 1 65  ? 11.031  -13.514 -11.105 1.00 47.92  ?  65  ALA A CA  1 
ATOM   218  C C   . ALA A 1 65  ? 10.434  -12.516 -10.122 1.00 47.85  ?  65  ALA A C   1 
ATOM   219  O O   . ALA A 1 65  ? 10.109  -12.869 -8.986  1.00 49.24  ?  65  ALA A O   1 
ATOM   220  C CB  . ALA A 1 65  ? 12.507  -13.229 -11.331 1.00 46.61  ?  65  ALA A CB  1 
ATOM   221  N N   . ARG A 1 66  ? 10.274  -11.275 -10.573 1.00 48.43  ?  66  ARG A N   1 
ATOM   222  C CA  . ARG A 1 66  ? 9.674   -10.232 -9.751  1.00 46.86  ?  66  ARG A CA  1 
ATOM   223  C C   . ARG A 1 66  ? 8.286   -10.643 -9.265  1.00 40.45  ?  66  ARG A C   1 
ATOM   224  O O   . ARG A 1 66  ? 7.953   -10.453 -8.098  1.00 44.85  ?  66  ARG A O   1 
ATOM   225  C CB  . ARG A 1 66  ? 9.595   -8.914  -10.524 1.00 48.83  ?  66  ARG A CB  1 
ATOM   226  C CG  . ARG A 1 66  ? 8.678   -7.884  -9.887  1.00 62.59  ?  66  ARG A CG  1 
ATOM   227  C CD  . ARG A 1 66  ? 9.470   -6.869  -9.071  1.00 68.47  ?  66  ARG A CD  1 
ATOM   228  N NE  . ARG A 1 66  ? 10.174  -5.912  -9.922  1.00 80.00  ?  66  ARG A NE  1 
ATOM   229  C CZ  . ARG A 1 66  ? 9.599   -4.875  -10.525 1.00 84.85  ?  66  ARG A CZ  1 
ATOM   230  N NH1 . ARG A 1 66  ? 8.300   -4.647  -10.374 1.00 71.28  ?  66  ARG A NH1 1 
ATOM   231  N NH2 . ARG A 1 66  ? 10.324  -4.061  -11.281 1.00 83.50  ?  66  ARG A NH2 1 
ATOM   232  N N   . VAL A 1 67  ? 7.485   -11.221 -10.158 1.00 40.31  ?  67  VAL A N   1 
ATOM   233  C CA  . VAL A 1 67  ? 6.142   -11.662 -9.790  1.00 34.85  ?  67  VAL A CA  1 
ATOM   234  C C   . VAL A 1 67  ? 6.229   -12.795 -8.775  1.00 34.88  ?  67  VAL A C   1 
ATOM   235  O O   . VAL A 1 67  ? 5.441   -12.866 -7.833  1.00 32.23  ?  67  VAL A O   1 
ATOM   236  C CB  . VAL A 1 67  ? 5.327   -12.129 -11.020 1.00 28.79  ?  67  VAL A CB  1 
ATOM   237  C CG1 . VAL A 1 67  ? 4.012   -12.759 -10.583 1.00 30.60  ?  67  VAL A CG1 1 
ATOM   238  C CG2 . VAL A 1 67  ? 5.068   -10.963 -11.957 1.00 31.72  ?  67  VAL A CG2 1 
ATOM   239  N N   . SER A 1 68  ? 7.204   -13.673 -8.975  1.00 43.97  ?  68  SER A N   1 
ATOM   240  C CA  . SER A 1 68  ? 7.412   -14.792 -8.071  1.00 40.88  ?  68  SER A CA  1 
ATOM   241  C C   . SER A 1 68  ? 7.779   -14.281 -6.682  1.00 37.57  ?  68  SER A C   1 
ATOM   242  O O   . SER A 1 68  ? 7.226   -14.732 -5.680  1.00 40.52  ?  68  SER A O   1 
ATOM   243  C CB  . SER A 1 68  ? 8.497   -15.723 -8.609  1.00 46.85  ?  68  SER A CB  1 
ATOM   244  O OG  . SER A 1 68  ? 8.718   -16.807 -7.726  1.00 60.88  ?  68  SER A OG  1 
ATOM   245  N N   . LYS A 1 69  ? 8.700   -13.324 -6.628  1.00 46.56  ?  69  LYS A N   1 
ATOM   246  C CA  . LYS A 1 69  ? 9.098   -12.743 -5.350  1.00 50.87  ?  69  LYS A CA  1 
ATOM   247  C C   . LYS A 1 69  ? 7.942   -11.996 -4.695  1.00 42.99  ?  69  LYS A C   1 
ATOM   248  O O   . LYS A 1 69  ? 7.832   -11.967 -3.473  1.00 54.43  ?  69  LYS A O   1 
ATOM   249  C CB  . LYS A 1 69  ? 10.293  -11.807 -5.524  1.00 56.14  ?  69  LYS A CB  1 
ATOM   250  C CG  . LYS A 1 69  ? 11.496  -12.439 -6.209  1.00 69.37  ?  69  LYS A CG  1 
ATOM   251  C CD  . LYS A 1 69  ? 12.571  -11.405 -6.530  1.00 77.79  ?  69  LYS A CD  1 
ATOM   252  C CE  . LYS A 1 69  ? 12.008  -9.986  -6.534  1.00 82.10  ?  69  LYS A CE  1 
ATOM   253  N NZ  . LYS A 1 69  ? 12.785  -9.064  -7.409  1.00 85.81  ?  69  LYS A NZ  1 
ATOM   254  N N   . LEU A 1 70  ? 7.078   -11.402 -5.513  1.00 41.70  ?  70  LEU A N   1 
ATOM   255  C CA  . LEU A 1 70  ? 5.892   -10.719 -5.010  1.00 39.39  ?  70  LEU A CA  1 
ATOM   256  C C   . LEU A 1 70  ? 4.963   -11.672 -4.272  1.00 52.62  ?  70  LEU A C   1 
ATOM   257  O O   . LEU A 1 70  ? 4.448   -11.356 -3.199  1.00 47.97  ?  70  LEU A O   1 
ATOM   258  C CB  . LEU A 1 70  ? 5.121   -10.059 -6.158  1.00 46.37  ?  70  LEU A CB  1 
ATOM   259  C CG  . LEU A 1 70  ? 5.399   -8.597  -6.485  1.00 44.05  ?  70  LEU A CG  1 
ATOM   260  C CD1 . LEU A 1 70  ? 4.378   -8.090  -7.493  1.00 38.49  ?  70  LEU A CD1 1 
ATOM   261  C CD2 . LEU A 1 70  ? 5.362   -7.769  -5.220  1.00 41.48  ?  70  LEU A CD2 1 
ATOM   262  N N   . GLU A 1 71  ? 4.743   -12.841 -4.862  1.00 42.21  ?  71  GLU A N   1 
ATOM   263  C CA  . GLU A 1 71  ? 3.759   -13.774 -4.334  1.00 46.11  ?  71  GLU A CA  1 
ATOM   264  C C   . GLU A 1 71  ? 4.334   -14.657 -3.237  1.00 42.20  ?  71  GLU A C   1 
ATOM   265  O O   . GLU A 1 71  ? 3.590   -15.237 -2.449  1.00 58.38  ?  71  GLU A O   1 
ATOM   266  C CB  . GLU A 1 71  ? 3.195   -14.641 -5.462  1.00 49.43  ?  71  GLU A CB  1 
ATOM   267  C CG  . GLU A 1 71  ? 2.413   -13.855 -6.496  1.00 37.98  ?  71  GLU A CG  1 
ATOM   268  C CD  . GLU A 1 71  ? 1.714   -14.746 -7.503  1.00 48.86  ?  71  GLU A CD  1 
ATOM   269  O OE1 . GLU A 1 71  ? 0.862   -14.229 -8.261  1.00 37.48  ?  71  GLU A OE1 1 
ATOM   270  O OE2 . GLU A 1 71  ? 2.017   -15.958 -7.535  1.00 45.63  ?  71  GLU A OE2 1 
ATOM   271  N N   . SER A 1 72  ? 5.656   -14.757 -3.187  1.00 43.95  ?  72  SER A N   1 
ATOM   272  C CA  . SER A 1 72  ? 6.305   -15.626 -2.214  1.00 64.32  ?  72  SER A CA  1 
ATOM   273  C C   . SER A 1 72  ? 6.908   -14.823 -1.071  1.00 63.13  ?  72  SER A C   1 
ATOM   274  O O   . SER A 1 72  ? 6.626   -15.078 0.100   1.00 68.68  ?  72  SER A O   1 
ATOM   275  C CB  . SER A 1 72  ? 7.392   -16.472 -2.883  1.00 51.52  ?  72  SER A CB  1 
ATOM   276  O OG  . SER A 1 72  ? 8.494   -15.670 -3.278  1.00 57.72  ?  72  SER A OG  1 
ATOM   277  N N   . GLY A 1 73  ? 7.734   -13.846 -1.426  1.00 50.92  ?  73  GLY A N   1 
ATOM   278  C CA  . GLY A 1 73  ? 8.491   -13.093 -0.447  1.00 66.27  ?  73  GLY A CA  1 
ATOM   279  C C   . GLY A 1 73  ? 7.667   -12.173 0.428   1.00 57.62  ?  73  GLY A C   1 
ATOM   280  O O   . GLY A 1 73  ? 6.445   -12.091 0.311   1.00 63.17  ?  73  GLY A O   1 
ATOM   281  N N   . ASP A 1 74  ? 8.358   -11.479 1.321   1.00 62.92  ?  74  ASP A N   1 
ATOM   282  C CA  . ASP A 1 74  ? 7.739   -10.502 2.198   1.00 63.66  ?  74  ASP A CA  1 
ATOM   283  C C   . ASP A 1 74  ? 7.565   -9.170  1.468   1.00 53.96  ?  74  ASP A C   1 
ATOM   284  O O   . ASP A 1 74  ? 8.473   -8.710  0.774   1.00 53.40  ?  74  ASP A O   1 
ATOM   285  C CB  . ASP A 1 74  ? 8.583   -10.342 3.462   1.00 64.63  ?  74  ASP A CB  1 
ATOM   286  C CG  . ASP A 1 74  ? 8.398   -9.004  4.119   1.00 58.25  ?  74  ASP A CG  1 
ATOM   287  O OD1 . ASP A 1 74  ? 7.331   -8.773  4.729   1.00 62.65  ?  74  ASP A OD1 1 
ATOM   288  O OD2 . ASP A 1 74  ? 9.336   -8.188  4.030   1.00 65.87  ?  74  ASP A OD2 1 
ATOM   289  N N   . LEU A 1 75  ? 6.392   -8.561  1.620   1.00 42.61  ?  75  LEU A N   1 
ATOM   290  C CA  . LEU A 1 75  ? 6.044   -7.357  0.870   1.00 44.15  ?  75  LEU A CA  1 
ATOM   291  C C   . LEU A 1 75  ? 6.515   -6.051  1.505   1.00 41.79  ?  75  LEU A C   1 
ATOM   292  O O   . LEU A 1 75  ? 6.124   -4.977  1.055   1.00 33.48  ?  75  LEU A O   1 
ATOM   293  C CB  . LEU A 1 75  ? 4.530   -7.281  0.680   1.00 42.83  ?  75  LEU A CB  1 
ATOM   294  C CG  . LEU A 1 75  ? 3.845   -8.434  -0.048  1.00 45.73  ?  75  LEU A CG  1 
ATOM   295  C CD1 . LEU A 1 75  ? 2.356   -8.165  -0.140  1.00 43.38  ?  75  LEU A CD1 1 
ATOM   296  C CD2 . LEU A 1 75  ? 4.446   -8.623  -1.426  1.00 50.21  ?  75  LEU A CD2 1 
ATOM   297  N N   . SER A 1 76  ? 7.346   -6.136  2.541   1.00 37.00  ?  76  SER A N   1 
ATOM   298  C CA  . SER A 1 76  ? 7.763   -4.944  3.277   1.00 36.41  ?  76  SER A CA  1 
ATOM   299  C C   . SER A 1 76  ? 8.505   -3.943  2.409   1.00 29.78  ?  76  SER A C   1 
ATOM   300  O O   . SER A 1 76  ? 8.392   -2.738  2.620   1.00 32.61  ?  76  SER A O   1 
ATOM   301  C CB  . SER A 1 76  ? 8.643   -5.320  4.470   1.00 44.85  ?  76  SER A CB  1 
ATOM   302  O OG  . SER A 1 76  ? 7.950   -6.164  5.368   1.00 51.80  ?  76  SER A OG  1 
ATOM   303  N N   . HIS A 1 77  ? 9.271   -4.432  1.438   1.00 25.38  ?  77  HIS A N   1 
ATOM   304  C CA  . HIS A 1 77  ? 10.057  -3.535  0.604   1.00 25.21  ?  77  HIS A CA  1 
ATOM   305  C C   . HIS A 1 77  ? 9.442   -3.369  -0.786  1.00 29.03  ?  77  HIS A C   1 
ATOM   306  O O   . HIS A 1 77  ? 10.083  -2.868  -1.708  1.00 37.02  ?  77  HIS A O   1 
ATOM   307  C CB  . HIS A 1 77  ? 11.499  -4.036  0.513   1.00 32.98  ?  77  HIS A CB  1 
ATOM   308  C CG  . HIS A 1 77  ? 12.200  -4.072  1.837   1.00 40.56  ?  77  HIS A CG  1 
ATOM   309  N ND1 . HIS A 1 77  ? 12.176  -5.176  2.662   1.00 47.92  ?  77  HIS A ND1 1 
ATOM   310  C CD2 . HIS A 1 77  ? 12.920  -3.129  2.491   1.00 44.81  ?  77  HIS A CD2 1 
ATOM   311  C CE1 . HIS A 1 77  ? 12.863  -4.917  3.762   1.00 42.60  ?  77  HIS A CE1 1 
ATOM   312  N NE2 . HIS A 1 77  ? 13.326  -3.682  3.682   1.00 53.27  ?  77  HIS A NE2 1 
ATOM   313  N N   . THR A 1 78  ? 8.185   -3.771  -0.919  1.00 28.50  ?  78  THR A N   1 
ATOM   314  C CA  . THR A 1 78  ? 7.458   -3.605  -2.176  1.00 28.13  ?  78  THR A CA  1 
ATOM   315  C C   . THR A 1 78  ? 6.827   -2.216  -2.251  1.00 26.31  ?  78  THR A C   1 
ATOM   316  O O   . THR A 1 78  ? 6.149   -1.786  -1.314  1.00 24.08  ?  78  THR A O   1 
ATOM   317  C CB  . THR A 1 78  ? 6.372   -4.678  -2.328  1.00 26.54  ?  78  THR A CB  1 
ATOM   318  O OG1 . THR A 1 78  ? 6.985   -5.970  -2.304  1.00 33.97  ?  78  THR A OG1 1 
ATOM   319  C CG2 . THR A 1 78  ? 5.617   -4.508  -3.644  1.00 23.97  ?  78  THR A CG2 1 
ATOM   320  N N   . GLU A 1 79  ? 7.063   -1.508  -3.355  1.00 22.29  ?  79  GLU A N   1 
ATOM   321  C CA  . GLU A 1 79  ? 6.490   -0.176  -3.535  1.00 29.51  ?  79  GLU A CA  1 
ATOM   322  C C   . GLU A 1 79  ? 4.980   -0.250  -3.757  1.00 28.74  ?  79  GLU A C   1 
ATOM   323  O O   . GLU A 1 79  ? 4.479   -1.202  -4.359  1.00 23.27  ?  79  GLU A O   1 
ATOM   324  C CB  . GLU A 1 79  ? 7.155   0.547   -4.710  1.00 29.33  ?  79  GLU A CB  1 
ATOM   325  C CG  . GLU A 1 79  ? 8.662   0.708   -4.563  1.00 33.28  ?  79  GLU A CG  1 
ATOM   326  C CD  . GLU A 1 79  ? 9.275   1.577   -5.649  1.00 41.71  ?  79  GLU A CD  1 
ATOM   327  O OE1 . GLU A 1 79  ? 8.551   1.985   -6.580  1.00 34.54  ?  79  GLU A OE1 1 
ATOM   328  O OE2 . GLU A 1 79  ? 10.487  1.854   -5.566  1.00 45.48  ?  79  GLU A OE2 1 
ATOM   329  N N   . LEU A 1 80  ? 4.264   0.759   -3.271  1.00 20.77  ?  80  LEU A N   1 
ATOM   330  C CA  . LEU A 1 80  ? 2.813   0.830   -3.442  1.00 21.11  ?  80  LEU A CA  1 
ATOM   331  C C   . LEU A 1 80  ? 2.409   0.689   -4.907  1.00 23.42  ?  80  LEU A C   1 
ATOM   332  O O   . LEU A 1 80  ? 1.453   -0.016  -5.228  1.00 24.06  ?  80  LEU A O   1 
ATOM   333  C CB  . LEU A 1 80  ? 2.272   2.149   -2.887  1.00 23.49  ?  80  LEU A CB  1 
ATOM   334  C CG  . LEU A 1 80  ? 1.783   2.169   -1.439  1.00 38.72  ?  80  LEU A CG  1 
ATOM   335  C CD1 . LEU A 1 80  ? 2.687   1.366   -0.522  1.00 26.54  ?  80  LEU A CD1 1 
ATOM   336  C CD2 . LEU A 1 80  ? 1.629   3.604   -0.931  1.00 24.42  ?  80  LEU A CD2 1 
ATOM   337  N N   . GLY A 1 81  ? 3.144   1.366   -5.786  1.00 25.25  ?  81  GLY A N   1 
ATOM   338  C CA  . GLY A 1 81  ? 2.854   1.337   -7.208  1.00 26.12  ?  81  GLY A CA  1 
ATOM   339  C C   . GLY A 1 81  ? 3.014   -0.037  -7.827  1.00 26.54  ?  81  GLY A C   1 
ATOM   340  O O   . GLY A 1 81  ? 2.375   -0.352  -8.828  1.00 25.65  ?  81  GLY A O   1 
ATOM   341  N N   . THR A 1 82  ? 3.877   -0.859  -7.240  1.00 24.19  ?  82  THR A N   1 
ATOM   342  C CA  . THR A 1 82  ? 4.075   -2.217  -7.733  1.00 25.86  ?  82  THR A CA  1 
ATOM   343  C C   . THR A 1 82  ? 2.885   -3.087  -7.354  1.00 26.00  ?  82  THR A C   1 
ATOM   344  O O   . THR A 1 82  ? 2.377   -3.860  -8.173  1.00 23.12  ?  82  THR A O   1 
ATOM   345  C CB  . THR A 1 82  ? 5.379   -2.827  -7.188  1.00 26.90  ?  82  THR A CB  1 
ATOM   346  O OG1 . THR A 1 82  ? 6.486   -2.053  -7.656  1.00 31.01  ?  82  THR A OG1 1 
ATOM   347  C CG2 . THR A 1 82  ? 5.544   -4.254  -7.666  1.00 28.76  ?  82  THR A CG2 1 
ATOM   348  N N   . LEU A 1 83  ? 2.420   -2.939  -6.118  1.00 21.39  ?  83  LEU A N   1 
ATOM   349  C CA  . LEU A 1 83  ? 1.218   -3.632  -5.682  1.00 19.09  ?  83  LEU A CA  1 
ATOM   350  C C   . LEU A 1 83  ? 0.012   -3.162  -6.496  1.00 27.37  ?  83  LEU A C   1 
ATOM   351  O O   . LEU A 1 83  ? -0.856  -3.960  -6.849  1.00 21.04  ?  83  LEU A O   1 
ATOM   352  C CB  . LEU A 1 83  ? 0.971   -3.404  -4.189  1.00 23.29  ?  83  LEU A CB  1 
ATOM   353  C CG  . LEU A 1 83  ? -0.241  -4.118  -3.593  1.00 28.09  ?  83  LEU A CG  1 
ATOM   354  C CD1 . LEU A 1 83  ? -0.142  -5.623  -3.807  1.00 26.95  ?  83  LEU A CD1 1 
ATOM   355  C CD2 . LEU A 1 83  ? -0.377  -3.807  -2.103  1.00 31.83  ?  83  LEU A CD2 1 
ATOM   356  N N   . GLN A 1 84  ? -0.035  -1.867  -6.798  1.00 23.16  ?  84  GLN A N   1 
ATOM   357  C CA  . GLN A 1 84  ? -1.132  -1.318  -7.601  1.00 24.69  ?  84  GLN A CA  1 
ATOM   358  C C   . GLN A 1 84  ? -1.183  -2.003  -8.965  1.00 21.67  ?  84  GLN A C   1 
ATOM   359  O O   . GLN A 1 84  ? -2.253  -2.376  -9.446  1.00 22.68  ?  84  GLN A O   1 
ATOM   360  C CB  . GLN A 1 84  ? -0.976  0.198   -7.770  1.00 21.99  ?  84  GLN A CB  1 
ATOM   361  C CG  . GLN A 1 84  ? -2.228  0.929   -8.294  1.00 24.57  ?  84  GLN A CG  1 
ATOM   362  C CD  . GLN A 1 84  ? -2.377  0.868   -9.808  1.00 32.11  ?  84  GLN A CD  1 
ATOM   363  O OE1 . GLN A 1 84  ? -1.397  0.709   -10.536 1.00 30.16  ?  84  GLN A OE1 1 
ATOM   364  N NE2 . GLN A 1 84  ? -3.612  1.003   -10.289 1.00 34.03  ?  84  GLN A NE2 1 
ATOM   365  N N   . ALA A 1 85  ? -0.011  -2.180  -9.566  1.00 20.61  ?  85  ALA A N   1 
ATOM   366  C CA  . ALA A 1 85  ? 0.113   -2.746  -10.906 1.00 20.70  ?  85  ALA A CA  1 
ATOM   367  C C   . ALA A 1 85  ? -0.248  -4.224  -10.933 1.00 26.58  ?  85  ALA A C   1 
ATOM   368  O O   . ALA A 1 85  ? -0.831  -4.720  -11.902 1.00 23.06  ?  85  ALA A O   1 
ATOM   369  C CB  . ALA A 1 85  ? 1.526   -2.544  -11.428 1.00 22.43  ?  85  ALA A CB  1 
ATOM   370  N N   . TYR A 1 86  ? 0.117   -4.923  -9.867  1.00 22.47  ?  86  TYR A N   1 
ATOM   371  C CA  . TYR A 1 86  ? -0.192  -6.335  -9.729  1.00 21.34  ?  86  TYR A CA  1 
ATOM   372  C C   . TYR A 1 86  ? -1.702  -6.540  -9.636  1.00 28.79  ?  86  TYR A C   1 
ATOM   373  O O   . TYR A 1 86  ? -2.272  -7.337  -10.374 1.00 20.59  ?  86  TYR A O   1 
ATOM   374  C CB  . TYR A 1 86  ? 0.519   -6.910  -8.500  1.00 22.62  ?  86  TYR A CB  1 
ATOM   375  C CG  . TYR A 1 86  ? 0.218   -8.363  -8.228  1.00 22.50  ?  86  TYR A CG  1 
ATOM   376  C CD1 . TYR A 1 86  ? 0.977   -9.371  -8.810  1.00 23.14  ?  86  TYR A CD1 1 
ATOM   377  C CD2 . TYR A 1 86  ? -0.826  -8.726  -7.395  1.00 24.05  ?  86  TYR A CD2 1 
ATOM   378  C CE1 . TYR A 1 86  ? 0.700   -10.704 -8.560  1.00 26.16  ?  86  TYR A CE1 1 
ATOM   379  C CE2 . TYR A 1 86  ? -1.111  -10.051 -7.141  1.00 31.74  ?  86  TYR A CE2 1 
ATOM   380  C CZ  . TYR A 1 86  ? -0.343  -11.035 -7.728  1.00 27.00  ?  86  TYR A CZ  1 
ATOM   381  O OH  . TYR A 1 86  ? -0.627  -12.352 -7.468  1.00 32.68  ?  86  TYR A OH  1 
ATOM   382  N N   . VAL A 1 87  ? -2.351  -5.811  -8.729  1.00 21.14  ?  87  VAL A N   1 
ATOM   383  C CA  . VAL A 1 87  ? -3.798  -5.916  -8.578  1.00 20.01  ?  87  VAL A CA  1 
ATOM   384  C C   . VAL A 1 87  ? -4.507  -5.489  -9.866  1.00 21.31  ?  87  VAL A C   1 
ATOM   385  O O   . VAL A 1 87  ? -5.491  -6.105  -10.272 1.00 23.83  ?  87  VAL A O   1 
ATOM   386  C CB  . VAL A 1 87  ? -4.302  -5.075  -7.376  1.00 21.47  ?  87  VAL A CB  1 
ATOM   387  C CG1 . VAL A 1 87  ? -5.825  -5.047  -7.327  1.00 20.43  ?  87  VAL A CG1 1 
ATOM   388  C CG2 . VAL A 1 87  ? -3.738  -5.635  -6.071  1.00 21.02  ?  87  VAL A CG2 1 
ATOM   389  N N   . ALA A 1 88  ? -3.992  -4.453  -10.523 1.00 19.35  ?  88  ALA A N   1 
ATOM   390  C CA  . ALA A 1 88  ? -4.578  -3.994  -11.779 1.00 20.18  ?  88  ALA A CA  1 
ATOM   391  C C   . ALA A 1 88  ? -4.489  -5.066  -12.867 1.00 20.86  ?  88  ALA A C   1 
ATOM   392  O O   . ALA A 1 88  ? -5.404  -5.223  -13.678 1.00 19.84  ?  88  ALA A O   1 
ATOM   393  C CB  . ALA A 1 88  ? -3.905  -2.718  -12.245 1.00 21.00  ?  88  ALA A CB  1 
ATOM   394  N N   . ALA A 1 89  ? -3.390  -5.808  -12.881 1.00 21.54  ?  89  ALA A N   1 
ATOM   395  C CA  . ALA A 1 89  ? -3.205  -6.855  -13.881 1.00 22.97  ?  89  ALA A CA  1 
ATOM   396  C C   . ALA A 1 89  ? -4.190  -8.000  -13.656 1.00 23.22  ?  89  ALA A C   1 
ATOM   397  O O   . ALA A 1 89  ? -4.584  -8.688  -14.598 1.00 21.72  ?  89  ALA A O   1 
ATOM   398  C CB  . ALA A 1 89  ? -1.757  -7.365  -13.857 1.00 20.70  ?  89  ALA A CB  1 
ATOM   399  N N   . LEU A 1 90  ? -4.597  -8.194  -12.405 1.00 21.16  ?  90  LEU A N   1 
ATOM   400  C CA  . LEU A 1 90  ? -5.604  -9.195  -12.073 1.00 21.71  ?  90  LEU A CA  1 
ATOM   401  C C   . LEU A 1 90  ? -7.019  -8.710  -12.406 1.00 21.17  ?  90  LEU A C   1 
ATOM   402  O O   . LEU A 1 90  ? -7.985  -9.446  -12.249 1.00 21.33  ?  90  LEU A O   1 
ATOM   403  C CB  . LEU A 1 90  ? -5.519  -9.569  -10.592 1.00 29.58  ?  90  LEU A CB  1 
ATOM   404  C CG  . LEU A 1 90  ? -4.238  -10.288 -10.167 1.00 27.62  ?  90  LEU A CG  1 
ATOM   405  C CD1 . LEU A 1 90  ? -4.268  -10.608 -8.679  1.00 26.30  ?  90  LEU A CD1 1 
ATOM   406  C CD2 . LEU A 1 90  ? -4.052  -11.554 -10.992 1.00 24.15  ?  90  LEU A CD2 1 
ATOM   407  N N   . GLY A 1 91  ? -7.134  -7.470  -12.865 1.00 21.89  ?  91  GLY A N   1 
ATOM   408  C CA  . GLY A 1 91  ? -8.426  -6.906  -13.227 1.00 18.19  ?  91  GLY A CA  1 
ATOM   409  C C   . GLY A 1 91  ? -9.103  -6.176  -12.081 1.00 24.35  ?  91  GLY A C   1 
ATOM   410  O O   . GLY A 1 91  ? -10.272 -5.791  -12.175 1.00 22.09  ?  91  GLY A O   1 
ATOM   411  N N   . GLY A 1 92  ? -8.374  -5.979  -10.990 1.00 24.26  ?  92  GLY A N   1 
ATOM   412  C CA  . GLY A 1 92  ? -8.947  -5.330  -9.823  1.00 24.45  ?  92  GLY A CA  1 
ATOM   413  C C   . GLY A 1 92  ? -8.477  -3.911  -9.588  1.00 27.94  ?  92  GLY A C   1 
ATOM   414  O O   . GLY A 1 92  ? -7.729  -3.355  -10.384 1.00 20.82  ?  92  GLY A O   1 
ATOM   415  N N   . HIS A 1 93  ? -8.932  -3.327  -8.483  1.00 26.93  ?  93  HIS A N   1 
ATOM   416  C CA  . HIS A 1 93  ? -8.577  -1.957  -8.123  1.00 24.77  ?  93  HIS A CA  1 
ATOM   417  C C   . HIS A 1 93  ? -8.083  -1.909  -6.680  1.00 25.81  ?  93  HIS A C   1 
ATOM   418  O O   . HIS A 1 93  ? -8.815  -2.248  -5.750  1.00 30.08  ?  93  HIS A O   1 
ATOM   419  C CB  . HIS A 1 93  ? -9.774  -1.019  -8.305  1.00 31.64  ?  93  HIS A CB  1 
ATOM   420  C CG  . HIS A 1 93  ? -9.501  0.399   -7.911  1.00 40.84  ?  93  HIS A CG  1 
ATOM   421  N ND1 . HIS A 1 93  ? -8.558  1.181   -8.541  1.00 38.26  ?  93  HIS A ND1 1 
ATOM   422  C CD2 . HIS A 1 93  ? -10.055 1.178   -6.950  1.00 41.47  ?  93  HIS A CD2 1 
ATOM   423  C CE1 . HIS A 1 93  ? -8.540  2.380   -7.985  1.00 46.67  ?  93  HIS A CE1 1 
ATOM   424  N NE2 . HIS A 1 93  ? -9.440  2.404   -7.018  1.00 50.99  ?  93  HIS A NE2 1 
ATOM   425  N N   . LEU A 1 94  ? -6.833  -1.499  -6.509  1.00 25.24  ?  94  LEU A N   1 
ATOM   426  C CA  . LEU A 1 94  ? -6.234  -1.414  -5.188  1.00 23.26  ?  94  LEU A CA  1 
ATOM   427  C C   . LEU A 1 94  ? -6.729  -0.184  -4.445  1.00 23.74  ?  94  LEU A C   1 
ATOM   428  O O   . LEU A 1 94  ? -6.743  0.915   -4.995  1.00 25.45  ?  94  LEU A O   1 
ATOM   429  C CB  . LEU A 1 94  ? -4.711  -1.374  -5.299  1.00 28.14  ?  94  LEU A CB  1 
ATOM   430  C CG  . LEU A 1 94  ? -3.947  -1.183  -3.992  1.00 28.98  ?  94  LEU A CG  1 
ATOM   431  C CD1 . LEU A 1 94  ? -4.134  -2.394  -3.097  1.00 20.72  ?  94  LEU A CD1 1 
ATOM   432  C CD2 . LEU A 1 94  ? -2.474  -0.942  -4.282  1.00 23.21  ?  94  LEU A CD2 1 
ATOM   433  N N   . ARG A 1 95  ? -7.134  -0.377  -3.196  1.00 25.87  ?  95  ARG A N   1 
ATOM   434  C CA  . ARG A 1 95  ? -7.414  0.749   -2.311  1.00 29.28  ?  95  ARG A CA  1 
ATOM   435  C C   . ARG A 1 95  ? -6.642  0.571   -1.018  1.00 25.65  ?  95  ARG A C   1 
ATOM   436  O O   . ARG A 1 95  ? -6.573  -0.529  -0.471  1.00 28.53  ?  95  ARG A O   1 
ATOM   437  C CB  . ARG A 1 95  ? -8.912  0.881   -2.024  1.00 28.60  ?  95  ARG A CB  1 
ATOM   438  C CG  . ARG A 1 95  ? -9.728  1.324   -3.227  1.00 36.26  ?  95  ARG A CG  1 
ATOM   439  C CD  . ARG A 1 95  ? -11.222 1.281   -2.945  1.00 47.21  ?  95  ARG A CD  1 
ATOM   440  N NE  . ARG A 1 95  ? -11.682 2.419   -2.154  1.00 53.20  ?  95  ARG A NE  1 
ATOM   441  C CZ  . ARG A 1 95  ? -12.283 2.315   -0.974  1.00 62.03  ?  95  ARG A CZ  1 
ATOM   442  N NH1 . ARG A 1 95  ? -12.501 1.120   -0.440  1.00 54.40  ?  95  ARG A NH1 1 
ATOM   443  N NH2 . ARG A 1 95  ? -12.672 3.406   -0.328  1.00 63.55  ?  95  ARG A NH2 1 
ATOM   444  N N   . ILE A 1 96  ? -6.048  1.660   -0.547  1.00 25.32  ?  96  ILE A N   1 
ATOM   445  C CA  . ILE A 1 96  ? -5.346  1.652   0.726   1.00 24.62  ?  96  ILE A CA  1 
ATOM   446  C C   . ILE A 1 96  ? -5.943  2.724   1.620   1.00 23.93  ?  96  ILE A C   1 
ATOM   447  O O   . ILE A 1 96  ? -6.061  3.887   1.237   1.00 23.80  ?  96  ILE A O   1 
ATOM   448  C CB  . ILE A 1 96  ? -3.845  1.889   0.558   1.00 22.86  ?  96  ILE A CB  1 
ATOM   449  C CG1 . ILE A 1 96  ? -3.230  0.758   -0.267  1.00 25.64  ?  96  ILE A CG1 1 
ATOM   450  C CG2 . ILE A 1 96  ? -3.158  1.980   1.926   1.00 31.24  ?  96  ILE A CG2 1 
ATOM   451  C CD1 . ILE A 1 96  ? -1.761  0.930   -0.533  1.00 27.22  ?  96  ILE A CD1 1 
ATOM   452  N N   . VAL A 1 97  ? -6.333  2.306   2.812   1.00 24.62  ?  97  VAL A N   1 
ATOM   453  C CA  . VAL A 1 97  ? -6.980  3.195   3.753   1.00 31.87  ?  97  VAL A CA  1 
ATOM   454  C C   . VAL A 1 97  ? -6.199  3.199   5.059   1.00 25.37  ?  97  VAL A C   1 
ATOM   455  O O   . VAL A 1 97  ? -5.892  2.139   5.606   1.00 28.72  ?  97  VAL A O   1 
ATOM   456  C CB  . VAL A 1 97  ? -8.441  2.764   3.999   1.00 33.60  ?  97  VAL A CB  1 
ATOM   457  C CG1 . VAL A 1 97  ? -9.001  3.456   5.213   1.00 39.64  ?  97  VAL A CG1 1 
ATOM   458  C CG2 . VAL A 1 97  ? -9.296  3.046   2.764   1.00 30.52  ?  97  VAL A CG2 1 
ATOM   459  N N   . ALA A 1 98  ? -5.847  4.388   5.535   1.00 25.73  ?  98  ALA A N   1 
ATOM   460  C CA  . ALA A 1 98  ? -5.242  4.519   6.855   1.00 20.73  ?  98  ALA A CA  1 
ATOM   461  C C   . ALA A 1 98  ? -6.356  4.751   7.859   1.00 24.41  ?  98  ALA A C   1 
ATOM   462  O O   . ALA A 1 98  ? -7.017  5.786   7.827   1.00 23.99  ?  98  ALA A O   1 
ATOM   463  C CB  . ALA A 1 98  ? -4.234  5.652   6.882   1.00 20.24  ?  98  ALA A CB  1 
ATOM   464  N N   . GLU A 1 99  ? -6.586  3.777   8.732   1.00 24.39  ?  99  GLU A N   1 
ATOM   465  C CA  . GLU A 1 99  ? -7.708  3.863   9.655   1.00 29.18  ?  99  GLU A CA  1 
ATOM   466  C C   . GLU A 1 99  ? -7.281  4.428   11.003  1.00 27.60  ?  99  GLU A C   1 
ATOM   467  O O   . GLU A 1 99  ? -6.376  3.903   11.644  1.00 23.17  ?  99  GLU A O   1 
ATOM   468  C CB  . GLU A 1 99  ? -8.361  2.496   9.828   1.00 31.22  ?  99  GLU A CB  1 
ATOM   469  C CG  . GLU A 1 99  ? -9.009  1.987   8.553   1.00 38.54  ?  99  GLU A CG  1 
ATOM   470  C CD  . GLU A 1 99  ? -9.919  0.803   8.794   1.00 61.76  ?  99  GLU A CD  1 
ATOM   471  O OE1 . GLU A 1 99  ? -11.027 0.781   8.217   1.00 68.33  ?  99  GLU A OE1 1 
ATOM   472  O OE2 . GLU A 1 99  ? -9.527  -0.106  9.556   1.00 60.25  ?  99  GLU A OE2 1 
ATOM   473  N N   . PHE A 1 100 ? -7.940  5.505   11.420  1.00 24.59  ?  100 PHE A N   1 
ATOM   474  C CA  . PHE A 1 100 ? -7.587  6.182   12.663  1.00 26.53  ?  100 PHE A CA  1 
ATOM   475  C C   . PHE A 1 100 ? -8.782  6.269   13.617  1.00 31.31  ?  100 PHE A C   1 
ATOM   476  O O   . PHE A 1 100 ? -9.086  7.336   14.156  1.00 28.79  ?  100 PHE A O   1 
ATOM   477  C CB  . PHE A 1 100 ? -7.036  7.581   12.360  1.00 19.40  ?  100 PHE A CB  1 
ATOM   478  C CG  . PHE A 1 100 ? -5.740  7.574   11.580  1.00 24.61  ?  100 PHE A CG  1 
ATOM   479  C CD1 . PHE A 1 100 ? -4.562  7.150   12.172  1.00 21.45  ?  100 PHE A CD1 1 
ATOM   480  C CD2 . PHE A 1 100 ? -5.702  8.001   10.266  1.00 26.97  ?  100 PHE A CD2 1 
ATOM   481  C CE1 . PHE A 1 100 ? -3.371  7.136   11.465  1.00 21.73  ?  100 PHE A CE1 1 
ATOM   482  C CE2 . PHE A 1 100 ? -4.511  7.995   9.550   1.00 29.11  ?  100 PHE A CE2 1 
ATOM   483  C CZ  . PHE A 1 100 ? -3.341  7.563   10.157  1.00 27.65  ?  100 PHE A CZ  1 
ATOM   484  N N   . GLY A 1 101 ? -9.452  5.140   13.831  1.00 28.26  ?  101 GLY A N   1 
ATOM   485  C CA  . GLY A 1 101 ? -10.632 5.105   14.675  1.00 30.86  ?  101 GLY A CA  1 
ATOM   486  C C   . GLY A 1 101 ? -11.802 5.842   14.049  1.00 32.83  ?  101 GLY A C   1 
ATOM   487  O O   . GLY A 1 101 ? -12.334 5.411   13.028  1.00 33.78  ?  101 GLY A O   1 
ATOM   488  N N   . GLU A 1 102 ? -12.202 6.958   14.654  1.00 36.37  ?  102 GLU A N   1 
ATOM   489  C CA  . GLU A 1 102 ? -13.344 7.729   14.160  1.00 32.68  ?  102 GLU A CA  1 
ATOM   490  C C   . GLU A 1 102 ? -13.021 8.437   12.854  1.00 45.53  ?  102 GLU A C   1 
ATOM   491  O O   . GLU A 1 102 ? -13.919 8.893   12.146  1.00 52.85  ?  102 GLU A O   1 
ATOM   492  C CB  . GLU A 1 102 ? -13.797 8.765   15.189  1.00 45.57  ?  102 GLU A CB  1 
ATOM   493  C CG  . GLU A 1 102 ? -13.616 8.353   16.628  1.00 45.20  ?  102 GLU A CG  1 
ATOM   494  C CD  . GLU A 1 102 ? -14.841 7.697   17.219  1.00 61.79  ?  102 GLU A CD  1 
ATOM   495  O OE1 . GLU A 1 102 ? -15.024 7.801   18.452  1.00 60.93  ?  102 GLU A OE1 1 
ATOM   496  O OE2 . GLU A 1 102 ? -15.615 7.078   16.457  1.00 57.30  ?  102 GLU A OE2 1 
ATOM   497  N N   . ASN A 1 103 ? -11.734 8.536   12.543  1.00 30.94  ?  103 ASN A N   1 
ATOM   498  C CA  . ASN A 1 103 ? -11.300 9.205   11.330  1.00 24.46  ?  103 ASN A CA  1 
ATOM   499  C C   . ASN A 1 103 ? -10.561 8.264   10.393  1.00 32.29  ?  103 ASN A C   1 
ATOM   500  O O   . ASN A 1 103 ? -9.964  7.278   10.821  1.00 27.72  ?  103 ASN A O   1 
ATOM   501  C CB  . ASN A 1 103 ? -10.420 10.402  11.672  1.00 26.26  ?  103 ASN A CB  1 
ATOM   502  C CG  . ASN A 1 103 ? -11.153 11.436  12.500  1.00 41.49  ?  103 ASN A CG  1 
ATOM   503  O OD1 . ASN A 1 103 ? -11.022 11.473  13.722  1.00 31.31  ?  103 ASN A OD1 1 
ATOM   504  N ND2 . ASN A 1 103 ? -11.945 12.270  11.837  1.00 34.39  ?  103 ASN A ND2 1 
ATOM   505  N N   . THR A 1 104 ? -10.598 8.597   9.111   1.00 30.51  ?  104 THR A N   1 
ATOM   506  C CA  . THR A 1 104 ? -10.093 7.723   8.070   1.00 32.55  ?  104 THR A CA  1 
ATOM   507  C C   . THR A 1 104 ? -9.404  8.537   6.984   1.00 33.17  ?  104 THR A C   1 
ATOM   508  O O   . THR A 1 104 ? -9.891  9.594   6.599   1.00 33.81  ?  104 THR A O   1 
ATOM   509  C CB  . THR A 1 104 ? -11.243 6.897   7.464   1.00 36.86  ?  104 THR A CB  1 
ATOM   510  O OG1 . THR A 1 104 ? -11.679 5.922   8.418   1.00 52.16  ?  104 THR A OG1 1 
ATOM   511  C CG2 . THR A 1 104 ? -10.802 6.195   6.218   1.00 47.67  ?  104 THR A CG2 1 
ATOM   512  N N   . VAL A 1 105 ? -8.265  8.054   6.501   1.00 27.80  ?  105 VAL A N   1 
ATOM   513  C CA  . VAL A 1 105 ? -7.584  8.699   5.387   1.00 22.08  ?  105 VAL A CA  1 
ATOM   514  C C   . VAL A 1 105 ? -7.382  7.708   4.245   1.00 33.15  ?  105 VAL A C   1 
ATOM   515  O O   . VAL A 1 105 ? -6.713  6.691   4.414   1.00 28.14  ?  105 VAL A O   1 
ATOM   516  C CB  . VAL A 1 105 ? -6.211  9.271   5.799   1.00 26.73  ?  105 VAL A CB  1 
ATOM   517  C CG1 . VAL A 1 105 ? -5.598  10.041  4.644   1.00 22.52  ?  105 VAL A CG1 1 
ATOM   518  C CG2 . VAL A 1 105 ? -6.346  10.165  7.017   1.00 23.16  ?  105 VAL A CG2 1 
ATOM   519  N N   . GLU A 1 106 ? -7.962  7.992   3.086   1.00 28.62  ?  106 GLU A N   1 
ATOM   520  C CA  . GLU A 1 106 ? -7.744  7.121   1.937   1.00 25.95  ?  106 GLU A CA  1 
ATOM   521  C C   . GLU A 1 106 ? -6.650  7.674   1.042   1.00 26.15  ?  106 GLU A C   1 
ATOM   522  O O   . GLU A 1 106 ? -6.635  8.857   0.702   1.00 29.75  ?  106 GLU A O   1 
ATOM   523  C CB  . GLU A 1 106 ? -9.029  6.919   1.133   1.00 37.79  ?  106 GLU A CB  1 
ATOM   524  C CG  . GLU A 1 106 ? -8.790  6.181   -0.175  1.00 36.57  ?  106 GLU A CG  1 
ATOM   525  C CD  . GLU A 1 106 ? -9.960  5.315   -0.595  1.00 46.93  ?  106 GLU A CD  1 
ATOM   526  O OE1 . GLU A 1 106 ? -11.051 5.463   -0.008  1.00 49.16  ?  106 GLU A OE1 1 
ATOM   527  O OE2 . GLU A 1 106 ? -9.782  4.488   -1.516  1.00 39.99  ?  106 GLU A OE2 1 
ATOM   528  N N   . LEU A 1 107 ? -5.723  6.803   0.670   1.00 22.82  ?  107 LEU A N   1 
ATOM   529  C CA  . LEU A 1 107 ? -4.615  7.185   -0.190  1.00 22.67  ?  107 LEU A CA  1 
ATOM   530  C C   . LEU A 1 107 ? -5.051  7.157   -1.648  1.00 26.84  ?  107 LEU A C   1 
ATOM   531  O O   . LEU A 1 107 ? -5.762  6.249   -2.073  1.00 37.71  ?  107 LEU A O   1 
ATOM   532  C CB  . LEU A 1 107 ? -3.421  6.250   0.017   1.00 25.65  ?  107 LEU A CB  1 
ATOM   533  C CG  . LEU A 1 107 ? -2.544  6.412   1.262   1.00 34.20  ?  107 LEU A CG  1 
ATOM   534  C CD1 . LEU A 1 107 ? -3.328  6.235   2.553   1.00 27.46  ?  107 LEU A CD1 1 
ATOM   535  C CD2 . LEU A 1 107 ? -1.389  5.422   1.208   1.00 29.19  ?  107 LEU A CD2 1 
ATOM   536  N N   . THR A 1 108 ? -4.618  8.155   -2.404  1.00 29.12  ?  108 THR A N   1 
ATOM   537  C CA  . THR A 1 108 ? -4.856  8.195   -3.838  1.00 34.94  ?  108 THR A CA  1 
ATOM   538  C C   . THR A 1 108 ? -3.510  8.297   -4.535  1.00 30.11  ?  108 THR A C   1 
ATOM   539  O O   . THR A 1 108 ? -2.480  8.360   -3.872  1.00 42.01  ?  108 THR A O   1 
ATOM   540  C CB  . THR A 1 108 ? -5.763  9.376   -4.233  1.00 44.02  ?  108 THR A CB  1 
ATOM   541  O OG1 . THR A 1 108 ? -5.066  10.607  -4.015  1.00 40.52  ?  108 THR A OG1 1 
ATOM   542  C CG2 . THR A 1 108 ? -7.035  9.372   -3.397  1.00 40.50  ?  108 THR A CG2 1 
ATOM   543  N N   . ALA A 1 109 ? -3.522  8.305   -5.865  1.00 38.27  ?  109 ALA A N   1 
ATOM   544  C CA  . ALA A 1 109 ? -2.294  8.382   -6.663  1.00 44.92  ?  109 ALA A CA  1 
ATOM   545  C C   . ALA A 1 109 ? -1.340  7.227   -6.362  1.00 36.47  ?  109 ALA A C   1 
ATOM   546  O O   . ALA A 1 109 ? -0.126  7.417   -6.284  1.00 41.48  ?  109 ALA A O   1 
ATOM   547  C CB  . ALA A 1 109 ? -1.589  9.725   -6.436  1.00 45.59  ?  109 ALA A CB  1 
ATOM   548  N N   . LEU A 1 110 ? -1.886  6.028   -6.198  1.00 38.96  ?  110 LEU A N   1 
ATOM   549  C CA  . LEU A 1 110 ? -1.063  4.861   -5.892  1.00 30.65  ?  110 LEU A CA  1 
ATOM   550  C C   . LEU A 1 110 ? -0.352  4.321   -7.126  1.00 36.72  ?  110 LEU A C   1 
ATOM   551  O O   . LEU A 1 110 ? 0.565   3.509   -7.016  1.00 33.94  ?  110 LEU A O   1 
ATOM   552  C CB  . LEU A 1 110 ? -1.913  3.757   -5.262  1.00 33.49  ?  110 LEU A CB  1 
ATOM   553  C CG  . LEU A 1 110 ? -2.115  3.752   -3.744  1.00 42.50  ?  110 LEU A CG  1 
ATOM   554  C CD1 . LEU A 1 110 ? -1.718  5.069   -3.094  1.00 35.77  ?  110 LEU A CD1 1 
ATOM   555  C CD2 . LEU A 1 110 ? -3.545  3.365   -3.396  1.00 34.40  ?  110 LEU A CD2 1 
ATOM   556  N N   . GLU A 1 111 ? -0.772  4.772   -8.302  1.00 39.97  ?  111 GLU A N   1 
ATOM   557  C CA  . GLU A 1 111 ? -0.213  4.257   -9.548  1.00 38.08  ?  111 GLU A CA  1 
ATOM   558  C C   . GLU A 1 111 ? 1.107   4.936   -9.918  1.00 41.30  ?  111 GLU A C   1 
ATOM   559  O O   . GLU A 1 111 ? 1.246   6.153   -9.794  1.00 43.25  ?  111 GLU A O   1 
ATOM   560  C CB  . GLU A 1 111 ? -1.226  4.425   -10.684 1.00 43.11  ?  111 GLU A CB  1 
ATOM   561  C CG  . GLU A 1 111 ? -0.747  3.919   -12.031 1.00 54.76  ?  111 GLU A CG  1 
ATOM   562  C CD  . GLU A 1 111 ? -1.829  3.981   -13.096 1.00 72.70  ?  111 GLU A CD  1 
ATOM   563  O OE1 . GLU A 1 111 ? -2.976  4.351   -12.763 1.00 62.77  ?  111 GLU A OE1 1 
ATOM   564  O OE2 . GLU A 1 111 ? -1.531  3.661   -14.266 1.00 79.79  ?  111 GLU A OE2 1 
ATOM   565  N N   . HIS A 1 112 ? 2.074   4.135   -10.361 1.00 35.02  ?  112 HIS A N   1 
ATOM   566  C CA  . HIS A 1 112 ? 3.312   4.643   -10.946 1.00 46.11  ?  112 HIS A CA  1 
ATOM   567  C C   . HIS A 1 112 ? 3.048   5.439   -12.224 1.00 52.63  ?  112 HIS A C   1 
ATOM   568  O O   . HIS A 1 112 ? 2.067   5.181   -12.925 1.00 51.98  ?  112 HIS A O   1 
ATOM   569  C CB  . HIS A 1 112 ? 4.273   3.492   -11.292 1.00 39.40  ?  112 HIS A CB  1 
ATOM   570  C CG  . HIS A 1 112 ? 4.973   2.883   -10.114 1.00 41.87  ?  112 HIS A CG  1 
ATOM   571  N ND1 . HIS A 1 112 ? 5.249   1.534   -10.036 1.00 38.93  ?  112 HIS A ND1 1 
ATOM   572  C CD2 . HIS A 1 112 ? 5.482   3.436   -8.989  1.00 30.80  ?  112 HIS A CD2 1 
ATOM   573  C CE1 . HIS A 1 112 ? 5.885   1.280   -8.906  1.00 39.79  ?  112 HIS A CE1 1 
ATOM   574  N NE2 . HIS A 1 112 ? 6.040   2.417   -8.251  1.00 41.67  ?  112 HIS A NE2 1 
ATOM   575  N N   . HIS A 1 113 ? 3.927   6.405   -12.498 1.00 61.68  ?  113 HIS A N   1 
ATOM   576  C CA  . HIS A 1 113 ? 4.153   6.961   -13.839 1.00 77.81  ?  113 HIS A CA  1 
ATOM   577  C C   . HIS A 1 113 ? 5.145   8.112   -13.753 1.00 70.60  ?  113 HIS A C   1 
ATOM   578  O O   . HIS A 1 113 ? 4.803   9.203   -13.305 1.00 70.83  ?  113 HIS A O   1 
ATOM   579  C CB  . HIS A 1 113 ? 2.863   7.445   -14.508 1.00 86.86  ?  113 HIS A CB  1 
ATOM   580  C CG  . HIS A 1 113 ? 2.731   7.010   -15.936 1.00 101.82 ?  113 HIS A CG  1 
ATOM   581  N ND1 . HIS A 1 113 ? 3.618   7.395   -16.918 1.00 107.05 ?  113 HIS A ND1 1 
ATOM   582  C CD2 . HIS A 1 113 ? 1.820   6.212   -16.544 1.00 103.22 ?  113 HIS A CD2 1 
ATOM   583  C CE1 . HIS A 1 113 ? 3.257   6.859   -18.070 1.00 110.71 ?  113 HIS A CE1 1 
ATOM   584  N NE2 . HIS A 1 113 ? 2.168   6.137   -17.871 1.00 110.69 ?  113 HIS A NE2 1 
ATOM   585  N N   . ASP B 1 34  ? -16.512 9.815   6.866   1.00 82.88  ?  34  ASP B N   1 
ATOM   586  C CA  . ASP B 1 34  ? -16.122 10.354  5.569   1.00 84.79  ?  34  ASP B CA  1 
ATOM   587  C C   . ASP B 1 34  ? -14.613 10.559  5.502   1.00 77.39  ?  34  ASP B C   1 
ATOM   588  O O   . ASP B 1 34  ? -14.071 11.488  6.103   1.00 65.50  ?  34  ASP B O   1 
ATOM   589  C CB  . ASP B 1 34  ? -16.852 11.669  5.291   1.00 78.41  ?  34  ASP B CB  1 
ATOM   590  C CG  . ASP B 1 34  ? -17.101 11.896  3.812   1.00 86.14  ?  34  ASP B CG  1 
ATOM   591  O OD1 . ASP B 1 34  ? -18.233 11.638  3.349   1.00 86.29  ?  34  ASP B OD1 1 
ATOM   592  O OD2 . ASP B 1 34  ? -16.161 12.325  3.112   1.00 87.81  -1 34  ASP B OD2 1 
ATOM   593  N N   . ALA B 1 35  ? -13.946 9.676   4.767   1.00 70.31  ?  35  ALA B N   1 
ATOM   594  C CA  . ALA B 1 35  ? -12.499 9.709   4.631   1.00 55.22  ?  35  ALA B CA  1 
ATOM   595  C C   . ALA B 1 35  ? -12.007 10.990  3.966   1.00 61.94  ?  35  ALA B C   1 
ATOM   596  O O   . ALA B 1 35  ? -12.617 11.480  3.014   1.00 58.94  ?  35  ALA B O   1 
ATOM   597  C CB  . ALA B 1 35  ? -12.025 8.498   3.839   1.00 50.42  ?  35  ALA B CB  1 
ATOM   598  N N   . VAL B 1 36  ? -10.904 11.531  4.472   1.00 46.24  ?  36  VAL B N   1 
ATOM   599  C CA  . VAL B 1 36  ? -10.195 12.585  3.765   1.00 42.45  ?  36  VAL B CA  1 
ATOM   600  C C   . VAL B 1 36  ? -9.253  11.901  2.779   1.00 37.21  ?  36  VAL B C   1 
ATOM   601  O O   . VAL B 1 36  ? -8.859  10.754  2.990   1.00 37.28  ?  36  VAL B O   1 
ATOM   602  C CB  . VAL B 1 36  ? -9.412  13.518  4.721   1.00 48.79  ?  36  VAL B CB  1 
ATOM   603  C CG1 . VAL B 1 36  ? -10.165 13.687  6.031   1.00 49.39  ?  36  VAL B CG1 1 
ATOM   604  C CG2 . VAL B 1 36  ? -8.009  12.996  4.976   1.00 36.70  ?  36  VAL B CG2 1 
ATOM   605  N N   . LEU B 1 37  ? -8.907  12.584  1.696   1.00 38.45  ?  37  LEU B N   1 
ATOM   606  C CA  . LEU B 1 37  ? -8.042  11.985  0.687   1.00 46.24  ?  37  LEU B CA  1 
ATOM   607  C C   . LEU B 1 37  ? -6.606  12.468  0.829   1.00 44.41  ?  37  LEU B C   1 
ATOM   608  O O   . LEU B 1 37  ? -6.357  13.656  1.040   1.00 44.08  ?  37  LEU B O   1 
ATOM   609  C CB  . LEU B 1 37  ? -8.553  12.293  -0.721  1.00 45.86  ?  37  LEU B CB  1 
ATOM   610  C CG  . LEU B 1 37  ? -9.965  11.811  -1.052  1.00 47.24  ?  37  LEU B CG  1 
ATOM   611  C CD1 . LEU B 1 37  ? -10.261 12.046  -2.524  1.00 52.22  ?  37  LEU B CD1 1 
ATOM   612  C CD2 . LEU B 1 37  ? -10.142 10.346  -0.690  1.00 39.34  ?  37  LEU B CD2 1 
ATOM   613  N N   . ALA B 1 38  ? -5.664  11.538  0.711   1.00 31.99  ?  38  ALA B N   1 
ATOM   614  C CA  . ALA B 1 38  ? -4.249  11.881  0.751   1.00 31.74  ?  38  ALA B CA  1 
ATOM   615  C C   . ALA B 1 38  ? -3.557  11.457  -0.538  1.00 33.28  ?  38  ALA B C   1 
ATOM   616  O O   . ALA B 1 38  ? -3.552  10.279  -0.893  1.00 35.67  ?  38  ALA B O   1 
ATOM   617  C CB  . ALA B 1 38  ? -3.573  11.231  1.956   1.00 25.44  ?  38  ALA B CB  1 
ATOM   618  N N   . HIS B 1 39  ? -2.978  12.427  -1.237  1.00 36.28  ?  39  HIS B N   1 
ATOM   619  C CA  . HIS B 1 39  ? -2.209  12.160  -2.446  1.00 36.75  ?  39  HIS B CA  1 
ATOM   620  C C   . HIS B 1 39  ? -0.735  12.042  -2.090  1.00 35.86  ?  39  HIS B C   1 
ATOM   621  O O   . HIS B 1 39  ? 0.076   11.562  -2.879  1.00 34.56  ?  39  HIS B O   1 
ATOM   622  C CB  . HIS B 1 39  ? -2.422  13.271  -3.480  1.00 46.56  ?  39  HIS B CB  1 
ATOM   623  C CG  . HIS B 1 39  ? -3.811  13.828  -3.486  1.00 53.64  ?  39  HIS B CG  1 
ATOM   624  N ND1 . HIS B 1 39  ? -4.237  14.777  -2.580  1.00 67.41  ?  39  HIS B ND1 1 
ATOM   625  C CD2 . HIS B 1 39  ? -4.874  13.569  -4.285  1.00 64.91  ?  39  HIS B CD2 1 
ATOM   626  C CE1 . HIS B 1 39  ? -5.501  15.077  -2.820  1.00 72.46  ?  39  HIS B CE1 1 
ATOM   627  N NE2 . HIS B 1 39  ? -5.911  14.358  -3.850  1.00 77.78  ?  39  HIS B NE2 1 
ATOM   628  N N   . ARG B 1 40  ? -0.402  12.495  -0.886  1.00 34.37  ?  40  ARG B N   1 
ATOM   629  C CA  . ARG B 1 40  ? 0.973   12.533  -0.419  1.00 32.75  ?  40  ARG B CA  1 
ATOM   630  C C   . ARG B 1 40  ? 1.053   12.001  1.003   1.00 25.72  ?  40  ARG B C   1 
ATOM   631  O O   . ARG B 1 40  ? 0.103   12.125  1.773   1.00 26.13  ?  40  ARG B O   1 
ATOM   632  C CB  . ARG B 1 40  ? 1.530   13.960  -0.475  1.00 35.15  ?  40  ARG B CB  1 
ATOM   633  C CG  . ARG B 1 40  ? 1.300   14.682  -1.795  1.00 48.62  ?  40  ARG B CG  1 
ATOM   634  C CD  . ARG B 1 40  ? 2.149   15.942  -1.886  1.00 54.60  ?  40  ARG B CD  1 
ATOM   635  N NE  . ARG B 1 40  ? 3.548   15.660  -1.574  1.00 68.42  ?  40  ARG B NE  1 
ATOM   636  C CZ  . ARG B 1 40  ? 4.341   14.895  -2.320  1.00 67.15  ?  40  ARG B CZ  1 
ATOM   637  N NH1 . ARG B 1 40  ? 3.873   14.330  -3.425  1.00 68.07  1  40  ARG B NH1 1 
ATOM   638  N NH2 . ARG B 1 40  ? 5.600   14.689  -1.957  1.00 52.99  ?  40  ARG B NH2 1 
ATOM   639  N N   . LEU B 1 41  ? 2.195   11.416  1.344   1.00 27.78  ?  41  LEU B N   1 
ATOM   640  C CA  . LEU B 1 41  ? 2.398   10.836  2.667   1.00 26.90  ?  41  LEU B CA  1 
ATOM   641  C C   . LEU B 1 41  ? 2.128   11.843  3.784   1.00 28.25  ?  41  LEU B C   1 
ATOM   642  O O   . LEU B 1 41  ? 1.421   11.544  4.744   1.00 25.73  ?  41  LEU B O   1 
ATOM   643  C CB  . LEU B 1 41  ? 3.822   10.301  2.782   1.00 33.08  ?  41  LEU B CB  1 
ATOM   644  C CG  . LEU B 1 41  ? 4.086   9.332   3.926   1.00 29.14  ?  41  LEU B CG  1 
ATOM   645  C CD1 . LEU B 1 41  ? 3.257   8.070   3.744   1.00 23.69  ?  41  LEU B CD1 1 
ATOM   646  C CD2 . LEU B 1 41  ? 5.567   9.010   3.988   1.00 34.17  ?  41  LEU B CD2 1 
ATOM   647  N N   . ALA B 1 42  ? 2.676   13.047  3.643   1.00 27.19  ?  42  ALA B N   1 
ATOM   648  C CA  . ALA B 1 42  ? 2.525   14.082  4.666   1.00 27.00  ?  42  ALA B CA  1 
ATOM   649  C C   . ALA B 1 42  ? 1.061   14.442  4.918   1.00 27.07  ?  42  ALA B C   1 
ATOM   650  O O   . ALA B 1 42  ? 0.695   14.844  6.017   1.00 23.47  ?  42  ALA B O   1 
ATOM   651  C CB  . ALA B 1 42  ? 3.318   15.325  4.274   1.00 25.42  ?  42  ALA B CB  1 
ATOM   652  N N   . GLU B 1 43  ? 0.214   14.277  3.904   1.00 22.02  ?  43  GLU B N   1 
ATOM   653  C CA  . GLU B 1 43  ? -1.196  14.608  4.056   1.00 21.68  ?  43  GLU B CA  1 
ATOM   654  C C   . GLU B 1 43  ? -1.913  13.640  4.995   1.00 23.76  ?  43  GLU B C   1 
ATOM   655  O O   . GLU B 1 43  ? -2.945  13.977  5.570   1.00 23.14  ?  43  GLU B O   1 
ATOM   656  C CB  . GLU B 1 43  ? -1.885  14.637  2.689   1.00 26.08  ?  43  GLU B CB  1 
ATOM   657  C CG  . GLU B 1 43  ? -1.453  15.825  1.841   1.00 30.02  ?  43  GLU B CG  1 
ATOM   658  C CD  . GLU B 1 43  ? -2.089  15.835  0.466   1.00 53.44  ?  43  GLU B CD  1 
ATOM   659  O OE1 . GLU B 1 43  ? -2.833  14.885  0.141   1.00 47.87  ?  43  GLU B OE1 1 
ATOM   660  O OE2 . GLU B 1 43  ? -1.842  16.794  -0.295  1.00 73.02  -1 43  GLU B OE2 1 
ATOM   661  N N   . ILE B 1 44  ? -1.365  12.439  5.158   1.00 24.63  ?  44  ILE B N   1 
ATOM   662  C CA  . ILE B 1 44  ? -1.913  11.502  6.135   1.00 18.75  ?  44  ILE B CA  1 
ATOM   663  C C   . ILE B 1 44  ? -1.722  12.059  7.543   1.00 22.54  ?  44  ILE B C   1 
ATOM   664  O O   . ILE B 1 44  ? -2.657  12.125  8.344   1.00 23.61  ?  44  ILE B O   1 
ATOM   665  C CB  . ILE B 1 44  ? -1.249  10.121  6.035   1.00 21.05  ?  44  ILE B CB  1 
ATOM   666  C CG1 . ILE B 1 44  ? -1.415  9.551   4.624   1.00 25.14  ?  44  ILE B CG1 1 
ATOM   667  C CG2 . ILE B 1 44  ? -1.834  9.187   7.076   1.00 24.93  ?  44  ILE B CG2 1 
ATOM   668  C CD1 . ILE B 1 44  ? -0.710  8.221   4.417   1.00 23.33  ?  44  ILE B CD1 1 
ATOM   669  N N   . ARG B 1 45  ? -0.491  12.463  7.832   1.00 21.10  ?  45  ARG B N   1 
ATOM   670  C CA  . ARG B 1 45  ? -0.147  13.065  9.116   1.00 22.25  ?  45  ARG B CA  1 
ATOM   671  C C   . ARG B 1 45  ? -0.931  14.355  9.372   1.00 24.72  ?  45  ARG B C   1 
ATOM   672  O O   . ARG B 1 45  ? -1.490  14.559  10.452  1.00 22.71  ?  45  ARG B O   1 
ATOM   673  C CB  . ARG B 1 45  ? 1.360   13.333  9.158   1.00 27.58  ?  45  ARG B CB  1 
ATOM   674  C CG  . ARG B 1 45  ? 1.842   14.129  10.353  1.00 35.08  ?  45  ARG B CG  1 
ATOM   675  C CD  . ARG B 1 45  ? 3.371   14.208  10.387  1.00 27.97  ?  45  ARG B CD  1 
ATOM   676  N NE  . ARG B 1 45  ? 3.953   14.954  9.269   1.00 24.77  ?  45  ARG B NE  1 
ATOM   677  C CZ  . ARG B 1 45  ? 3.961   16.281  9.179   1.00 36.23  ?  45  ARG B CZ  1 
ATOM   678  N NH1 . ARG B 1 45  ? 3.390   17.014  10.125  1.00 31.33  1  45  ARG B NH1 1 
ATOM   679  N NH2 . ARG B 1 45  ? 4.526   16.876  8.136   1.00 26.11  ?  45  ARG B NH2 1 
ATOM   680  N N   . LYS B 1 46  ? -0.987  15.222  8.366   1.00 25.14  ?  46  LYS B N   1 
ATOM   681  C CA  . LYS B 1 46  ? -1.649  16.513  8.518   1.00 25.73  ?  46  LYS B CA  1 
ATOM   682  C C   . LYS B 1 46  ? -3.144  16.358  8.779   1.00 29.85  ?  46  LYS B C   1 
ATOM   683  O O   . LYS B 1 46  ? -3.753  17.201  9.426   1.00 32.89  ?  46  LYS B O   1 
ATOM   684  C CB  . LYS B 1 46  ? -1.405  17.385  7.282   1.00 25.36  ?  46  LYS B CB  1 
ATOM   685  C CG  . LYS B 1 46  ? 0.047   17.799  7.115   1.00 34.30  ?  46  LYS B CG  1 
ATOM   686  C CD  . LYS B 1 46  ? 0.275   18.571  5.820   1.00 38.65  ?  46  LYS B CD  1 
ATOM   687  C CE  . LYS B 1 46  ? 1.749   18.887  5.639   1.00 50.03  ?  46  LYS B CE  1 
ATOM   688  N NZ  . LYS B 1 46  ? 2.020   19.766  4.471   1.00 61.55  1  46  LYS B NZ  1 
ATOM   689  N N   . ALA B 1 47  ? -3.730  15.268  8.294   1.00 29.18  ?  47  ALA B N   1 
ATOM   690  C CA  . ALA B 1 47  ? -5.143  14.994  8.533   1.00 24.10  ?  47  ALA B CA  1 
ATOM   691  C C   . ALA B 1 47  ? -5.454  14.786  10.017  1.00 26.84  ?  47  ALA B C   1 
ATOM   692  O O   . ALA B 1 47  ? -6.577  15.038  10.454  1.00 26.15  ?  47  ALA B O   1 
ATOM   693  C CB  . ALA B 1 47  ? -5.589  13.777  7.735   1.00 25.05  ?  47  ALA B CB  1 
ATOM   694  N N   . LEU B 1 48  ? -4.469  14.322  10.784  1.00 26.68  ?  48  LEU B N   1 
ATOM   695  C CA  . LEU B 1 48  ? -4.659  14.109  12.222  1.00 26.45  ?  48  LEU B CA  1 
ATOM   696  C C   . LEU B 1 48  ? -4.451  15.386  13.028  1.00 22.64  ?  48  LEU B C   1 
ATOM   697  O O   . LEU B 1 48  ? -5.030  15.543  14.102  1.00 26.59  ?  48  LEU B O   1 
ATOM   698  C CB  . LEU B 1 48  ? -3.710  13.034  12.755  1.00 26.03  ?  48  LEU B CB  1 
ATOM   699  C CG  . LEU B 1 48  ? -3.914  11.604  12.264  1.00 40.09  ?  48  LEU B CG  1 
ATOM   700  C CD1 . LEU B 1 48  ? -2.890  10.712  12.930  1.00 33.57  ?  48  LEU B CD1 1 
ATOM   701  C CD2 . LEU B 1 48  ? -5.329  11.138  12.585  1.00 34.91  ?  48  LEU B CD2 1 
ATOM   702  N N   . GLY B 1 49  ? -3.597  16.269  12.520  1.00 24.64  ?  49  GLY B N   1 
ATOM   703  C CA  . GLY B 1 49  ? -3.426  17.597  13.081  1.00 32.91  ?  49  GLY B CA  1 
ATOM   704  C C   . GLY B 1 49  ? -2.418  17.727  14.211  1.00 34.52  ?  49  GLY B C   1 
ATOM   705  O O   . GLY B 1 49  ? -1.621  18.667  14.229  1.00 33.21  ?  49  GLY B O   1 
ATOM   706  N N   . HIS B 1 50  ? -2.455  16.799  15.160  1.00 32.05  ?  50  HIS B N   1 
ATOM   707  C CA  . HIS B 1 50  ? -1.649  16.937  16.376  1.00 35.55  ?  50  HIS B CA  1 
ATOM   708  C C   . HIS B 1 50  ? -0.224  16.422  16.202  1.00 48.04  ?  50  HIS B C   1 
ATOM   709  O O   . HIS B 1 50  ? 0.712   16.943  16.810  1.00 39.63  ?  50  HIS B O   1 
ATOM   710  C CB  . HIS B 1 50  ? -2.326  16.215  17.544  1.00 26.85  ?  50  HIS B CB  1 
ATOM   711  C CG  . HIS B 1 50  ? -2.495  14.741  17.333  1.00 27.47  ?  50  HIS B CG  1 
ATOM   712  N ND1 . HIS B 1 50  ? -1.490  13.832  17.589  1.00 42.46  ?  50  HIS B ND1 1 
ATOM   713  C CD2 . HIS B 1 50  ? -3.552  14.019  16.892  1.00 25.66  ?  50  HIS B CD2 1 
ATOM   714  C CE1 . HIS B 1 50  ? -1.923  12.612  17.317  1.00 24.47  ?  50  HIS B CE1 1 
ATOM   715  N NE2 . HIS B 1 50  ? -3.167  12.699  16.884  1.00 35.72  ?  50  HIS B NE2 1 
ATOM   716  N N   . ALA B 1 51  ? -0.057  15.402  15.367  1.00 28.50  ?  51  ALA B N   1 
ATOM   717  C CA  . ALA B 1 51  ? 1.249   14.777  15.192  1.00 27.86  ?  51  ALA B CA  1 
ATOM   718  C C   . ALA B 1 51  ? 2.153   15.613  14.299  1.00 24.50  ?  51  ALA B C   1 
ATOM   719  O O   . ALA B 1 51  ? 1.897   15.757  13.109  1.00 28.71  ?  51  ALA B O   1 
ATOM   720  C CB  . ALA B 1 51  ? 1.088   13.379  14.620  1.00 31.48  ?  51  ALA B CB  1 
ATOM   721  N N   . ARG B 1 52  ? 3.211   16.167  14.884  1.00 25.96  ?  52  ARG B N   1 
ATOM   722  C CA  . ARG B 1 52  ? 4.196   16.924  14.121  1.00 27.29  ?  52  ARG B CA  1 
ATOM   723  C C   . ARG B 1 52  ? 5.135   15.980  13.388  1.00 28.40  ?  52  ARG B C   1 
ATOM   724  O O   . ARG B 1 52  ? 5.197   14.791  13.698  1.00 25.82  ?  52  ARG B O   1 
ATOM   725  C CB  . ARG B 1 52  ? 4.998   17.850  15.038  1.00 32.39  ?  52  ARG B CB  1 
ATOM   726  C CG  . ARG B 1 52  ? 4.155   18.784  15.895  1.00 36.71  ?  52  ARG B CG  1 
ATOM   727  C CD  . ARG B 1 52  ? 5.046   19.614  16.812  1.00 44.10  ?  52  ARG B CD  1 
ATOM   728  N NE  . ARG B 1 52  ? 4.285   20.444  17.741  1.00 54.32  ?  52  ARG B NE  1 
ATOM   729  C CZ  . ARG B 1 52  ? 4.838   21.222  18.668  1.00 61.54  ?  52  ARG B CZ  1 
ATOM   730  N NH1 . ARG B 1 52  ? 6.160   21.278  18.787  1.00 52.88  1  52  ARG B NH1 1 
ATOM   731  N NH2 . ARG B 1 52  ? 4.072   21.943  19.475  1.00 61.77  ?  52  ARG B NH2 1 
ATOM   732  N N   . GLN B 1 53  ? 5.874   16.512  12.425  1.00 20.88  ?  53  GLN B N   1 
ATOM   733  C CA  . GLN B 1 53  ? 6.845   15.711  11.691  1.00 28.48  ?  53  GLN B CA  1 
ATOM   734  C C   . GLN B 1 53  ? 7.876   15.087  12.632  1.00 23.50  ?  53  GLN B C   1 
ATOM   735  O O   . GLN B 1 53  ? 8.275   13.938  12.456  1.00 20.50  ?  53  GLN B O   1 
ATOM   736  C CB  . GLN B 1 53  ? 7.547   16.564  10.633  1.00 24.51  ?  53  GLN B CB  1 
ATOM   737  C CG  . GLN B 1 53  ? 8.309   15.758  9.601   1.00 24.82  ?  53  GLN B CG  1 
ATOM   738  C CD  . GLN B 1 53  ? 9.101   16.634  8.655   1.00 27.48  ?  53  GLN B CD  1 
ATOM   739  O OE1 . GLN B 1 53  ? 10.044  17.317  9.064   1.00 28.88  ?  53  GLN B OE1 1 
ATOM   740  N NE2 . GLN B 1 53  ? 8.719   16.626  7.383   1.00 22.47  ?  53  GLN B NE2 1 
ATOM   741  N N   . ALA B 1 54  ? 8.303   15.853  13.634  1.00 24.01  ?  54  ALA B N   1 
ATOM   742  C CA  . ALA B 1 54  ? 9.256   15.362  14.618  1.00 23.90  ?  54  ALA B CA  1 
ATOM   743  C C   . ALA B 1 54  ? 8.655   14.234  15.452  1.00 22.78  ?  54  ALA B C   1 
ATOM   744  O O   . ALA B 1 54  ? 9.350   13.288  15.821  1.00 21.32  ?  54  ALA B O   1 
ATOM   745  C CB  . ALA B 1 54  ? 9.721   16.501  15.524  1.00 26.02  ?  54  ALA B CB  1 
ATOM   746  N N   . ASP B 1 55  ? 7.365   14.346  15.750  1.00 20.44  ?  55  ASP B N   1 
ATOM   747  C CA  . ASP B 1 55  ? 6.668   13.339  16.545  1.00 23.41  ?  55  ASP B CA  1 
ATOM   748  C C   . ASP B 1 55  ? 6.668   11.991  15.838  1.00 23.60  ?  55  ASP B C   1 
ATOM   749  O O   . ASP B 1 55  ? 7.014   10.974  16.427  1.00 18.91  ?  55  ASP B O   1 
ATOM   750  C CB  . ASP B 1 55  ? 5.224   13.768  16.832  1.00 25.21  ?  55  ASP B CB  1 
ATOM   751  C CG  . ASP B 1 55  ? 5.139   15.001  17.708  1.00 35.07  ?  55  ASP B CG  1 
ATOM   752  O OD1 . ASP B 1 55  ? 6.101   15.268  18.458  1.00 29.71  ?  55  ASP B OD1 1 
ATOM   753  O OD2 . ASP B 1 55  ? 4.103   15.702  17.648  1.00 32.02  -1 55  ASP B OD2 1 
ATOM   754  N N   . VAL B 1 56  ? 6.273   11.995  14.571  1.00 23.38  ?  56  VAL B N   1 
ATOM   755  C CA  . VAL B 1 56  ? 6.207   10.764  13.787  1.00 18.66  ?  56  VAL B CA  1 
ATOM   756  C C   . VAL B 1 56  ? 7.589   10.134  13.614  1.00 22.64  ?  56  VAL B C   1 
ATOM   757  O O   . VAL B 1 56  ? 7.737   8.920   13.729  1.00 20.55  ?  56  VAL B O   1 
ATOM   758  C CB  . VAL B 1 56  ? 5.571   11.027  12.418  1.00 26.60  ?  56  VAL B CB  1 
ATOM   759  C CG1 . VAL B 1 56  ? 5.424   9.733   11.632  1.00 30.27  ?  56  VAL B CG1 1 
ATOM   760  C CG2 . VAL B 1 56  ? 4.216   11.669  12.617  1.00 30.70  ?  56  VAL B CG2 1 
ATOM   761  N N   . ALA B 1 57  ? 8.605   10.956  13.368  1.00 19.96  ?  57  ALA B N   1 
ATOM   762  C CA  . ALA B 1 57  ? 9.972   10.451  13.263  1.00 18.45  ?  57  ALA B CA  1 
ATOM   763  C C   . ALA B 1 57  ? 10.394  9.722   14.537  1.00 20.32  ?  57  ALA B C   1 
ATOM   764  O O   . ALA B 1 57  ? 10.902  8.604   14.483  1.00 22.54  ?  57  ALA B O   1 
ATOM   765  C CB  . ALA B 1 57  ? 10.945  11.591  12.963  1.00 20.41  ?  57  ALA B CB  1 
ATOM   766  N N   . ALA B 1 58  ? 10.175  10.353  15.684  1.00 22.94  ?  58  ALA B N   1 
ATOM   767  C CA  . ALA B 1 58  ? 10.609  9.776   16.953  1.00 23.72  ?  58  ALA B CA  1 
ATOM   768  C C   . ALA B 1 58  ? 9.854   8.486   17.260  1.00 24.86  ?  58  ALA B C   1 
ATOM   769  O O   . ALA B 1 58  ? 10.418  7.554   17.825  1.00 23.30  ?  58  ALA B O   1 
ATOM   770  C CB  . ALA B 1 58  ? 10.428  10.782  18.087  1.00 25.81  ?  58  ALA B CB  1 
ATOM   771  N N   . LEU B 1 59  ? 8.580   8.431   16.877  1.00 22.67  ?  59  LEU B N   1 
ATOM   772  C CA  . LEU B 1 59  ? 7.772   7.233   17.105  1.00 19.95  ?  59  LEU B CA  1 
ATOM   773  C C   . LEU B 1 59  ? 8.147   6.098   16.148  1.00 25.82  ?  59  LEU B C   1 
ATOM   774  O O   . LEU B 1 59  ? 8.100   4.919   16.516  1.00 27.91  ?  59  LEU B O   1 
ATOM   775  C CB  . LEU B 1 59  ? 6.282   7.573   16.984  1.00 22.41  ?  59  LEU B CB  1 
ATOM   776  C CG  . LEU B 1 59  ? 5.747   8.387   18.164  1.00 27.64  ?  59  LEU B CG  1 
ATOM   777  C CD1 . LEU B 1 59  ? 4.415   9.059   17.840  1.00 25.32  ?  59  LEU B CD1 1 
ATOM   778  C CD2 . LEU B 1 59  ? 5.616   7.497   19.393  1.00 34.07  ?  59  LEU B CD2 1 
ATOM   779  N N   . MET B 1 60  ? 8.527   6.449   14.925  1.00 20.94  ?  60  MET B N   1 
ATOM   780  C CA  . MET B 1 60  ? 9.061   5.474   13.976  1.00 21.34  ?  60  MET B CA  1 
ATOM   781  C C   . MET B 1 60  ? 10.483  5.053   14.347  1.00 26.69  ?  60  MET B C   1 
ATOM   782  O O   . MET B 1 60  ? 10.992  4.055   13.848  1.00 30.14  ?  60  MET B O   1 
ATOM   783  C CB  . MET B 1 60  ? 9.069   6.038   12.552  1.00 24.46  ?  60  MET B CB  1 
ATOM   784  C CG  . MET B 1 60  ? 7.704   6.282   11.936  1.00 19.94  ?  60  MET B CG  1 
ATOM   785  S SD  . MET B 1 60  ? 7.882   7.010   10.294  1.00 23.71  ?  60  MET B SD  1 
ATOM   786  C CE  . MET B 1 60  ? 8.682   5.676   9.400   1.00 23.64  ?  60  MET B CE  1 
ATOM   787  N N   . GLY B 1 61  ? 11.141  5.832   15.195  1.00 22.61  ?  61  GLY B N   1 
ATOM   788  C CA  . GLY B 1 61  ? 12.511  5.520   15.576  1.00 22.97  ?  61  GLY B CA  1 
ATOM   789  C C   . GLY B 1 61  ? 13.522  5.851   14.490  1.00 29.23  ?  61  GLY B C   1 
ATOM   790  O O   . GLY B 1 61  ? 14.532  5.167   14.336  1.00 27.87  ?  61  GLY B O   1 
ATOM   791  N N   . VAL B 1 62  ? 13.248  6.901   13.723  1.00 23.33  ?  62  VAL B N   1 
ATOM   792  C CA  . VAL B 1 62  ? 14.174  7.344   12.686  1.00 18.78  ?  62  VAL B CA  1 
ATOM   793  C C   . VAL B 1 62  ? 14.433  8.835   12.844  1.00 21.98  ?  62  VAL B C   1 
ATOM   794  O O   . VAL B 1 62  ? 13.734  9.516   13.595  1.00 24.86  ?  62  VAL B O   1 
ATOM   795  C CB  . VAL B 1 62  ? 13.639  7.059   11.264  1.00 22.90  ?  62  VAL B CB  1 
ATOM   796  C CG1 . VAL B 1 62  ? 13.373  5.571   11.080  1.00 29.50  ?  62  VAL B CG1 1 
ATOM   797  C CG2 . VAL B 1 62  ? 12.379  7.861   10.994  1.00 22.55  ?  62  VAL B CG2 1 
ATOM   798  N N   . SER B 1 63  ? 15.438  9.343   12.142  1.00 23.99  ?  63  SER B N   1 
ATOM   799  C CA  . SER B 1 63  ? 15.725  10.773  12.172  1.00 26.34  ?  63  SER B CA  1 
ATOM   800  C C   . SER B 1 63  ? 14.610  11.536  11.483  1.00 27.53  ?  63  SER B C   1 
ATOM   801  O O   . SER B 1 63  ? 13.928  11.000  10.603  1.00 24.28  ?  63  SER B O   1 
ATOM   802  C CB  . SER B 1 63  ? 17.061  11.079  11.492  1.00 25.11  ?  63  SER B CB  1 
ATOM   803  O OG  . SER B 1 63  ? 16.966  10.836  10.101  1.00 26.45  ?  63  SER B OG  1 
ATOM   804  N N   . GLN B 1 64  ? 14.424  12.790  11.873  1.00 19.34  ?  64  GLN B N   1 
ATOM   805  C CA  . GLN B 1 64  ? 13.447  13.623  11.200  1.00 23.43  ?  64  GLN B CA  1 
ATOM   806  C C   . GLN B 1 64  ? 13.846  13.845  9.743   1.00 24.22  ?  64  GLN B C   1 
ATOM   807  O O   . GLN B 1 64  ? 12.984  14.018  8.884   1.00 21.74  ?  64  GLN B O   1 
ATOM   808  C CB  . GLN B 1 64  ? 13.278  14.964  11.916  1.00 22.90  ?  64  GLN B CB  1 
ATOM   809  C CG  . GLN B 1 64  ? 12.129  15.792  11.368  1.00 22.16  ?  64  GLN B CG  1 
ATOM   810  C CD  . GLN B 1 64  ? 11.802  16.982  12.236  1.00 23.57  ?  64  GLN B CD  1 
ATOM   811  O OE1 . GLN B 1 64  ? 12.289  17.096  13.361  1.00 27.71  ?  64  GLN B OE1 1 
ATOM   812  N NE2 . GLN B 1 64  ? 10.971  17.880  11.718  1.00 22.22  ?  64  GLN B NE2 1 
ATOM   813  N N   . ALA B 1 65  ? 15.152  13.835  9.468   1.00 23.26  ?  65  ALA B N   1 
ATOM   814  C CA  . ALA B 1 65  ? 15.638  13.971  8.097   1.00 26.21  ?  65  ALA B CA  1 
ATOM   815  C C   . ALA B 1 65  ? 15.089  12.831  7.229   1.00 22.79  ?  65  ALA B C   1 
ATOM   816  O O   . ALA B 1 65  ? 14.717  13.032  6.074   1.00 25.49  ?  65  ALA B O   1 
ATOM   817  C CB  . ALA B 1 65  ? 17.158  13.986  8.064   1.00 23.98  ?  65  ALA B CB  1 
ATOM   818  N N   . ARG B 1 66  ? 15.041  11.636  7.798   1.00 24.97  ?  66  ARG B N   1 
ATOM   819  C CA  . ARG B 1 66  ? 14.495  10.483  7.091   1.00 23.86  ?  66  ARG B CA  1 
ATOM   820  C C   . ARG B 1 66  ? 13.011  10.684  6.778   1.00 21.50  ?  66  ARG B C   1 
ATOM   821  O O   . ARG B 1 66  ? 12.563  10.401  5.670   1.00 25.92  ?  66  ARG B O   1 
ATOM   822  C CB  . ARG B 1 66  ? 14.703  9.210   7.911   1.00 25.08  ?  66  ARG B CB  1 
ATOM   823  C CG  . ARG B 1 66  ? 13.967  7.982   7.381   1.00 29.90  ?  66  ARG B CG  1 
ATOM   824  C CD  . ARG B 1 66  ? 14.507  7.520   6.033   1.00 44.90  ?  66  ARG B CD  1 
ATOM   825  N NE  . ARG B 1 66  ? 13.891  6.259   5.621   1.00 53.12  ?  66  ARG B NE  1 
ATOM   826  C CZ  . ARG B 1 66  ? 14.025  5.714   4.414   1.00 62.29  ?  66  ARG B CZ  1 
ATOM   827  N NH1 . ARG B 1 66  ? 14.757  6.312   3.482   1.00 52.25  1  66  ARG B NH1 1 
ATOM   828  N NH2 . ARG B 1 66  ? 13.422  4.565   4.140   1.00 64.92  ?  66  ARG B NH2 1 
ATOM   829  N N   . VAL B 1 67  ? 12.248  11.181  7.749   1.00 19.89  ?  67  VAL B N   1 
ATOM   830  C CA  . VAL B 1 67  ? 10.823  11.410  7.528   1.00 21.47  ?  67  VAL B CA  1 
ATOM   831  C C   . VAL B 1 67  ? 10.586  12.536  6.521   1.00 28.15  ?  67  VAL B C   1 
ATOM   832  O O   . VAL B 1 67  ? 9.678   12.454  5.692   1.00 21.24  ?  67  VAL B O   1 
ATOM   833  C CB  . VAL B 1 67  ? 10.091  11.723  8.847   1.00 27.17  ?  67  VAL B CB  1 
ATOM   834  C CG1 . VAL B 1 67  ? 8.689   12.260  8.583   1.00 24.61  ?  67  VAL B CG1 1 
ATOM   835  C CG2 . VAL B 1 67  ? 10.019  10.477  9.695   1.00 24.30  ?  67  VAL B CG2 1 
ATOM   836  N N   . SER B 1 68  ? 11.406  13.583  6.576   1.00 28.14  ?  68  SER B N   1 
ATOM   837  C CA  . SER B 1 68  ? 11.293  14.661  5.598   1.00 18.60  ?  68  SER B CA  1 
ATOM   838  C C   . SER B 1 68  ? 11.525  14.121  4.190   1.00 24.81  ?  68  SER B C   1 
ATOM   839  O O   . SER B 1 68  ? 10.825  14.491  3.246   1.00 34.23  ?  68  SER B O   1 
ATOM   840  C CB  . SER B 1 68  ? 12.285  15.789  5.903   1.00 26.42  ?  68  SER B CB  1 
ATOM   841  O OG  . SER B 1 68  ? 12.219  16.782  4.890   1.00 37.99  ?  68  SER B OG  1 
ATOM   842  N N   . LYS B 1 69  ? 12.498  13.223  4.067   1.00 24.86  ?  69  LYS B N   1 
ATOM   843  C CA  . LYS B 1 69  ? 12.806  12.569  2.799   1.00 24.52  ?  69  LYS B CA  1 
ATOM   844  C C   . LYS B 1 69  ? 11.613  11.748  2.299   1.00 27.24  ?  69  LYS B C   1 
ATOM   845  O O   . LYS B 1 69  ? 11.198  11.873  1.149   1.00 30.63  ?  69  LYS B O   1 
ATOM   846  C CB  . LYS B 1 69  ? 14.037  11.679  2.959   1.00 29.42  ?  69  LYS B CB  1 
ATOM   847  C CG  . LYS B 1 69  ? 14.386  10.837  1.741   1.00 42.53  ?  69  LYS B CG  1 
ATOM   848  C CD  . LYS B 1 69  ? 15.045  11.662  0.650   1.00 51.82  ?  69  LYS B CD  1 
ATOM   849  C CE  . LYS B 1 69  ? 15.726  10.762  -0.375  1.00 60.34  ?  69  LYS B CE  1 
ATOM   850  N NZ  . LYS B 1 69  ? 16.383  11.536  -1.462  1.00 69.38  1  69  LYS B NZ  1 
ATOM   851  N N   . LEU B 1 70  ? 11.065  10.920  3.180   1.00 26.52  ?  70  LEU B N   1 
ATOM   852  C CA  . LEU B 1 70  ? 9.885   10.119  2.862   1.00 29.04  ?  70  LEU B CA  1 
ATOM   853  C C   . LEU B 1 70  ? 8.702   10.978  2.415   1.00 37.40  ?  70  LEU B C   1 
ATOM   854  O O   . LEU B 1 70  ? 8.011   10.642  1.453   1.00 34.93  ?  70  LEU B O   1 
ATOM   855  C CB  . LEU B 1 70  ? 9.480   9.274   4.071   1.00 24.11  ?  70  LEU B CB  1 
ATOM   856  C CG  . LEU B 1 70  ? 10.504  8.228   4.513   1.00 29.26  ?  70  LEU B CG  1 
ATOM   857  C CD1 . LEU B 1 70  ? 10.075  7.579   5.820   1.00 31.54  ?  70  LEU B CD1 1 
ATOM   858  C CD2 . LEU B 1 70  ? 10.716  7.180   3.428   1.00 45.66  ?  70  LEU B CD2 1 
ATOM   859  N N   . GLU B 1 71  ? 8.471   12.089  3.105   1.00 27.38  ?  71  GLU B N   1 
ATOM   860  C CA  . GLU B 1 71  ? 7.309   12.922  2.803   1.00 25.93  ?  71  GLU B CA  1 
ATOM   861  C C   . GLU B 1 71  ? 7.481   13.745  1.519   1.00 32.91  ?  71  GLU B C   1 
ATOM   862  O O   . GLU B 1 71  ? 6.509   14.258  0.970   1.00 41.27  ?  71  GLU B O   1 
ATOM   863  C CB  . GLU B 1 71  ? 7.001   13.839  3.990   1.00 31.00  ?  71  GLU B CB  1 
ATOM   864  C CG  . GLU B 1 71  ? 6.514   13.083  5.223   1.00 25.08  ?  71  GLU B CG  1 
ATOM   865  C CD  . GLU B 1 71  ? 6.082   13.998  6.355   1.00 29.16  ?  71  GLU B CD  1 
ATOM   866  O OE1 . GLU B 1 71  ? 5.458   13.501  7.316   1.00 28.14  ?  71  GLU B OE1 1 
ATOM   867  O OE2 . GLU B 1 71  ? 6.366   15.214  6.288   1.00 27.64  -1 71  GLU B OE2 1 
ATOM   868  N N   . SER B 1 72  ? 8.713   13.855  1.032   1.00 43.41  ?  72  SER B N   1 
ATOM   869  C CA  . SER B 1 72  ? 8.974   14.601  -0.196  1.00 40.36  ?  72  SER B CA  1 
ATOM   870  C C   . SER B 1 72  ? 8.879   13.714  -1.439  1.00 49.06  ?  72  SER B C   1 
ATOM   871  O O   . SER B 1 72  ? 8.948   14.202  -2.569  1.00 50.62  ?  72  SER B O   1 
ATOM   872  C CB  . SER B 1 72  ? 10.354  15.257  -0.139  1.00 36.15  ?  72  SER B CB  1 
ATOM   873  O OG  . SER B 1 72  ? 11.378  14.289  -0.302  1.00 49.85  ?  72  SER B OG  1 
ATOM   874  N N   . GLY B 1 73  ? 8.723   12.412  -1.227  1.00 34.01  ?  73  GLY B N   1 
ATOM   875  C CA  . GLY B 1 73  ? 8.703   11.467  -2.328  1.00 44.79  ?  73  GLY B CA  1 
ATOM   876  C C   . GLY B 1 73  ? 7.313   11.183  -2.860  1.00 51.68  ?  73  GLY B C   1 
ATOM   877  O O   . GLY B 1 73  ? 6.318   11.671  -2.326  1.00 43.03  ?  73  GLY B O   1 
ATOM   878  N N   . ASP B 1 74  ? 7.251   10.394  -3.929  1.00 38.63  ?  74  ASP B N   1 
ATOM   879  C CA  . ASP B 1 74  ? 5.979   9.952   -4.486  1.00 35.64  ?  74  ASP B CA  1 
ATOM   880  C C   . ASP B 1 74  ? 5.397   8.839   -3.640  1.00 25.50  ?  74  ASP B C   1 
ATOM   881  O O   . ASP B 1 74  ? 6.104   7.910   -3.267  1.00 31.71  ?  74  ASP B O   1 
ATOM   882  C CB  . ASP B 1 74  ? 6.148   9.463   -5.925  1.00 35.04  ?  74  ASP B CB  1 
ATOM   883  C CG  . ASP B 1 74  ? 6.326   10.596  -6.911  1.00 65.87  ?  74  ASP B CG  1 
ATOM   884  O OD1 . ASP B 1 74  ? 6.237   11.772  -6.498  1.00 55.97  ?  74  ASP B OD1 1 
ATOM   885  O OD2 . ASP B 1 74  ? 6.550   10.306  -8.106  1.00 73.33  -1 74  ASP B OD2 1 
ATOM   886  N N   . LEU B 1 75  ? 4.108   8.936   -3.343  1.00 33.49  ?  75  LEU B N   1 
ATOM   887  C CA  . LEU B 1 75  ? 3.411   7.896   -2.602  1.00 34.31  ?  75  LEU B CA  1 
ATOM   888  C C   . LEU B 1 75  ? 3.546   6.544   -3.312  1.00 32.54  ?  75  LEU B C   1 
ATOM   889  O O   . LEU B 1 75  ? 3.693   5.505   -2.667  1.00 36.72  ?  75  LEU B O   1 
ATOM   890  C CB  . LEU B 1 75  ? 1.940   8.280   -2.429  1.00 38.39  ?  75  LEU B CB  1 
ATOM   891  C CG  . LEU B 1 75  ? 1.138   7.677   -1.278  1.00 33.49  ?  75  LEU B CG  1 
ATOM   892  C CD1 . LEU B 1 75  ? 1.936   7.678   0.024   1.00 31.67  ?  75  LEU B CD1 1 
ATOM   893  C CD2 . LEU B 1 75  ? -0.166  8.450   -1.106  1.00 34.05  ?  75  LEU B CD2 1 
ATOM   894  N N   . SER B 1 76  ? 3.536   6.564   -4.642  1.00 25.15  ?  76  SER B N   1 
ATOM   895  C CA  . SER B 1 76  ? 3.616   5.327   -5.420  1.00 23.09  ?  76  SER B CA  1 
ATOM   896  C C   . SER B 1 76  ? 4.964   4.615   -5.272  1.00 25.41  ?  76  SER B C   1 
ATOM   897  O O   . SER B 1 76  ? 5.047   3.405   -5.455  1.00 25.95  ?  76  SER B O   1 
ATOM   898  C CB  . SER B 1 76  ? 3.337   5.612   -6.901  1.00 29.90  ?  76  SER B CB  1 
ATOM   899  O OG  . SER B 1 76  ? 4.433   6.261   -7.515  1.00 32.98  ?  76  SER B OG  1 
ATOM   900  N N   . HIS B 1 77  ? 6.018   5.356   -4.935  1.00 24.42  ?  77  HIS B N   1 
ATOM   901  C CA  . HIS B 1 77  ? 7.340   4.744   -4.771  1.00 26.68  ?  77  HIS B CA  1 
ATOM   902  C C   . HIS B 1 77  ? 7.680   4.437   -3.311  1.00 27.80  ?  77  HIS B C   1 
ATOM   903  O O   . HIS B 1 77  ? 8.775   3.971   -3.003  1.00 28.68  ?  77  HIS B O   1 
ATOM   904  C CB  . HIS B 1 77  ? 8.415   5.646   -5.376  1.00 34.27  ?  77  HIS B CB  1 
ATOM   905  C CG  . HIS B 1 77  ? 8.350   5.729   -6.868  1.00 34.85  ?  77  HIS B CG  1 
ATOM   906  N ND1 . HIS B 1 77  ? 8.916   4.778   -7.688  1.00 48.86  ?  77  HIS B ND1 1 
ATOM   907  C CD2 . HIS B 1 77  ? 7.769   6.636   -7.686  1.00 36.31  ?  77  HIS B CD2 1 
ATOM   908  C CE1 . HIS B 1 77  ? 8.697   5.103   -8.951  1.00 40.52  ?  77  HIS B CE1 1 
ATOM   909  N NE2 . HIS B 1 77  ? 8.002   6.225   -8.976  1.00 39.67  ?  77  HIS B NE2 1 
ATOM   910  N N   . THR B 1 78  ? 6.730   4.694   -2.422  1.00 24.50  ?  78  THR B N   1 
ATOM   911  C CA  . THR B 1 78  ? 6.894   4.387   -1.004  1.00 25.95  ?  78  THR B CA  1 
ATOM   912  C C   . THR B 1 78  ? 6.734   2.888   -0.755  1.00 30.82  ?  78  THR B C   1 
ATOM   913  O O   . THR B 1 78  ? 5.821   2.258   -1.293  1.00 24.04  ?  78  THR B O   1 
ATOM   914  C CB  . THR B 1 78  ? 5.873   5.157   -0.150  1.00 28.28  ?  78  THR B CB  1 
ATOM   915  O OG1 . THR B 1 78  ? 5.982   6.560   -0.422  1.00 31.70  ?  78  THR B OG1 1 
ATOM   916  C CG2 . THR B 1 78  ? 6.108   4.903   1.340   1.00 26.49  ?  78  THR B CG2 1 
ATOM   917  N N   . GLU B 1 79  ? 7.618   2.313   0.056   1.00 21.17  ?  79  GLU B N   1 
ATOM   918  C CA  . GLU B 1 79  ? 7.529   0.892   0.369   1.00 24.11  ?  79  GLU B CA  1 
ATOM   919  C C   . GLU B 1 79  ? 6.417   0.618   1.375   1.00 20.56  ?  79  GLU B C   1 
ATOM   920  O O   . GLU B 1 79  ? 6.141   1.433   2.260   1.00 20.00  ?  79  GLU B O   1 
ATOM   921  C CB  . GLU B 1 79  ? 8.867   0.372   0.897   1.00 29.59  ?  79  GLU B CB  1 
ATOM   922  C CG  . GLU B 1 79  ? 9.962   0.404   -0.148  1.00 29.56  ?  79  GLU B CG  1 
ATOM   923  C CD  . GLU B 1 79  ? 11.275  -0.159  0.351   1.00 39.49  ?  79  GLU B CD  1 
ATOM   924  O OE1 . GLU B 1 79  ? 11.337  -0.590  1.523   1.00 34.94  ?  79  GLU B OE1 1 
ATOM   925  O OE2 . GLU B 1 79  ? 12.242  -0.172  -0.435  1.00 44.23  -1 79  GLU B OE2 1 
ATOM   926  N N   . LEU B 1 80  ? 5.776   -0.534  1.231   1.00 20.58  ?  80  LEU B N   1 
ATOM   927  C CA  . LEU B 1 80  ? 4.648   -0.894  2.083   1.00 22.29  ?  80  LEU B CA  1 
ATOM   928  C C   . LEU B 1 80  ? 5.020   -0.960  3.562   1.00 23.60  ?  80  LEU B C   1 
ATOM   929  O O   . LEU B 1 80  ? 4.241   -0.550  4.418   1.00 19.95  ?  80  LEU B O   1 
ATOM   930  C CB  . LEU B 1 80  ? 4.068   -2.236  1.648   1.00 20.54  ?  80  LEU B CB  1 
ATOM   931  C CG  . LEU B 1 80  ? 2.831   -2.670  2.428   1.00 34.34  ?  80  LEU B CG  1 
ATOM   932  C CD1 . LEU B 1 80  ? 1.697   -1.676  2.196   1.00 39.85  ?  80  LEU B CD1 1 
ATOM   933  C CD2 . LEU B 1 80  ? 2.419   -4.087  2.053   1.00 44.90  ?  80  LEU B CD2 1 
ATOM   934  N N   . GLY B 1 81  ? 6.199   -1.502  3.858   1.00 21.56  ?  81  GLY B N   1 
ATOM   935  C CA  . GLY B 1 81  ? 6.662   -1.583  5.231   1.00 21.51  ?  81  GLY B CA  1 
ATOM   936  C C   . GLY B 1 81  ? 6.827   -0.206  5.855   1.00 25.30  ?  81  GLY B C   1 
ATOM   937  O O   . GLY B 1 81  ? 6.531   0.001   7.035   1.00 22.40  ?  81  GLY B O   1 
ATOM   938  N N   . THR B 1 82  ? 7.307   0.737   5.054   1.00 20.32  ?  82  THR B N   1 
ATOM   939  C CA  . THR B 1 82  ? 7.506   2.109   5.504   1.00 21.41  ?  82  THR B CA  1 
ATOM   940  C C   . THR B 1 82  ? 6.166   2.795   5.759   1.00 21.50  ?  82  THR B C   1 
ATOM   941  O O   . THR B 1 82  ? 5.982   3.482   6.767   1.00 18.56  ?  82  THR B O   1 
ATOM   942  C CB  . THR B 1 82  ? 8.312   2.919   4.469   1.00 29.47  ?  82  THR B CB  1 
ATOM   943  O OG1 . THR B 1 82  ? 9.613   2.339   4.325   1.00 29.03  ?  82  THR B OG1 1 
ATOM   944  C CG2 . THR B 1 82  ? 8.452   4.365   4.908   1.00 29.42  ?  82  THR B CG2 1 
ATOM   945  N N   . LEU B 1 83  ? 5.221   2.589   4.847   1.00 18.15  ?  83  LEU B N   1 
ATOM   946  C CA  . LEU B 1 83  ? 3.878   3.132   5.010   1.00 17.49  ?  83  LEU B CA  1 
ATOM   947  C C   . LEU B 1 83  ? 3.229   2.570   6.272   1.00 17.12  ?  83  LEU B C   1 
ATOM   948  O O   . LEU B 1 83  ? 2.588   3.293   7.030   1.00 17.96  ?  83  LEU B O   1 
ATOM   949  C CB  . LEU B 1 83  ? 3.012   2.813   3.784   1.00 20.09  ?  83  LEU B CB  1 
ATOM   950  C CG  . LEU B 1 83  ? 1.552   3.257   3.906   1.00 24.02  ?  83  LEU B CG  1 
ATOM   951  C CD1 . LEU B 1 83  ? 1.455   4.774   3.998   1.00 24.63  ?  83  LEU B CD1 1 
ATOM   952  C CD2 . LEU B 1 83  ? 0.711   2.718   2.749   1.00 24.02  ?  83  LEU B CD2 1 
ATOM   953  N N   . GLN B 1 84  ? 3.399   1.271   6.492   1.00 18.12  ?  84  GLN B N   1 
ATOM   954  C CA  . GLN B 1 84  ? 2.838   0.632   7.676   1.00 20.14  ?  84  GLN B CA  1 
ATOM   955  C C   . GLN B 1 84  ? 3.367   1.259   8.961   1.00 21.28  ?  84  GLN B C   1 
ATOM   956  O O   . GLN B 1 84  ? 2.604   1.557   9.876   1.00 20.57  ?  84  GLN B O   1 
ATOM   957  C CB  . GLN B 1 84  ? 3.150   -0.865  7.675   1.00 22.19  ?  84  GLN B CB  1 
ATOM   958  C CG  . GLN B 1 84  ? 2.704   -1.579  8.941   1.00 32.19  ?  84  GLN B CG  1 
ATOM   959  C CD  . GLN B 1 84  ? 2.895   -3.080  8.852   1.00 54.88  ?  84  GLN B CD  1 
ATOM   960  O OE1 . GLN B 1 84  ? 3.066   -3.631  7.765   1.00 65.42  ?  84  GLN B OE1 1 
ATOM   961  N NE2 . GLN B 1 84  ? 2.867   -3.750  9.998   1.00 68.33  ?  84  GLN B NE2 1 
ATOM   962  N N   . ALA B 1 85  ? 4.682   1.445   9.019   1.00 20.02  ?  85  ALA B N   1 
ATOM   963  C CA  . ALA B 1 85  ? 5.336   2.011   10.196  1.00 23.41  ?  85  ALA B CA  1 
ATOM   964  C C   . ALA B 1 85  ? 4.902   3.453   10.443  1.00 19.68  ?  85  ALA B C   1 
ATOM   965  O O   . ALA B 1 85  ? 4.714   3.879   11.589  1.00 18.29  ?  85  ALA B O   1 
ATOM   966  C CB  . ALA B 1 85  ? 6.847   1.935   10.039  1.00 24.01  ?  85  ALA B CB  1 
ATOM   967  N N   . TYR B 1 86  ? 4.757   4.199   9.354   1.00 19.03  ?  86  TYR B N   1 
ATOM   968  C CA  . TYR B 1 86  ? 4.338   5.597   9.395   1.00 17.56  ?  86  TYR B CA  1 
ATOM   969  C C   . TYR B 1 86  ? 2.929   5.732   9.953   1.00 20.96  ?  86  TYR B C   1 
ATOM   970  O O   . TYR B 1 86  ? 2.668   6.544   10.842  1.00 17.96  ?  86  TYR B O   1 
ATOM   971  C CB  . TYR B 1 86  ? 4.424   6.189   7.984   1.00 18.98  ?  86  TYR B CB  1 
ATOM   972  C CG  . TYR B 1 86  ? 4.186   7.676   7.848   1.00 18.97  ?  86  TYR B CG  1 
ATOM   973  C CD1 . TYR B 1 86  ? 2.928   8.173   7.532   1.00 22.03  ?  86  TYR B CD1 1 
ATOM   974  C CD2 . TYR B 1 86  ? 5.234   8.580   7.973   1.00 21.83  ?  86  TYR B CD2 1 
ATOM   975  C CE1 . TYR B 1 86  ? 2.714   9.536   7.377   1.00 21.44  ?  86  TYR B CE1 1 
ATOM   976  C CE2 . TYR B 1 86  ? 5.031   9.938   7.821   1.00 26.07  ?  86  TYR B CE2 1 
ATOM   977  C CZ  . TYR B 1 86  ? 3.773   10.410  7.522   1.00 24.75  ?  86  TYR B CZ  1 
ATOM   978  O OH  . TYR B 1 86  ? 3.580   11.761  7.366   1.00 23.36  ?  86  TYR B OH  1 
ATOM   979  N N   . VAL B 1 87  ? 2.011   4.924   9.430   1.00 18.33  ?  87  VAL B N   1 
ATOM   980  C CA  . VAL B 1 87  ? 0.644   4.949   9.916   1.00 16.48  ?  87  VAL B CA  1 
ATOM   981  C C   . VAL B 1 87  ? 0.574   4.442   11.359  1.00 17.71  ?  87  VAL B C   1 
ATOM   982  O O   . VAL B 1 87  ? -0.200  4.964   12.161  1.00 17.90  ?  87  VAL B O   1 
ATOM   983  C CB  . VAL B 1 87  ? -0.284  4.122   8.991   1.00 24.07  ?  87  VAL B CB  1 
ATOM   984  C CG1 . VAL B 1 87  ? -1.651  3.934   9.611   1.00 23.00  ?  87  VAL B CG1 1 
ATOM   985  C CG2 . VAL B 1 87  ? -0.399  4.812   7.626   1.00 19.12  ?  87  VAL B CG2 1 
ATOM   986  N N   . ALA B 1 88  ? 1.395   3.450   11.704  1.00 17.15  ?  88  ALA B N   1 
ATOM   987  C CA  . ALA B 1 88  ? 1.408   2.931   13.078  1.00 18.20  ?  88  ALA B CA  1 
ATOM   988  C C   . ALA B 1 88  ? 1.896   3.985   14.074  1.00 21.88  ?  88  ALA B C   1 
ATOM   989  O O   . ALA B 1 88  ? 1.362   4.118   15.176  1.00 18.72  ?  88  ALA B O   1 
ATOM   990  C CB  . ALA B 1 88  ? 2.269   1.681   13.170  1.00 20.74  ?  88  ALA B CB  1 
ATOM   991  N N   . ALA B 1 89  ? 2.919   4.734   13.682  1.00 20.52  ?  89  ALA B N   1 
ATOM   992  C CA  . ALA B 1 89  ? 3.415   5.835   14.501  1.00 24.45  ?  89  ALA B CA  1 
ATOM   993  C C   . ALA B 1 89  ? 2.334   6.894   14.736  1.00 23.50  ?  89  ALA B C   1 
ATOM   994  O O   . ALA B 1 89  ? 2.322   7.560   15.769  1.00 24.13  ?  89  ALA B O   1 
ATOM   995  C CB  . ALA B 1 89  ? 4.637   6.460   13.846  1.00 20.08  ?  89  ALA B CB  1 
ATOM   996  N N   . LEU B 1 90  ? 1.422   7.039   13.779  1.00 20.93  ?  90  LEU B N   1 
ATOM   997  C CA  . LEU B 1 90  ? 0.327   8.004   13.892  1.00 18.66  ?  90  LEU B CA  1 
ATOM   998  C C   . LEU B 1 90  ? -0.852  7.468   14.708  1.00 26.42  ?  90  LEU B C   1 
ATOM   999  O O   . LEU B 1 90  ? -1.843  8.170   14.925  1.00 22.46  ?  90  LEU B O   1 
ATOM   1000 C CB  . LEU B 1 90  ? -0.157  8.412   12.497  1.00 16.36  ?  90  LEU B CB  1 
ATOM   1001 C CG  . LEU B 1 90  ? 0.790   9.307   11.690  1.00 20.77  ?  90  LEU B CG  1 
ATOM   1002 C CD1 . LEU B 1 90  ? 0.302   9.460   10.252  1.00 21.05  ?  90  LEU B CD1 1 
ATOM   1003 C CD2 . LEU B 1 90  ? 0.878   10.660  12.352  1.00 27.28  ?  90  LEU B CD2 1 
ATOM   1004 N N   . GLY B 1 91  ? -0.756  6.216   15.139  1.00 21.53  ?  91  GLY B N   1 
ATOM   1005 C CA  . GLY B 1 91  ? -1.778  5.639   16.000  1.00 23.20  ?  91  GLY B CA  1 
ATOM   1006 C C   . GLY B 1 91  ? -2.857  4.909   15.227  1.00 21.31  ?  91  GLY B C   1 
ATOM   1007 O O   . GLY B 1 91  ? -3.904  4.565   15.776  1.00 22.03  ?  91  GLY B O   1 
ATOM   1008 N N   . GLY B 1 92  ? -2.604  4.660   13.946  1.00 20.92  ?  92  GLY B N   1 
ATOM   1009 C CA  . GLY B 1 92  ? -3.590  3.991   13.113  1.00 19.77  ?  92  GLY B CA  1 
ATOM   1010 C C   . GLY B 1 92  ? -3.124  2.640   12.599  1.00 23.18  ?  92  GLY B C   1 
ATOM   1011 O O   . GLY B 1 92  ? -2.084  2.131   13.004  1.00 18.86  ?  92  GLY B O   1 
ATOM   1012 N N   . HIS B 1 93  ? -3.910  2.052   11.708  1.00 21.87  ?  93  HIS B N   1 
ATOM   1013 C CA  . HIS B 1 93  ? -3.499  0.824   11.047  1.00 27.51  ?  93  HIS B CA  1 
ATOM   1014 C C   . HIS B 1 93  ? -3.901  0.865   9.581   1.00 25.27  ?  93  HIS B C   1 
ATOM   1015 O O   . HIS B 1 93  ? -4.809  1.600   9.192   1.00 25.17  ?  93  HIS B O   1 
ATOM   1016 C CB  . HIS B 1 93  ? -4.101  -0.401  11.737  1.00 34.59  ?  93  HIS B CB  1 
ATOM   1017 C CG  . HIS B 1 93  ? -5.592  -0.481  11.642  1.00 37.34  ?  93  HIS B CG  1 
ATOM   1018 N ND1 . HIS B 1 93  ? -6.431  0.193   12.504  1.00 54.14  ?  93  HIS B ND1 1 
ATOM   1019 C CD2 . HIS B 1 93  ? -6.397  -1.163  10.791  1.00 46.62  ?  93  HIS B CD2 1 
ATOM   1020 C CE1 . HIS B 1 93  ? -7.687  -0.067  12.187  1.00 58.21  ?  93  HIS B CE1 1 
ATOM   1021 N NE2 . HIS B 1 93  ? -7.694  -0.887  11.149  1.00 50.99  ?  93  HIS B NE2 1 
ATOM   1022 N N   . LEU B 1 94  ? -3.200  0.087   8.768   1.00 26.39  ?  94  LEU B N   1 
ATOM   1023 C CA  . LEU B 1 94  ? -3.488  0.010   7.341   1.00 31.78  ?  94  LEU B CA  1 
ATOM   1024 C C   . LEU B 1 94  ? -4.587  -0.992  7.035   1.00 37.53  ?  94  LEU B C   1 
ATOM   1025 O O   . LEU B 1 94  ? -4.570  -2.113  7.540   1.00 45.62  ?  94  LEU B O   1 
ATOM   1026 C CB  . LEU B 1 94  ? -2.237  -0.384  6.557   1.00 40.38  ?  94  LEU B CB  1 
ATOM   1027 C CG  . LEU B 1 94  ? -1.233  0.680   6.133   1.00 29.61  ?  94  LEU B CG  1 
ATOM   1028 C CD1 . LEU B 1 94  ? -0.121  0.021   5.328   1.00 33.11  ?  94  LEU B CD1 1 
ATOM   1029 C CD2 . LEU B 1 94  ? -1.916  1.767   5.315   1.00 26.54  ?  94  LEU B CD2 1 
ATOM   1030 N N   . ARG B 1 95  ? -5.542  -0.584  6.209   1.00 29.75  ?  95  ARG B N   1 
ATOM   1031 C CA  . ARG B 1 95  ? -6.407  -1.542  5.541   1.00 32.73  ?  95  ARG B CA  1 
ATOM   1032 C C   . ARG B 1 95  ? -6.057  -1.533  4.059   1.00 45.58  ?  95  ARG B C   1 
ATOM   1033 O O   . ARG B 1 95  ? -6.170  -0.503  3.389   1.00 33.51  ?  95  ARG B O   1 
ATOM   1034 C CB  . ARG B 1 95  ? -7.889  -1.225  5.760   1.00 39.68  ?  95  ARG B CB  1 
ATOM   1035 C CG  . ARG B 1 95  ? -8.588  -2.248  6.651   1.00 57.62  ?  95  ARG B CG  1 
ATOM   1036 C CD  . ARG B 1 95  ? -10.078 -1.979  6.809   1.00 66.26  ?  95  ARG B CD  1 
ATOM   1037 N NE  . ARG B 1 95  ? -10.881 -2.559  5.736   1.00 70.72  ?  95  ARG B NE  1 
ATOM   1038 C CZ  . ARG B 1 95  ? -11.507 -1.850  4.800   1.00 76.65  ?  95  ARG B CZ  1 
ATOM   1039 N NH1 . ARG B 1 95  ? -11.425 -0.526  4.801   1.00 69.19  1  95  ARG B NH1 1 
ATOM   1040 N NH2 . ARG B 1 95  ? -12.221 -2.468  3.869   1.00 71.83  ?  95  ARG B NH2 1 
ATOM   1041 N N   . ILE B 1 96  ? -5.597  -2.680  3.566   1.00 31.51  ?  96  ILE B N   1 
ATOM   1042 C CA  . ILE B 1 96  ? -5.236  -2.827  2.163   1.00 30.96  ?  96  ILE B CA  1 
ATOM   1043 C C   . ILE B 1 96  ? -6.274  -3.683  1.466   1.00 39.72  ?  96  ILE B C   1 
ATOM   1044 O O   . ILE B 1 96  ? -6.409  -4.874  1.747   1.00 36.94  ?  96  ILE B O   1 
ATOM   1045 C CB  . ILE B 1 96  ? -3.847  -3.456  1.993   1.00 31.82  ?  96  ILE B CB  1 
ATOM   1046 C CG1 . ILE B 1 96  ? -2.793  -2.602  2.701   1.00 29.21  ?  96  ILE B CG1 1 
ATOM   1047 C CG2 . ILE B 1 96  ? -3.511  -3.603  0.515   1.00 36.25  ?  96  ILE B CG2 1 
ATOM   1048 C CD1 . ILE B 1 96  ? -1.458  -3.279  2.817   1.00 37.27  ?  96  ILE B CD1 1 
ATOM   1049 N N   . VAL B 1 97  ? -7.010  -3.059  0.559   1.00 31.00  ?  97  VAL B N   1 
ATOM   1050 C CA  . VAL B 1 97  ? -8.158  -3.688  -0.060  1.00 40.44  ?  97  VAL B CA  1 
ATOM   1051 C C   . VAL B 1 97  ? -7.993  -3.733  -1.569  1.00 35.96  ?  97  VAL B C   1 
ATOM   1052 O O   . VAL B 1 97  ? -7.447  -2.814  -2.177  1.00 33.52  ?  97  VAL B O   1 
ATOM   1053 C CB  . VAL B 1 97  ? -9.455  -2.940  0.330   1.00 37.85  ?  97  VAL B CB  1 
ATOM   1054 C CG1 . VAL B 1 97  ? -10.542 -3.105  -0.715  1.00 43.35  ?  97  VAL B CG1 1 
ATOM   1055 C CG2 . VAL B 1 97  ? -9.931  -3.408  1.697   1.00 53.71  ?  97  VAL B CG2 1 
ATOM   1056 N N   . ALA B 1 98  ? -8.432  -4.830  -2.168  1.00 38.97  ?  98  ALA B N   1 
ATOM   1057 C CA  . ALA B 1 98  ? -8.497  -4.914  -3.611  1.00 36.44  ?  98  ALA B CA  1 
ATOM   1058 C C   . ALA B 1 98  ? -9.935  -5.189  -4.038  1.00 45.58  ?  98  ALA B C   1 
ATOM   1059 O O   . ALA B 1 98  ? -10.534 -6.197  -3.652  1.00 40.28  ?  98  ALA B O   1 
ATOM   1060 C CB  . ALA B 1 98  ? -7.561  -5.980  -4.115  1.00 37.21  ?  98  ALA B CB  1 
ATOM   1061 N N   . GLU B 1 99  ? -10.497 -4.266  -4.807  1.00 31.60  ?  99  GLU B N   1 
ATOM   1062 C CA  . GLU B 1 99  ? -11.859 -4.405  -5.294  1.00 32.56  ?  99  GLU B CA  1 
ATOM   1063 C C   . GLU B 1 99  ? -11.892 -5.201  -6.590  1.00 43.73  ?  99  GLU B C   1 
ATOM   1064 O O   . GLU B 1 99  ? -11.221 -4.855  -7.563  1.00 33.08  ?  99  GLU B O   1 
ATOM   1065 C CB  . GLU B 1 99  ? -12.494 -3.037  -5.515  1.00 35.36  ?  99  GLU B CB  1 
ATOM   1066 C CG  . GLU B 1 99  ? -12.550 -2.178  -4.274  1.00 47.98  ?  99  GLU B CG  1 
ATOM   1067 C CD  . GLU B 1 99  ? -13.289 -0.884  -4.512  1.00 49.72  ?  99  GLU B CD  1 
ATOM   1068 O OE1 . GLU B 1 99  ? -13.169 -0.335  -5.628  1.00 46.15  ?  99  GLU B OE1 1 
ATOM   1069 O OE2 . GLU B 1 99  ? -13.979 -0.413  -3.583  1.00 57.81  -1 99  GLU B OE2 1 
ATOM   1070 N N   . PHE B 1 100 ? -12.680 -6.266  -6.593  1.00 37.10  ?  100 PHE B N   1 
ATOM   1071 C CA  . PHE B 1 100 ? -12.856 -7.083  -7.781  1.00 38.51  ?  100 PHE B CA  1 
ATOM   1072 C C   . PHE B 1 100 ? -14.337 -7.180  -8.098  1.00 38.47  ?  100 PHE B C   1 
ATOM   1073 O O   . PHE B 1 100 ? -15.083 -7.883  -7.419  1.00 42.79  ?  100 PHE B O   1 
ATOM   1074 C CB  . PHE B 1 100 ? -12.233 -8.462  -7.575  1.00 37.47  ?  100 PHE B CB  1 
ATOM   1075 C CG  . PHE B 1 100 ? -10.746 -8.420  -7.389  1.00 45.11  ?  100 PHE B CG  1 
ATOM   1076 C CD1 . PHE B 1 100 ? -9.897  -8.376  -8.488  1.00 49.59  ?  100 PHE B CD1 1 
ATOM   1077 C CD2 . PHE B 1 100 ? -10.194 -8.390  -6.121  1.00 50.53  ?  100 PHE B CD2 1 
ATOM   1078 C CE1 . PHE B 1 100 ? -8.522  -8.325  -8.324  1.00 37.28  ?  100 PHE B CE1 1 
ATOM   1079 C CE2 . PHE B 1 100 ? -8.824  -8.342  -5.951  1.00 57.74  ?  100 PHE B CE2 1 
ATOM   1080 C CZ  . PHE B 1 100 ? -7.984  -8.300  -7.052  1.00 48.13  ?  100 PHE B CZ  1 
ATOM   1081 N N   . GLY B 1 101 ? -14.760 -6.449  -9.123  1.00 35.03  ?  101 GLY B N   1 
ATOM   1082 C CA  . GLY B 1 101 ? -16.169 -6.333  -9.435  1.00 39.01  ?  101 GLY B CA  1 
ATOM   1083 C C   . GLY B 1 101 ? -16.862 -5.566  -8.327  1.00 51.92  ?  101 GLY B C   1 
ATOM   1084 O O   . GLY B 1 101 ? -16.496 -4.429  -8.025  1.00 50.87  ?  101 GLY B O   1 
ATOM   1085 N N   . GLU B 1 102 ? -17.852 -6.191  -7.705  1.00 49.13  ?  102 GLU B N   1 
ATOM   1086 C CA  . GLU B 1 102 ? -18.547 -5.557  -6.597  1.00 55.30  ?  102 GLU B CA  1 
ATOM   1087 C C   . GLU B 1 102 ? -18.144 -6.212  -5.278  1.00 54.99  ?  102 GLU B C   1 
ATOM   1088 O O   . GLU B 1 102 ? -18.723 -5.931  -4.230  1.00 58.13  ?  102 GLU B O   1 
ATOM   1089 C CB  . GLU B 1 102 ? -20.062 -5.622  -6.808  1.00 55.98  ?  102 GLU B CB  1 
ATOM   1090 C CG  . GLU B 1 102 ? -20.793 -4.303  -6.547  1.00 64.91  ?  102 GLU B CG  1 
ATOM   1091 C CD  . GLU B 1 102 ? -20.407 -3.193  -7.520  1.00 74.58  ?  102 GLU B CD  1 
ATOM   1092 O OE1 . GLU B 1 102 ? -19.684 -3.465  -8.502  1.00 83.01  ?  102 GLU B OE1 1 
ATOM   1093 O OE2 . GLU B 1 102 ? -20.830 -2.037  -7.300  1.00 82.62  -1 102 GLU B OE2 1 
ATOM   1094 N N   . ASN B 1 103 ? -17.143 -7.086  -5.347  1.00 56.10  ?  103 ASN B N   1 
ATOM   1095 C CA  . ASN B 1 103 ? -16.562 -7.712  -4.165  1.00 58.22  ?  103 ASN B CA  1 
ATOM   1096 C C   . ASN B 1 103 ? -15.276 -6.992  -3.764  1.00 57.30  ?  103 ASN B C   1 
ATOM   1097 O O   . ASN B 1 103 ? -14.712 -6.232  -4.550  1.00 62.85  ?  103 ASN B O   1 
ATOM   1098 C CB  . ASN B 1 103 ? -16.266 -9.190  -4.426  1.00 61.16  ?  103 ASN B CB  1 
ATOM   1099 C CG  . ASN B 1 103 ? -17.345 -9.865  -5.250  1.00 75.55  ?  103 ASN B CG  1 
ATOM   1100 O OD1 . ASN B 1 103 ? -18.455 -10.098 -4.771  1.00 73.62  ?  103 ASN B OD1 1 
ATOM   1101 N ND2 . ASN B 1 103 ? -17.025 -10.171 -6.505  1.00 67.88  ?  103 ASN B ND2 1 
ATOM   1102 N N   . THR B 1 104 ? -14.812 -7.232  -2.539  1.00 50.49  ?  104 THR B N   1 
ATOM   1103 C CA  . THR B 1 104 ? -13.528 -6.664  -2.062  1.00 55.44  ?  104 THR B CA  1 
ATOM   1104 C C   . THR B 1 104 ? -12.785 -7.753  -1.295  1.00 53.72  ?  104 THR B C   1 
ATOM   1105 O O   . THR B 1 104 ? -13.420 -8.386  -0.453  1.00 61.43  ?  104 THR B O   1 
ATOM   1106 C CB  . THR B 1 104 ? -13.728 -5.475  -1.120  1.00 56.54  ?  104 THR B CB  1 
ATOM   1107 O OG1 . THR B 1 104 ? -14.035 -5.990  0.172   1.00 67.12  ?  104 THR B OG1 1 
ATOM   1108 C CG2 . THR B 1 104 ? -14.800 -4.498  -1.546  1.00 50.72  ?  104 THR B CG2 1 
ATOM   1109 N N   . VAL B 1 105 ? -11.499 -7.923  -1.553  1.00 49.69  ?  105 VAL B N   1 
ATOM   1110 C CA  . VAL B 1 105 ? -10.659 -8.918  -0.829  1.00 56.72  ?  105 VAL B CA  1 
ATOM   1111 C C   . VAL B 1 105 ? -9.681  -8.137  0.059   1.00 57.20  ?  105 VAL B C   1 
ATOM   1112 O O   . VAL B 1 105 ? -9.133  -7.162  -0.410  1.00 46.98  ?  105 VAL B O   1 
ATOM   1113 C CB  . VAL B 1 105 ? -9.911  -9.803  -1.840  1.00 57.96  ?  105 VAL B CB  1 
ATOM   1114 C CG1 . VAL B 1 105 ? -8.540  -10.217 -1.350  1.00 63.96  ?  105 VAL B CG1 1 
ATOM   1115 C CG2 . VAL B 1 105 ? -10.721 -11.009 -2.261  1.00 64.42  ?  105 VAL B CG2 1 
ATOM   1116 N N   . GLU B 1 106 ? -9.456  -8.569  1.291   1.00 57.33  ?  106 GLU B N   1 
ATOM   1117 C CA  . GLU B 1 106 ? -8.532  -7.825  2.176   1.00 61.66  ?  106 GLU B CA  1 
ATOM   1118 C C   . GLU B 1 106 ? -7.178  -8.527  2.188   1.00 66.61  ?  106 GLU B C   1 
ATOM   1119 O O   . GLU B 1 106 ? -7.162  -9.721  2.407   1.00 72.49  ?  106 GLU B O   1 
ATOM   1120 C CB  . GLU B 1 106 ? -9.109  -7.774  3.585   1.00 68.83  ?  106 GLU B CB  1 
ATOM   1121 C CG  . GLU B 1 106 ? -8.146  -7.193  4.587   1.00 70.25  ?  106 GLU B CG  1 
ATOM   1122 C CD  . GLU B 1 106 ? -8.784  -6.324  5.649   1.00 72.84  ?  106 GLU B CD  1 
ATOM   1123 O OE1 . GLU B 1 106 ? -8.144  -6.093  6.659   1.00 75.95  ?  106 GLU B OE1 1 
ATOM   1124 O OE2 . GLU B 1 106 ? -9.905  -5.875  5.442   1.00 76.72  -1 106 GLU B OE2 1 
ATOM   1125 N N   . LEU B 1 107 ? -6.095  -7.798  1.937   1.00 55.84  ?  107 LEU B N   1 
ATOM   1126 C CA  . LEU B 1 107 ? -4.750  -8.421  1.918   1.00 66.51  ?  107 LEU B CA  1 
ATOM   1127 C C   . LEU B 1 107 ? -4.200  -8.395  3.342   1.00 71.69  ?  107 LEU B C   1 
ATOM   1128 O O   . LEU B 1 107 ? -4.217  -7.327  3.951   1.00 62.02  ?  107 LEU B O   1 
ATOM   1129 C CB  . LEU B 1 107 ? -3.849  -7.712  0.901   1.00 30.00  ?  107 LEU B CB  1 
ATOM   1130 C CG  . LEU B 1 107 ? -4.549  -6.883  -0.186  1.00 30.00  ?  107 LEU B CG  1 
ATOM   1131 C CD1 . LEU B 1 107 ? -3.611  -6.545  -1.334  1.00 30.00  ?  107 LEU B CD1 1 
ATOM   1132 C CD2 . LEU B 1 107 ? -5.783  -7.560  -0.752  1.00 30.00  ?  107 LEU B CD2 1 
ATOM   1133 N N   . THR B 1 108 ? -3.757  -9.544  3.849   1.00 77.37  ?  108 THR B N   1 
ATOM   1134 C CA  . THR B 1 108 ? -3.308  -9.644  5.264   1.00 85.23  ?  108 THR B CA  1 
ATOM   1135 C C   . THR B 1 108 ? -1.791  -9.518  5.420   1.00 90.25  ?  108 THR B C   1 
ATOM   1136 O O   . THR B 1 108 ? -1.329  -9.485  6.584   1.00 88.33  ?  108 THR B O   1 
ATOM   1137 C CB  . THR B 1 108 ? -3.731  -10.975 5.885   1.00 30.00  ?  108 THR B CB  1 
ATOM   1138 O OG1 . THR B 1 108 ? -3.794  -10.703 7.284   1.00 30.00  ?  108 THR B OG1 1 
ATOM   1139 C CG2 . THR B 1 108 ? -2.741  -12.086 5.608   1.00 30.00  ?  108 THR B CG2 1 
ATOM   1140 N N   . ALA B 1 109 ? -1.057  -9.454  4.309   1.00 83.31  ?  109 ALA B N   1 
ATOM   1141 C CA  . ALA B 1 109 ? 0.415   -9.338  4.364   1.00 81.78  ?  109 ALA B CA  1 
ATOM   1142 C C   . ALA B 1 109 ? 0.801   -7.940  4.864   1.00 80.36  ?  109 ALA B C   1 
ATOM   1143 O O   . ALA B 1 109 ? 1.383   -7.862  5.951   1.00 69.21  ?  109 ALA B O   1 
ATOM   1144 C CB  . ALA B 1 109 ? 0.983   -9.617  3.001   1.00 70.92  ?  109 ALA B CB  1 
HETATM 1145 C C1  . GOL C 2 .   ? 9.736   -2.659  -7.694  1.00 60.24  ?  201 GOL A C1  1 
HETATM 1146 O O1  . GOL C 2 .   ? 9.938   -1.265  -7.655  1.00 76.40  ?  201 GOL A O1  1 
HETATM 1147 C C2  . GOL C 2 .   ? 9.717   -3.182  -6.277  1.00 39.83  ?  201 GOL A C2  1 
HETATM 1148 O O2  . GOL C 2 .   ? 8.550   -2.705  -5.655  1.00 33.82  ?  201 GOL A O2  1 
HETATM 1149 C C3  . GOL C 2 .   ? 9.696   -4.693  -6.230  1.00 56.42  ?  201 GOL A C3  1 
HETATM 1150 O O3  . GOL C 2 .   ? 8.946   -5.110  -5.110  1.00 58.62  ?  201 GOL A O3  1 
HETATM 1151 C C1  . GOL D 2 .   ? 1.085   -19.865 -11.905 1.00 29.91  ?  202 GOL A C1  1 
HETATM 1152 O O1  . GOL D 2 .   ? 2.454   -20.029 -12.182 1.00 59.02  ?  202 GOL A O1  1 
HETATM 1153 C C2  . GOL D 2 .   ? 0.703   -20.861 -10.839 1.00 39.43  ?  202 GOL A C2  1 
HETATM 1154 O O2  . GOL D 2 .   ? 1.313   -20.438 -9.644  1.00 48.90  ?  202 GOL A O2  1 
HETATM 1155 C C3  . GOL D 2 .   ? -0.793  -20.915 -10.616 1.00 50.13  ?  202 GOL A C3  1 
HETATM 1156 O O3  . GOL D 2 .   ? -1.152  -22.243 -10.303 1.00 69.70  ?  202 GOL A O3  1 
HETATM 1157 N N1  . EPE E 3 .   ? 5.321   19.747  11.438  1.00 55.98  ?  201 EPE B N1  1 
HETATM 1158 C C2  . EPE E 3 .   ? 4.034   20.185  11.384  1.00 60.85  ?  201 EPE B C2  1 
HETATM 1159 C C3  . EPE E 3 .   ? 3.414   20.073  9.990   1.00 47.15  ?  201 EPE B C3  1 
HETATM 1160 N N4  . EPE E 3 .   ? 4.125   20.709  9.020   1.00 58.07  ?  201 EPE B N4  1 
HETATM 1161 C C5  . EPE E 3 .   ? 5.420   20.976  9.330   1.00 59.54  ?  201 EPE B C5  1 
HETATM 1162 C C6  . EPE E 3 .   ? 6.049   19.990  10.310  1.00 65.74  ?  201 EPE B C6  1 
HETATM 1163 C C7  . EPE E 3 .   ? 4.081   20.017  7.935   1.00 54.15  ?  201 EPE B C7  1 
HETATM 1164 C C8  . EPE E 3 .   ? 4.780   20.712  6.763   1.00 70.68  ?  201 EPE B C8  1 
HETATM 1165 O O8  . EPE E 3 .   ? 5.482   20.067  5.999   1.00 60.74  ?  201 EPE B O8  1 
HETATM 1166 C C9  . EPE E 3 .   ? 5.903   20.254  12.483  1.00 60.29  ?  201 EPE B C9  1 
HETATM 1167 C C10 . EPE E 3 .   ? 7.445   20.220  12.409  1.00 46.39  ?  201 EPE B C10 1 
HETATM 1168 S S   . EPE E 3 .   ? 8.370   20.055  13.823  1.00 61.26  ?  201 EPE B S   1 
HETATM 1169 O O1S . EPE E 3 .   ? 9.861   20.086  13.534  1.00 43.47  ?  201 EPE B O1S 1 
HETATM 1170 O O2S . EPE E 3 .   ? 7.495   21.042  14.577  1.00 76.19  ?  201 EPE B O2S 1 
HETATM 1171 O O3S . EPE E 3 .   ? 7.998   18.617  13.513  1.00 38.44  ?  201 EPE B O3S 1 
HETATM 1172 C C1  . PEG F 4 .   ? 18.517  7.760   12.688  1.00 38.84  ?  202 PEG B C1  1 
HETATM 1173 O O1  . PEG F 4 .   ? 19.088  7.097   13.827  1.00 38.38  ?  202 PEG B O1  1 
HETATM 1174 C C2  . PEG F 4 .   ? 17.635  6.800   11.904  1.00 36.08  ?  202 PEG B C2  1 
HETATM 1175 O O2  . PEG F 4 .   ? 17.392  7.412   10.628  1.00 34.90  ?  202 PEG B O2  1 
HETATM 1176 C C3  . PEG F 4 .   ? 18.308  6.996   9.641   1.00 52.60  ?  202 PEG B C3  1 
HETATM 1177 C C4  . PEG F 4 .   ? 18.817  7.910   8.745   1.00 39.90  ?  202 PEG B C4  1 
HETATM 1178 O O4  . PEG F 4 .   ? 18.425  9.237   8.813   1.00 38.13  ?  202 PEG B O4  1 
HETATM 1179 C C1  . PEG G 4 .   ? 11.692  3.561   7.729   1.00 45.59  ?  203 PEG B C1  1 
HETATM 1180 O O1  . PEG G 4 .   ? 11.685  3.356   6.306   1.00 54.71  ?  203 PEG B O1  1 
HETATM 1181 C C2  . PEG G 4 .   ? 10.891  2.441   8.386   1.00 44.97  ?  203 PEG B C2  1 
HETATM 1182 O O2  . PEG G 4 .   ? 11.216  2.430   9.788   1.00 64.21  ?  203 PEG B O2  1 
HETATM 1183 C C3  . PEG G 4 .   ? 10.294  1.741   10.612  1.00 51.20  ?  203 PEG B C3  1 
HETATM 1184 C C4  . PEG G 4 .   ? 9.872   2.332   11.792  1.00 46.65  ?  203 PEG B C4  1 
HETATM 1185 O O4  . PEG G 4 .   ? 8.967   1.709   12.648  1.00 60.53  ?  203 PEG B O4  1 
HETATM 1186 O O   . HOH H 5 .   ? 3.092   -20.923 -14.313 1.00 48.13  ?  301 HOH A O   1 
HETATM 1187 O O   . HOH H 5 .   ? -10.406 5.506   -3.677  1.00 58.21  ?  302 HOH A O   1 
HETATM 1188 O O   . HOH H 5 .   ? -7.007  4.083   -1.934  1.00 28.19  ?  303 HOH A O   1 
HETATM 1189 O O   . HOH H 5 .   ? -4.780  -20.249 -17.120 1.00 27.67  ?  304 HOH A O   1 
HETATM 1190 O O   . HOH H 5 .   ? -0.667  -3.655  -14.330 1.00 30.51  ?  305 HOH A O   1 
HETATM 1191 O O   . HOH H 5 .   ? -5.141  -18.107 -11.418 1.00 29.97  ?  306 HOH A O   1 
HETATM 1192 O O   . HOH H 5 .   ? -6.125  -10.463 -15.914 1.00 53.36  ?  307 HOH A O   1 
HETATM 1193 O O   . HOH H 5 .   ? 1.397   1.354   -10.693 1.00 31.01  ?  308 HOH A O   1 
HETATM 1194 O O   . HOH H 5 .   ? -13.171 -0.833  8.611   1.00 65.29  ?  309 HOH A O   1 
HETATM 1195 O O   . HOH H 5 .   ? -12.315 -22.868 -12.815 1.00 59.16  ?  310 HOH A O   1 
HETATM 1196 O O   . HOH H 5 .   ? -8.707  -15.163 -15.579 1.00 26.38  ?  311 HOH A O   1 
HETATM 1197 O O   . HOH H 5 .   ? -1.490  -4.551  -18.820 1.00 27.74  ?  312 HOH A O   1 
HETATM 1198 O O   . HOH H 5 .   ? -8.779  10.024  14.681  1.00 29.79  ?  313 HOH A O   1 
HETATM 1199 O O   . HOH H 5 .   ? -6.537  -14.740 -11.979 1.00 24.61  ?  314 HOH A O   1 
HETATM 1200 O O   . HOH H 5 .   ? 11.726  3.832   -7.112  1.00 62.86  ?  315 HOH A O   1 
HETATM 1201 O O   . HOH H 5 .   ? -3.983  -22.680 -16.265 1.00 34.09  ?  316 HOH A O   1 
HETATM 1202 O O   . HOH H 5 .   ? 7.205   -10.749 -18.690 1.00 47.90  ?  317 HOH A O   1 
HETATM 1203 O O   . HOH H 5 .   ? 1.998   -2.738  -17.761 1.00 38.05  ?  318 HOH A O   1 
HETATM 1204 O O   . HOH H 5 .   ? 2.336   8.771   -6.022  1.00 36.21  ?  319 HOH A O   1 
HETATM 1205 O O   . HOH H 5 .   ? -7.119  3.730   -4.828  1.00 38.91  ?  320 HOH A O   1 
HETATM 1206 O O   . HOH H 5 .   ? -4.920  -1.518  -8.826  1.00 28.70  ?  321 HOH A O   1 
HETATM 1207 O O   . HOH H 5 .   ? -5.410  1.726   -7.406  1.00 43.58  ?  322 HOH A O   1 
HETATM 1208 O O   . HOH H 5 .   ? -1.478  -0.112  -13.289 1.00 38.04  ?  323 HOH A O   1 
HETATM 1209 O O   . HOH H 5 .   ? -10.942 13.276  9.258   1.00 46.44  ?  324 HOH A O   1 
HETATM 1210 O O   . HOH H 5 .   ? -1.839  -14.034 -21.077 1.00 26.02  ?  325 HOH A O   1 
HETATM 1211 O O   . HOH H 5 .   ? -0.970  -11.724 -20.222 1.00 25.32  ?  326 HOH A O   1 
HETATM 1212 O O   . HOH H 5 .   ? -3.504  5.971   -8.799  1.00 57.21  ?  327 HOH A O   1 
HETATM 1213 O O   . HOH H 5 .   ? -7.309  -12.184 -13.462 1.00 37.87  ?  328 HOH A O   1 
HETATM 1214 O O   . HOH H 5 .   ? -14.697 12.922  13.119  1.00 55.07  ?  329 HOH A O   1 
HETATM 1215 O O   . HOH H 5 .   ? 3.017   -19.118 -15.859 1.00 29.37  ?  330 HOH A O   1 
HETATM 1216 O O   . HOH H 5 .   ? -4.931  5.051   -6.276  1.00 53.92  ?  331 HOH A O   1 
HETATM 1217 O O   . HOH H 5 .   ? -6.639  -0.126  -10.873 1.00 45.54  ?  332 HOH A O   1 
HETATM 1218 O O   . HOH H 5 .   ? -10.983 -19.439 -10.561 1.00 55.57  ?  333 HOH A O   1 
HETATM 1219 O O   . HOH H 5 .   ? 11.475  -6.744  -13.229 1.00 50.16  ?  334 HOH A O   1 
HETATM 1220 O O   . HOH H 5 .   ? 3.038   -12.541 3.005   1.00 87.36  ?  335 HOH A O   1 
HETATM 1221 O O   . HOH H 5 .   ? -5.746  -21.761 -13.822 1.00 58.06  ?  336 HOH A O   1 
HETATM 1222 O O   . HOH H 5 .   ? 1.462   -2.182  -14.987 1.00 48.17  ?  337 HOH A O   1 
HETATM 1223 O O   . HOH H 5 .   ? -4.918  -20.633 -11.805 1.00 54.15  ?  338 HOH A O   1 
HETATM 1224 O O   . HOH I 5 .   ? -18.179 -3.185  -10.230 1.00 58.50  ?  301 HOH B O   1 
HETATM 1225 O O   . HOH I 5 .   ? -11.897 -3.209  -9.327  1.00 49.41  ?  302 HOH B O   1 
HETATM 1226 O O   . HOH I 5 .   ? -0.665  16.293  12.078  1.00 33.43  ?  303 HOH B O   1 
HETATM 1227 O O   . HOH I 5 .   ? 0.265   2.282   16.589  1.00 23.99  ?  304 HOH B O   1 
HETATM 1228 O O   . HOH I 5 .   ? -15.678 -3.908  -5.103  1.00 55.11  ?  305 HOH B O   1 
HETATM 1229 O O   . HOH I 5 .   ? 6.437   17.261  4.659   1.00 39.13  ?  306 HOH B O   1 
HETATM 1230 O O   . HOH I 5 .   ? 6.976   3.534   18.440  1.00 43.53  ?  307 HOH B O   1 
HETATM 1231 O O   . HOH I 5 .   ? 4.297   11.469  -0.662  1.00 35.66  ?  308 HOH B O   1 
HETATM 1232 O O   . HOH I 5 .   ? 13.396  15.763  15.356  1.00 25.60  ?  309 HOH B O   1 
HETATM 1233 O O   . HOH I 5 .   ? -4.235  16.182  4.808   1.00 32.40  ?  310 HOH B O   1 
HETATM 1234 O O   . HOH I 5 .   ? -9.044  15.097  9.429   1.00 33.92  ?  311 HOH B O   1 
HETATM 1235 O O   . HOH I 5 .   ? 10.142  -0.637  3.926   1.00 36.86  ?  312 HOH B O   1 
HETATM 1236 O O   . HOH I 5 .   ? 5.974   2.720   13.658  1.00 23.53  ?  313 HOH B O   1 
HETATM 1237 O O   . HOH I 5 .   ? 7.690   13.738  20.024  1.00 33.89  ?  314 HOH B O   1 
HETATM 1238 O O   . HOH I 5 .   ? 6.611   -1.890  8.982   1.00 35.19  ?  315 HOH B O   1 
HETATM 1239 O O   . HOH I 5 .   ? 9.485   16.855  3.017   1.00 41.61  ?  316 HOH B O   1 
HETATM 1240 O O   . HOH I 5 .   ? 11.926  0.846   -2.947  1.00 53.37  ?  317 HOH B O   1 
HETATM 1241 O O   . HOH I 5 .   ? 13.767  16.247  2.695   1.00 40.90  ?  318 HOH B O   1 
HETATM 1242 O O   . HOH I 5 .   ? -9.979  15.068  1.174   1.00 44.76  ?  319 HOH B O   1 
HETATM 1243 O O   . HOH I 5 .   ? -4.283  2.217   17.170  1.00 44.02  ?  320 HOH B O   1 
HETATM 1244 O O   . HOH I 5 .   ? -5.308  15.977  2.188   1.00 46.71  ?  321 HOH B O   1 
HETATM 1245 O O   . HOH I 5 .   ? 12.197  13.568  15.765  1.00 26.64  ?  322 HOH B O   1 
HETATM 1246 O O   . HOH I 5 .   ? -1.312  -1.750  9.899   1.00 41.84  ?  323 HOH B O   1 
HETATM 1247 O O   . HOH I 5 .   ? 1.526   19.582  17.607  1.00 40.91  ?  324 HOH B O   1 
HETATM 1248 O O   . HOH I 5 .   ? 8.102   17.335  18.534  1.00 44.02  ?  325 HOH B O   1 
HETATM 1249 O O   . HOH I 5 .   ? -5.454  -5.051  5.204   1.00 45.52  ?  326 HOH B O   1 
HETATM 1250 O O   . HOH I 5 .   ? 9.774   3.856   1.199   1.00 32.56  ?  327 HOH B O   1 
HETATM 1251 O O   . HOH I 5 .   ? -1.695  0.825   15.565  1.00 44.92  ?  328 HOH B O   1 
HETATM 1252 O O   . HOH I 5 .   ? 13.589  11.186  15.976  1.00 26.34  ?  329 HOH B O   1 
HETATM 1253 O O   . HOH I 5 .   ? -0.025  0.351   10.243  1.00 30.93  ?  330 HOH B O   1 
HETATM 1254 O O   . HOH I 5 .   ? 9.725   18.601  5.389   1.00 41.57  ?  331 HOH B O   1 
HETATM 1255 O O   . HOH I 5 .   ? 7.038   23.405  20.722  1.00 60.69  ?  332 HOH B O   1 
HETATM 1256 O O   . HOH I 5 .   ? 8.302   19.757  17.321  1.00 51.05  ?  333 HOH B O   1 
HETATM 1257 O O   . HOH I 5 .   ? -0.668  -0.551  13.081  1.00 41.81  ?  334 HOH B O   1 
HETATM 1258 O O   . HOH I 5 .   ? -12.149 -6.885  2.521   1.00 78.26  ?  335 HOH B O   1 
HETATM 1259 O O   . HOH I 5 .   ? -14.999 11.153  9.385   1.00 63.85  ?  336 HOH B O   1 
HETATM 1260 O O   . HOH I 5 .   ? -14.338 8.306   8.783   1.00 59.95  ?  337 HOH B O   1 
HETATM 1261 O O   . HOH I 5 .   ? 1.813   19.788  13.667  1.00 57.88  ?  338 HOH B O   1 
HETATM 1262 O O   . HOH I 5 .   ? 13.220  19.449  2.580   1.00 46.54  ?  339 HOH B O   1 
HETATM 1263 O O   . HOH I 5 .   ? -0.687  22.080  5.451   1.00 57.58  ?  340 HOH B O   1 
HETATM 1264 O O   . HOH I 5 .   ? 12.269  6.154   -5.651  1.00 58.52  ?  341 HOH B O   1 
HETATM 1265 O O   . HOH I 5 .   ? -2.953  18.360  4.477   1.00 49.77  ?  342 HOH B O   1 
HETATM 1266 O O   . HOH I 5 .   ? -3.430  20.474  6.018   1.00 54.68  ?  343 HOH B O   1 
# 
